data_8THH
#
_entry.id   8THH
#
_cell.length_a   1.00
_cell.length_b   1.00
_cell.length_c   1.00
_cell.angle_alpha   90.00
_cell.angle_beta   90.00
_cell.angle_gamma   90.00
#
_symmetry.space_group_name_H-M   'P 1'
#
loop_
_entity.id
_entity.type
_entity.pdbx_description
1 polymer 'Sodium channel protein type 9 subunit alpha'
2 polymer 'Sodium channel subunit beta-1'
3 polymer 'Sodium channel subunit beta-2'
4 branched 2-acetamido-2-deoxy-beta-D-glucopyranose-(1-4)-2-acetamido-2-deoxy-beta-D-glucopyranose
5 non-polymer 2-acetamido-2-deoxy-beta-D-glucopyranose
6 non-polymer (6M)-6-(2,3-dichlorophenyl)-1,2,4-triazine-3,5-diamine
7 non-polymer 'CHOLESTEROL HEMISUCCINATE'
8 non-polymer 1-O-OCTADECYL-SN-GLYCERO-3-PHOSPHOCHOLINE
9 non-polymer 1,2-DIOLEOYL-SN-GLYCERO-3-PHOSPHOCHOLINE
10 non-polymer O-[(R)-{[(2R)-2,3-bis(octadecanoyloxy)propyl]oxy}(hydroxy)phosphoryl]-L-serine
11 water water
#
loop_
_entity_poly.entity_id
_entity_poly.type
_entity_poly.pdbx_seq_one_letter_code
_entity_poly.pdbx_strand_id
1 'polypeptide(L)'
;MAMLPPPGPQSFVHFTKQSLALIEQRIAERKSKEPKEEKKDDDEEAPKPSSDLEAGKQLPFIYGDIPPGMVSEPLEDLDP
YYADKKTFIVLNKGKTIFRFNATPALYMLSPFSPLRRISIKILVHSLFSMLIMCTILTNCIFMTMNNPPDWTKNVEYTFT
GIYTFESLVKILARGFCVGEFTFLRDPWNWLDFVVIVFAYLTEFVNLGNVSALRTFRVLRALKTISVIPGLKTIVGALIQ
SVKKLSDVMILTVFCLSVFALIGLQLFMGNLKHKCFRNSLENNETLESIMNTLESEEDFRKYFYYLEGSKDALLCGFSTD
SGQCPEGYTCVKIGRNPDYGYTSFDTFSWAFLALFRLMTQDYWENLYQQTLRAAGKTYMIFFVVVIFLGSFYLINLILAV
VAMAYEEQNQANIEEAKQKELEFQQMLDRLKKEQEEAEAIAAAAAEYTSIRRSRIMGLSESSSETSKLSSKSAKERRNRR
KKKNQKKLSSGEEKGDAEKLSKSESEDSIRRKSFHLGVEGHRRAHEKRLSTPNQSPLSIRGSLFSARRSSRTSLFSFKGR
GRDIGSETEFADDEHSIFGDNESRRGSLFVPHRPQERRSSNISQASRSPPMLPVNGKMHSAVDCNGVVSLVDGRSALMLP
NGQLLPEVIIDKATSDDSGTTNQIHKKRRCSSYLLSEDMLNDPNLRQRAMSRASILTNTVEELEESRQKCPPWWYRFAHK
FLIWNCSPYWIKFKKCIYFIVMDPFVDLAITICIVLNTLFMAMEHHPMTEEFKNVLAIGNLVFTGIFAAEMVLKLIAMDP
YEYFQVGWNIFDSLIVTLSLVELFLADVEGLSVLRSFRLLRVFKLAKSWPTLNMLIKIIGNSVGALGNLTLVLAIIVFIF
AVVGMQLFGKSYKECVCKINDDCTLPRWHMNDFFHSFLIVFRVLCGEWIETMWDCMEVAGQAMCLIVYMMVMVIGNLVVL
NLFLALLLSSFSSDNLTAIEEDPDANNLQIAVTRIKKGINYVKQTLREFILKAFSKKPKISREIRQAEDLNTKKENYISN
HTLAEMSKGHNFLKEKDKISGFGSSVDKHLMEDSDGQSFIHNPSLTVTVPIAPGESDLENMNAEELSSDSDSEYSKVRLN
RSSSSECSTVDNPLPGEGEEAEAEPMNSDEPEACFTDGCVWRFSCCQVNIESGKGKIWWNIRKTCYKIVEHSWFESFIVL
MILLSSGALAFEDIYIERKKTIKIILEYADKIFTYIFILEMLLKWIAYGYKTYFTNAWCWLDFLIVDVSLVTLVANTLGY
SDLGPIKSLRTLRALRPLRALSRFEGMRVVVNALIGAIPSIMNVLLVCLIFWLIFSIMGVNLFAGKFYECINTTDGSRFP
ASQVPNRSECFALMNVSQNVRWKNLKVNFDNVGLGYLSLLQVATFKGWTIIMYAAVDSVNVDKQPKYEYSLYMYIYFVVF
IIFGSFFTLNLFIGVIIDNFNQQKKKLGGQDIFMTEEQKKYYNAMKKLGSKKPQKPIPRPGNKIQGCIFDLVTNQAFDIS
IMVLICLNMVTMMVEKEGQSQHMTEVLYWINVVFIILFTGECVLKLISLRHYYFTVGWNIFDFVVVIISIVGMFLADLIE
TYFVSPTLFRVIRLARIGRILRLVKGAKGIRTLLFALMMSLPALFNIGLLLFLVMFIYAIFGMSNFAYVKKEDGINDMFN
FETFGNSMICLFQITTSAGWDGLLAPILNSKPPDCDPKKVHPGSSVEGDCGNPSVGIFYFVSYIIISFLVVVNMYIAVIL
ENFSVATEESTEPLSEDDFEMFYEVWEKFDPDATQFIEFSKLSDFAAALDPPLLIAKPNKVQLIAMDLPMVSGDRIHCLD
ILFAFTKRVLGESGEMDSLRSQMEERFMSANPSKVSYEPITTTLKRKQEDVSATVIQRAYRRYRLRQNVKNISSIYIKDG
DRDDDLLNKKDMAFDNVNENSSPEKTDATSSTTSPPSYDSVTKPDKEKYEQDRTEKEDKGKDSKESKK
;
A
2 'polypeptide(L)'
;MGRLLALVVGAALVSSACGGCVEVDSETEAVYGMTFKILCISCKRRSETNAETFTEWTFRQKGTEEFVKILRYENEVLQL
EEDERFEGRVVWNGSRGTKDLQDLSIFITNVTYNHSGDYECHVYRLLFFENYEHNTSVVKKIHIEVVDKANRDMASIVSE
IMMYVLIVVLTIWLVAEMIYCYKKIAAATETAAQENASEYLAITSESKENCTGVQVAE
;
B
3 'polypeptide(L)'
;MHRDAWLPRPAFSLTGLSLFFSLVPPGRSMEVTVPATLNVLNGSDARLPCTFNSCYTVNHKQFSLNWTYQECNNCSEEMF
LQFRMKIINLKLERFQDRVEFSGNPSKYDVSVMLRNVQPEDEGIYNCYIMNPPDRHRGHGKIHLQVLMEEPPERDSTVAV
IVGASVGGFLAVVILVLMVVKCVRRKKEQKLSTDDLKTEEEGKTDGEGNPDDGAK
;
C
#
loop_
_chem_comp.id
_chem_comp.type
_chem_comp.name
_chem_comp.formula
IYJ non-polymer (6M)-6-(2,3-dichlorophenyl)-1,2,4-triazine-3,5-diamine 'C9 H7 Cl2 N5'
LPE non-polymer 1-O-OCTADECYL-SN-GLYCERO-3-PHOSPHOCHOLINE 'C26 H57 N O6 P 1'
NAG D-saccharide, beta linking 2-acetamido-2-deoxy-beta-D-glucopyranose 'C8 H15 N O6'
P5S non-polymer O-[(R)-{[(2R)-2,3-bis(octadecanoyloxy)propyl]oxy}(hydroxy)phosphoryl]-L-serine 'C42 H82 N O10 P'
PCW non-polymer 1,2-DIOLEOYL-SN-GLYCERO-3-PHOSPHOCHOLINE 'C44 H85 N O8 P 1'
Y01 non-polymer 'CHOLESTEROL HEMISUCCINATE' 'C31 H50 O4'
#
# COMPACT_ATOMS: atom_id res chain seq x y z
N GLY A 8 -19.45 29.19 50.64
CA GLY A 8 -18.87 29.84 51.82
C GLY A 8 -17.70 29.06 52.41
N PRO A 9 -16.66 29.79 52.82
CA PRO A 9 -15.47 29.13 53.37
C PRO A 9 -15.68 28.46 54.71
N GLN A 10 -16.81 28.71 55.38
CA GLN A 10 -17.09 28.06 56.66
C GLN A 10 -17.60 26.63 56.50
N SER A 11 -17.85 26.19 55.27
CA SER A 11 -18.30 24.82 55.03
C SER A 11 -17.18 23.80 55.16
N PHE A 12 -15.96 24.23 55.47
CA PHE A 12 -14.83 23.33 55.59
C PHE A 12 -14.76 22.72 56.98
N VAL A 13 -15.82 22.01 57.38
CA VAL A 13 -15.86 21.44 58.73
C VAL A 13 -15.32 20.03 58.71
N HIS A 14 -14.70 19.61 59.82
CA HIS A 14 -14.14 18.28 59.92
C HIS A 14 -15.23 17.22 60.04
N PHE A 15 -14.94 16.03 59.53
CA PHE A 15 -15.85 14.89 59.66
C PHE A 15 -15.66 14.28 61.05
N THR A 16 -16.69 14.39 61.89
CA THR A 16 -16.56 14.05 63.31
C THR A 16 -17.74 13.19 63.75
N LYS A 17 -17.77 12.92 65.07
CA LYS A 17 -18.79 12.05 65.64
C LYS A 17 -20.17 12.68 65.56
N GLN A 18 -20.26 14.01 65.76
CA GLN A 18 -21.53 14.68 65.57
C GLN A 18 -22.00 14.59 64.13
N SER A 19 -21.05 14.66 63.17
CA SER A 19 -21.41 14.47 61.77
C SER A 19 -21.94 13.06 61.53
N LEU A 20 -21.31 12.05 62.14
CA LEU A 20 -21.79 10.68 62.00
C LEU A 20 -23.19 10.52 62.59
N ALA A 21 -23.44 11.15 63.74
CA ALA A 21 -24.76 11.08 64.35
C ALA A 21 -25.82 11.76 63.48
N LEU A 22 -25.45 12.91 62.87
CA LEU A 22 -26.37 13.57 61.95
C LEU A 22 -26.67 12.68 60.74
N ILE A 23 -25.65 12.01 60.20
CA ILE A 23 -25.89 11.11 59.08
C ILE A 23 -26.76 9.94 59.51
N GLU A 24 -26.59 9.47 60.75
CA GLU A 24 -27.44 8.39 61.26
C GLU A 24 -28.89 8.83 61.36
N GLN A 25 -29.14 10.04 61.88
CA GLN A 25 -30.53 10.50 61.95
C GLN A 25 -31.11 10.74 60.56
N ARG A 26 -30.28 11.21 59.62
CA ARG A 26 -30.75 11.38 58.26
C ARG A 26 -31.07 10.04 57.59
N ILE A 27 -30.27 9.00 57.85
CA ILE A 27 -30.56 7.69 57.28
C ILE A 27 -31.81 7.10 57.94
N ALA A 28 -32.05 7.40 59.21
CA ALA A 28 -33.31 6.99 59.84
C ALA A 28 -34.50 7.67 59.18
N GLU A 29 -34.38 8.96 58.90
CA GLU A 29 -35.45 9.66 58.16
C GLU A 29 -35.61 9.10 56.76
N ARG A 30 -34.51 8.72 56.10
CA ARG A 30 -34.58 8.12 54.78
C ARG A 30 -35.32 6.79 54.84
N LYS A 31 -35.05 5.98 55.87
CA LYS A 31 -35.79 4.73 56.05
C LYS A 31 -37.27 5.00 56.28
N SER A 32 -37.58 6.05 57.05
CA SER A 32 -38.98 6.43 57.24
C SER A 32 -39.61 6.89 55.93
N LYS A 33 -38.82 7.47 55.03
CA LYS A 33 -39.32 7.97 53.75
C LYS A 33 -39.87 6.87 52.84
N GLU A 34 -39.53 5.61 53.11
CA GLU A 34 -40.00 4.50 52.28
C GLU A 34 -41.53 4.43 52.24
N PRO A 47 -33.21 13.50 42.34
CA PRO A 47 -32.08 14.44 42.44
C PRO A 47 -30.84 13.95 41.70
N LYS A 48 -29.77 14.74 41.74
CA LYS A 48 -28.53 14.40 41.04
C LYS A 48 -27.35 15.03 41.75
N PRO A 49 -26.27 14.27 41.96
CA PRO A 49 -25.08 14.86 42.59
C PRO A 49 -24.47 15.96 41.72
N SER A 50 -23.84 16.91 42.40
CA SER A 50 -23.27 18.06 41.71
C SER A 50 -22.11 17.63 40.81
N SER A 51 -22.14 18.09 39.56
CA SER A 51 -21.07 17.79 38.62
C SER A 51 -19.81 18.61 38.90
N ASP A 52 -19.98 19.88 39.28
CA ASP A 52 -18.83 20.73 39.57
C ASP A 52 -18.11 20.33 40.85
N LEU A 53 -18.68 19.43 41.64
CA LEU A 53 -18.06 18.97 42.92
C LEU A 53 -17.57 17.54 42.78
N GLU A 54 -17.74 16.90 41.61
CA GLU A 54 -17.41 15.50 41.44
C GLU A 54 -15.92 15.26 41.67
N ALA A 55 -15.59 14.06 42.15
CA ALA A 55 -14.22 13.73 42.48
C ALA A 55 -13.32 13.81 41.25
N GLY A 56 -12.06 14.18 41.48
CA GLY A 56 -11.10 14.33 40.40
C GLY A 56 -11.05 15.69 39.76
N LYS A 57 -11.87 16.63 40.21
CA LYS A 57 -11.90 17.99 39.67
C LYS A 57 -11.45 18.98 40.73
N GLN A 58 -11.40 20.24 40.34
CA GLN A 58 -11.02 21.31 41.25
C GLN A 58 -12.27 21.92 41.89
N LEU A 59 -12.08 22.47 43.08
CA LEU A 59 -13.20 23.05 43.81
C LEU A 59 -13.73 24.28 43.08
N PRO A 60 -15.04 24.54 43.19
CA PRO A 60 -15.58 25.80 42.68
C PRO A 60 -14.91 26.98 43.37
N PHE A 61 -14.72 28.06 42.61
CA PHE A 61 -13.97 29.21 43.10
C PHE A 61 -14.67 29.93 44.24
N ILE A 62 -15.96 29.65 44.48
CA ILE A 62 -16.68 30.27 45.58
C ILE A 62 -16.10 29.87 46.93
N TYR A 63 -15.46 28.71 47.03
CA TYR A 63 -14.92 28.21 48.28
C TYR A 63 -13.58 28.83 48.65
N GLY A 64 -12.97 29.58 47.73
CA GLY A 64 -11.75 30.30 48.07
C GLY A 64 -10.60 29.37 48.41
N ASP A 65 -9.82 29.76 49.42
CA ASP A 65 -8.60 29.07 49.79
C ASP A 65 -8.85 28.12 50.96
N ILE A 66 -8.04 27.07 51.02
CA ILE A 66 -8.15 26.08 52.10
C ILE A 66 -7.45 26.62 53.35
N PRO A 67 -8.12 26.68 54.49
CA PRO A 67 -7.42 27.04 55.73
C PRO A 67 -6.36 26.00 56.05
N PRO A 68 -5.31 26.39 56.77
CA PRO A 68 -4.17 25.46 56.96
C PRO A 68 -4.54 24.17 57.67
N GLY A 69 -5.50 24.20 58.58
CA GLY A 69 -5.77 23.07 59.44
C GLY A 69 -6.64 21.97 58.87
N MET A 70 -7.15 22.10 57.65
CA MET A 70 -8.09 21.14 57.09
C MET A 70 -7.63 20.49 55.80
N VAL A 71 -6.34 20.58 55.47
CA VAL A 71 -5.84 19.88 54.29
C VAL A 71 -5.58 18.42 54.63
N SER A 72 -6.03 17.53 53.75
CA SER A 72 -5.81 16.10 53.87
C SER A 72 -6.39 15.52 55.16
N GLU A 73 -7.47 16.07 55.60
CA GLU A 73 -8.23 15.66 56.72
C GLU A 73 -9.68 15.39 56.32
N PRO A 74 -10.37 14.44 57.00
CA PRO A 74 -11.78 14.16 56.74
C PRO A 74 -12.67 15.39 56.93
N LEU A 75 -13.33 15.83 55.86
CA LEU A 75 -14.24 16.96 55.88
C LEU A 75 -15.67 16.51 55.61
N GLU A 76 -16.62 17.37 56.00
CA GLU A 76 -18.00 17.14 55.65
C GLU A 76 -18.14 17.09 54.14
N ASP A 77 -19.01 16.19 53.68
CA ASP A 77 -19.27 16.11 52.26
C ASP A 77 -19.79 17.46 51.78
N LEU A 78 -18.99 18.15 50.97
CA LEU A 78 -19.35 19.49 50.53
C LEU A 78 -20.58 19.48 49.63
N ASP A 79 -20.91 18.33 49.04
CA ASP A 79 -22.10 18.20 48.22
C ASP A 79 -23.30 17.95 49.12
N PRO A 80 -24.33 18.79 49.08
CA PRO A 80 -25.57 18.49 49.82
C PRO A 80 -26.29 17.24 49.35
N TYR A 81 -25.99 16.76 48.13
CA TYR A 81 -26.63 15.54 47.64
C TYR A 81 -26.31 14.35 48.53
N TYR A 82 -25.06 14.23 48.97
CA TYR A 82 -24.63 13.11 49.78
C TYR A 82 -24.88 13.33 51.27
N ALA A 83 -25.75 14.26 51.64
CA ALA A 83 -26.05 14.53 53.04
C ALA A 83 -26.77 13.37 53.71
N ASP A 84 -27.29 12.42 52.96
CA ASP A 84 -28.00 11.27 53.51
C ASP A 84 -27.14 10.02 53.59
N LYS A 85 -25.86 10.10 53.22
CA LYS A 85 -25.00 8.93 53.13
C LYS A 85 -23.69 9.17 53.86
N LYS A 86 -23.12 8.11 54.40
CA LYS A 86 -21.85 8.16 55.12
C LYS A 86 -20.70 8.29 54.11
N THR A 87 -20.55 9.52 53.60
CA THR A 87 -19.47 9.85 52.69
C THR A 87 -18.85 11.18 53.11
N PHE A 88 -17.53 11.28 52.95
CA PHE A 88 -16.79 12.47 53.34
C PHE A 88 -15.81 12.86 52.24
N ILE A 89 -15.14 13.99 52.44
CA ILE A 89 -14.27 14.61 51.44
C ILE A 89 -12.92 14.88 52.06
N VAL A 90 -11.86 14.52 51.34
CA VAL A 90 -10.49 14.85 51.73
C VAL A 90 -9.90 15.77 50.65
N LEU A 91 -9.35 16.89 51.08
CA LEU A 91 -8.85 17.91 50.17
C LEU A 91 -7.33 17.82 50.06
N ASN A 92 -6.83 18.01 48.84
CA ASN A 92 -5.41 17.88 48.54
C ASN A 92 -4.83 19.23 48.14
N LYS A 93 -3.55 19.42 48.49
CA LYS A 93 -2.81 20.57 47.96
C LYS A 93 -2.80 20.50 46.44
N GLY A 94 -3.09 21.62 45.79
CA GLY A 94 -3.34 21.63 44.37
C GLY A 94 -4.81 21.69 44.01
N LYS A 95 -5.70 21.75 45.01
CA LYS A 95 -7.12 22.04 44.85
C LYS A 95 -7.88 20.93 44.13
N THR A 96 -7.62 19.67 44.44
CA THR A 96 -8.38 18.56 43.90
C THR A 96 -9.15 17.84 45.00
N ILE A 97 -10.25 17.19 44.60
CA ILE A 97 -11.21 16.62 45.54
C ILE A 97 -11.27 15.12 45.34
N PHE A 98 -11.07 14.37 46.43
CA PHE A 98 -11.22 12.92 46.44
C PHE A 98 -12.41 12.56 47.32
N ARG A 99 -13.37 11.84 46.76
CA ARG A 99 -14.59 11.47 47.47
C ARG A 99 -14.44 10.07 48.03
N PHE A 100 -14.42 9.97 49.36
CA PHE A 100 -14.17 8.72 50.06
C PHE A 100 -15.48 8.14 50.60
N ASN A 101 -15.37 7.06 51.38
CA ASN A 101 -16.51 6.45 52.04
C ASN A 101 -16.25 6.44 53.54
N ALA A 102 -17.27 6.79 54.33
CA ALA A 102 -17.14 6.84 55.77
C ALA A 102 -17.43 5.50 56.45
N THR A 103 -17.90 4.52 55.70
CA THR A 103 -18.09 3.19 56.27
C THR A 103 -16.73 2.61 56.65
N PRO A 104 -16.61 1.95 57.80
CA PRO A 104 -15.32 1.37 58.18
C PRO A 104 -14.80 0.40 57.13
N ALA A 105 -13.50 0.48 56.86
CA ALA A 105 -12.88 -0.35 55.84
C ALA A 105 -12.74 -1.79 56.34
N LEU A 106 -12.99 -2.75 55.45
CA LEU A 106 -12.90 -4.17 55.74
C LEU A 106 -13.78 -4.58 56.92
N TYR A 107 -14.79 -3.76 57.25
CA TYR A 107 -15.64 -3.96 58.43
C TYR A 107 -14.82 -3.96 59.71
N MET A 108 -13.59 -3.43 59.65
CA MET A 108 -12.69 -3.50 60.79
C MET A 108 -12.11 -2.14 61.18
N LEU A 109 -11.78 -1.31 60.19
CA LEU A 109 -11.05 -0.07 60.44
C LEU A 109 -11.98 1.13 60.22
N SER A 110 -12.35 1.79 61.32
CA SER A 110 -13.21 2.95 61.27
C SER A 110 -12.47 4.13 60.66
N PRO A 111 -13.21 5.11 60.10
CA PRO A 111 -12.54 6.29 59.52
C PRO A 111 -11.73 7.10 60.52
N PHE A 112 -12.00 6.97 61.82
CA PHE A 112 -11.21 7.64 62.85
C PHE A 112 -10.15 6.68 63.37
N SER A 113 -9.21 6.34 62.50
CA SER A 113 -8.13 5.42 62.83
C SER A 113 -6.80 5.99 62.35
N PRO A 114 -5.73 5.76 63.12
CA PRO A 114 -4.41 6.23 62.67
C PRO A 114 -3.98 5.62 61.34
N LEU A 115 -4.23 4.34 61.13
CA LEU A 115 -3.90 3.71 59.87
C LEU A 115 -4.67 4.35 58.72
N ARG A 116 -5.97 4.60 58.95
CA ARG A 116 -6.79 5.20 57.90
C ARG A 116 -6.32 6.61 57.56
N ARG A 117 -6.03 7.43 58.57
CA ARG A 117 -5.61 8.81 58.31
C ARG A 117 -4.26 8.83 57.59
N ILE A 118 -3.32 7.99 58.03
CA ILE A 118 -2.01 7.95 57.37
C ILE A 118 -2.14 7.48 55.93
N SER A 119 -2.97 6.44 55.70
CA SER A 119 -3.16 5.95 54.34
C SER A 119 -3.82 6.99 53.46
N ILE A 120 -4.79 7.74 54.00
CA ILE A 120 -5.45 8.78 53.22
C ILE A 120 -4.44 9.86 52.84
N LYS A 121 -3.61 10.27 53.79
CA LYS A 121 -2.60 11.29 53.48
C LYS A 121 -1.62 10.79 52.42
N ILE A 122 -1.17 9.53 52.55
CA ILE A 122 -0.23 8.98 51.58
C ILE A 122 -0.86 8.93 50.20
N LEU A 123 -2.11 8.46 50.10
CA LEU A 123 -2.77 8.38 48.80
C LEU A 123 -2.96 9.76 48.19
N VAL A 124 -3.36 10.75 48.99
CA VAL A 124 -3.62 12.08 48.44
C VAL A 124 -2.35 12.85 48.10
N HIS A 125 -1.21 12.48 48.69
CA HIS A 125 0.04 13.17 48.36
C HIS A 125 0.40 12.97 46.89
N SER A 126 0.97 14.03 46.30
CA SER A 126 1.40 13.99 44.90
C SER A 126 2.71 13.25 44.71
N LEU A 127 3.57 13.20 45.74
CA LEU A 127 4.80 12.44 45.64
C LEU A 127 4.51 10.95 45.46
N PHE A 128 3.40 10.47 46.00
CA PHE A 128 3.00 9.09 45.79
C PHE A 128 2.76 8.79 44.31
N SER A 129 1.99 9.66 43.65
CA SER A 129 1.75 9.50 42.22
C SER A 129 3.05 9.65 41.42
N MET A 130 3.91 10.58 41.83
CA MET A 130 5.19 10.73 41.14
C MET A 130 6.04 9.47 41.24
N LEU A 131 6.10 8.87 42.43
CA LEU A 131 6.85 7.64 42.61
C LEU A 131 6.27 6.52 41.78
N ILE A 132 4.93 6.41 41.74
CA ILE A 132 4.31 5.34 40.95
C ILE A 132 4.60 5.53 39.46
N MET A 133 4.52 6.77 38.97
CA MET A 133 4.82 7.02 37.57
C MET A 133 6.27 6.67 37.25
N CYS A 134 7.20 7.07 38.12
CA CYS A 134 8.61 6.73 37.90
C CYS A 134 8.81 5.21 37.90
N THR A 135 8.15 4.51 38.82
CA THR A 135 8.26 3.06 38.87
C THR A 135 7.77 2.40 37.60
N ILE A 136 6.61 2.85 37.10
CA ILE A 136 6.06 2.26 35.87
C ILE A 136 6.97 2.55 34.68
N LEU A 137 7.47 3.79 34.57
CA LEU A 137 8.34 4.13 33.46
C LEU A 137 9.67 3.38 33.53
N THR A 138 10.16 3.09 34.74
CA THR A 138 11.37 2.30 34.87
C THR A 138 11.12 0.84 34.50
N ASN A 139 9.95 0.31 34.88
CA ASN A 139 9.64 -1.08 34.53
C ASN A 139 9.44 -1.25 33.04
N CYS A 140 8.90 -0.24 32.36
CA CYS A 140 8.75 -0.32 30.92
C CYS A 140 10.09 -0.36 30.18
N ILE A 141 11.17 0.04 30.82
CA ILE A 141 12.51 -0.11 30.23
C ILE A 141 13.01 -1.54 30.38
N PHE A 142 12.82 -2.15 31.55
CA PHE A 142 13.20 -3.54 31.75
C PHE A 142 12.32 -4.49 30.93
N MET A 143 11.13 -4.06 30.52
CA MET A 143 10.31 -4.90 29.67
C MET A 143 10.93 -5.11 28.28
N THR A 144 11.80 -4.22 27.83
CA THR A 144 12.39 -4.30 26.50
C THR A 144 13.72 -5.04 26.51
N MET A 145 13.72 -6.28 27.02
CA MET A 145 14.91 -7.11 27.06
C MET A 145 14.54 -8.51 26.61
N ASN A 146 15.09 -8.93 25.47
CA ASN A 146 14.78 -10.28 24.96
C ASN A 146 15.24 -11.35 25.92
N ASN A 147 16.48 -11.25 26.39
CA ASN A 147 16.95 -12.09 27.49
C ASN A 147 17.61 -11.19 28.53
N PRO A 148 17.09 -11.21 29.76
CA PRO A 148 17.62 -10.34 30.81
C PRO A 148 18.74 -11.02 31.57
N PRO A 149 19.63 -10.23 32.19
CA PRO A 149 20.64 -10.83 33.07
C PRO A 149 20.00 -11.52 34.26
N ASP A 150 20.81 -12.36 34.92
CA ASP A 150 20.29 -13.17 36.03
C ASP A 150 19.94 -12.34 37.26
N TRP A 151 20.42 -11.10 37.36
CA TRP A 151 20.20 -10.28 38.54
C TRP A 151 18.91 -9.47 38.49
N THR A 152 18.17 -9.53 37.39
CA THR A 152 16.93 -8.77 37.28
C THR A 152 15.80 -9.34 38.11
N LYS A 153 16.00 -10.51 38.72
CA LYS A 153 15.00 -11.05 39.64
C LYS A 153 14.80 -10.12 40.84
N ASN A 154 15.90 -9.56 41.35
CA ASN A 154 15.80 -8.61 42.45
C ASN A 154 15.01 -7.36 42.03
N VAL A 155 15.24 -6.89 40.81
CA VAL A 155 14.53 -5.69 40.32
C VAL A 155 13.04 -5.99 40.16
N GLU A 156 12.70 -7.17 39.63
CA GLU A 156 11.30 -7.51 39.50
C GLU A 156 10.64 -7.70 40.86
N TYR A 157 11.38 -8.22 41.85
CA TYR A 157 10.86 -8.29 43.21
C TYR A 157 10.61 -6.89 43.77
N THR A 158 11.52 -5.96 43.50
CA THR A 158 11.34 -4.58 43.95
C THR A 158 10.10 -3.97 43.31
N PHE A 159 9.89 -4.21 42.01
CA PHE A 159 8.70 -3.68 41.33
C PHE A 159 7.44 -4.27 41.93
N THR A 160 7.42 -5.58 42.17
CA THR A 160 6.25 -6.21 42.78
C THR A 160 5.99 -5.65 44.17
N GLY A 161 7.05 -5.40 44.94
CA GLY A 161 6.88 -4.82 46.27
C GLY A 161 6.31 -3.42 46.22
N ILE A 162 6.79 -2.59 45.29
CA ILE A 162 6.25 -1.23 45.15
C ILE A 162 4.79 -1.28 44.75
N TYR A 163 4.45 -2.14 43.78
CA TYR A 163 3.06 -2.24 43.34
C TYR A 163 2.14 -2.72 44.45
N THR A 164 2.58 -3.74 45.21
CA THR A 164 1.73 -4.24 46.28
C THR A 164 1.61 -3.24 47.42
N PHE A 165 2.66 -2.44 47.67
CA PHE A 165 2.54 -1.39 48.67
C PHE A 165 1.52 -0.34 48.23
N GLU A 166 1.55 0.05 46.94
CA GLU A 166 0.57 1.00 46.44
C GLU A 166 -0.85 0.46 46.56
N SER A 167 -1.06 -0.80 46.16
CA SER A 167 -2.40 -1.38 46.26
C SER A 167 -2.83 -1.49 47.71
N LEU A 168 -1.89 -1.84 48.60
CA LEU A 168 -2.21 -1.93 50.02
C LEU A 168 -2.62 -0.59 50.60
N VAL A 169 -1.92 0.48 50.22
CA VAL A 169 -2.26 1.81 50.75
C VAL A 169 -3.62 2.25 50.20
N LYS A 170 -3.91 1.91 48.93
CA LYS A 170 -5.24 2.23 48.39
C LYS A 170 -6.34 1.50 49.16
N ILE A 171 -6.13 0.20 49.41
CA ILE A 171 -7.14 -0.59 50.12
C ILE A 171 -7.32 -0.07 51.55
N LEU A 172 -6.21 0.23 52.23
CA LEU A 172 -6.31 0.77 53.58
C LEU A 172 -7.01 2.12 53.60
N ALA A 173 -6.79 2.95 52.58
CA ALA A 173 -7.38 4.28 52.59
C ALA A 173 -8.87 4.26 52.28
N ARG A 174 -9.30 3.41 51.35
CA ARG A 174 -10.67 3.55 50.84
C ARG A 174 -11.50 2.27 50.92
N GLY A 175 -11.03 1.27 51.67
CA GLY A 175 -11.79 0.04 51.79
C GLY A 175 -11.71 -0.83 50.56
N PHE A 176 -11.88 -2.15 50.70
CA PHE A 176 -11.68 -3.04 49.57
C PHE A 176 -12.89 -3.11 48.64
N CYS A 177 -14.00 -3.68 49.12
CA CYS A 177 -15.20 -3.80 48.31
C CYS A 177 -16.44 -3.60 49.18
N VAL A 178 -16.34 -2.70 50.17
CA VAL A 178 -17.42 -2.51 51.13
C VAL A 178 -18.18 -1.23 50.81
N GLY A 179 -19.24 -1.35 50.01
CA GLY A 179 -20.03 -0.19 49.63
C GLY A 179 -19.42 0.58 48.48
N GLU A 180 -19.86 1.82 48.34
CA GLU A 180 -19.42 2.67 47.25
C GLU A 180 -18.11 3.37 47.60
N PHE A 181 -17.45 3.90 46.57
CA PHE A 181 -16.18 4.62 46.70
C PHE A 181 -15.11 3.77 47.37
N THR A 182 -15.08 2.47 47.04
CA THR A 182 -14.06 1.57 47.56
C THR A 182 -12.99 1.32 46.49
N PHE A 183 -12.05 0.45 46.83
CA PHE A 183 -10.94 0.17 45.92
C PHE A 183 -11.43 -0.48 44.63
N LEU A 184 -12.31 -1.49 44.76
CA LEU A 184 -12.72 -2.26 43.59
C LEU A 184 -13.72 -1.52 42.71
N ARG A 185 -14.24 -0.38 43.15
CA ARG A 185 -15.24 0.33 42.35
C ARG A 185 -14.63 1.01 41.14
N ASP A 186 -13.31 1.19 41.11
CA ASP A 186 -12.63 1.81 39.98
C ASP A 186 -12.21 0.74 38.99
N PRO A 187 -12.60 0.82 37.72
CA PRO A 187 -12.19 -0.22 36.75
C PRO A 187 -10.69 -0.39 36.61
N TRP A 188 -9.90 0.67 36.75
CA TRP A 188 -8.45 0.54 36.65
C TRP A 188 -7.87 -0.20 37.85
N ASN A 189 -8.52 -0.10 39.01
CA ASN A 189 -8.11 -0.91 40.15
C ASN A 189 -8.31 -2.39 39.89
N TRP A 190 -9.27 -2.74 39.03
CA TRP A 190 -9.38 -4.13 38.60
C TRP A 190 -8.12 -4.58 37.88
N LEU A 191 -7.62 -3.74 36.97
CA LEU A 191 -6.37 -4.05 36.26
C LEU A 191 -5.20 -4.14 37.23
N ASP A 192 -5.15 -3.23 38.21
CA ASP A 192 -4.07 -3.28 39.20
C ASP A 192 -4.12 -4.59 40.00
N PHE A 193 -5.32 -4.99 40.45
CA PHE A 193 -5.47 -6.21 41.22
C PHE A 193 -5.10 -7.43 40.39
N VAL A 194 -5.53 -7.45 39.12
CA VAL A 194 -5.17 -8.55 38.23
C VAL A 194 -3.67 -8.62 38.05
N VAL A 195 -3.02 -7.46 37.88
CA VAL A 195 -1.56 -7.43 37.72
C VAL A 195 -0.88 -8.02 38.95
N ILE A 196 -1.32 -7.61 40.14
CA ILE A 196 -0.64 -8.07 41.35
C ILE A 196 -0.87 -9.57 41.58
N VAL A 197 -2.09 -10.05 41.31
CA VAL A 197 -2.35 -11.47 41.53
C VAL A 197 -1.59 -12.30 40.50
N PHE A 198 -1.49 -11.82 39.26
CA PHE A 198 -0.71 -12.53 38.25
C PHE A 198 0.77 -12.57 38.64
N ALA A 199 1.30 -11.46 39.16
CA ALA A 199 2.70 -11.45 39.56
C ALA A 199 2.95 -12.46 40.68
N TYR A 200 2.12 -12.45 41.72
CA TYR A 200 2.34 -13.39 42.81
C TYR A 200 2.11 -14.83 42.38
N LEU A 201 1.12 -15.07 41.52
CA LEU A 201 0.87 -16.42 41.02
C LEU A 201 2.05 -16.93 40.20
N THR A 202 2.56 -16.14 39.27
CA THR A 202 3.68 -16.59 38.46
C THR A 202 4.96 -16.66 39.28
N GLU A 203 5.02 -15.97 40.41
CA GLU A 203 6.19 -16.09 41.29
C GLU A 203 6.15 -17.35 42.15
N PHE A 204 4.96 -17.78 42.59
CA PHE A 204 4.87 -18.91 43.51
C PHE A 204 4.37 -20.19 42.85
N VAL A 205 3.19 -20.17 42.25
CA VAL A 205 2.62 -21.40 41.69
C VAL A 205 3.25 -21.75 40.34
N ASN A 206 3.69 -20.74 39.58
CA ASN A 206 4.31 -20.95 38.26
C ASN A 206 3.41 -21.74 37.32
N ASN A 209 2.48 -21.54 30.63
CA ASN A 209 3.49 -21.09 29.68
C ASN A 209 4.22 -19.85 30.21
N VAL A 210 5.55 -19.91 30.22
CA VAL A 210 6.35 -18.78 30.68
C VAL A 210 6.14 -17.58 29.77
N SER A 211 6.05 -17.82 28.47
CA SER A 211 5.83 -16.73 27.52
C SER A 211 4.51 -16.02 27.77
N ALA A 212 3.45 -16.78 28.08
CA ALA A 212 2.16 -16.17 28.37
C ALA A 212 2.22 -15.30 29.63
N LEU A 213 2.92 -15.78 30.66
CA LEU A 213 3.06 -14.99 31.88
C LEU A 213 3.86 -13.71 31.62
N ARG A 214 4.92 -13.81 30.83
CA ARG A 214 5.67 -12.60 30.46
C ARG A 214 4.81 -11.64 29.65
N THR A 215 3.97 -12.16 28.75
CA THR A 215 3.08 -11.31 27.98
C THR A 215 2.03 -10.65 28.87
N PHE A 216 1.63 -11.33 29.94
CA PHE A 216 0.77 -10.69 30.94
C PHE A 216 1.51 -9.65 31.75
N ARG A 217 2.82 -9.79 31.90
CA ARG A 217 3.62 -8.75 32.55
C ARG A 217 3.56 -7.42 31.80
N VAL A 218 3.21 -7.43 30.51
CA VAL A 218 3.06 -6.19 29.76
C VAL A 218 1.87 -5.36 30.23
N LEU A 219 0.96 -5.95 31.01
CA LEU A 219 -0.18 -5.21 31.52
C LEU A 219 0.23 -4.09 32.46
N ARG A 220 1.45 -4.11 33.00
CA ARG A 220 1.93 -3.07 33.93
C ARG A 220 2.26 -1.82 33.13
N ALA A 221 2.22 -1.87 31.80
CA ALA A 221 2.40 -0.66 31.00
C ALA A 221 1.11 0.15 30.90
N LEU A 222 -0.04 -0.51 31.00
CA LEU A 222 -1.32 0.19 30.89
C LEU A 222 -1.63 1.04 32.12
N LYS A 223 -0.87 0.90 33.20
CA LYS A 223 -1.06 1.76 34.36
C LYS A 223 -0.59 3.19 34.08
N THR A 224 0.14 3.40 32.98
CA THR A 224 0.50 4.75 32.57
C THR A 224 -0.75 5.58 32.31
N ILE A 225 -1.78 4.97 31.74
CA ILE A 225 -3.03 5.68 31.50
C ILE A 225 -3.65 6.13 32.81
N SER A 226 -3.62 5.28 33.83
CA SER A 226 -4.19 5.63 35.12
C SER A 226 -3.38 6.73 35.82
N VAL A 227 -2.05 6.62 35.83
CA VAL A 227 -1.26 7.53 36.67
C VAL A 227 -1.02 8.86 35.95
N ILE A 228 -0.93 8.86 34.63
CA ILE A 228 -0.71 10.12 33.91
C ILE A 228 -2.03 10.84 33.75
N PRO A 229 -2.15 12.11 34.17
CA PRO A 229 -3.43 12.81 34.05
C PRO A 229 -3.73 13.17 32.61
N GLY A 230 -4.99 12.99 32.21
CA GLY A 230 -5.46 13.35 30.89
C GLY A 230 -5.59 12.20 29.92
N LEU A 231 -4.94 11.06 30.20
CA LEU A 231 -5.02 9.92 29.29
C LEU A 231 -6.31 9.13 29.45
N LYS A 232 -6.90 9.13 30.64
CA LYS A 232 -8.14 8.40 30.87
C LYS A 232 -9.26 8.96 30.00
N THR A 233 -9.37 10.29 29.92
CA THR A 233 -10.38 10.91 29.08
C THR A 233 -10.14 10.63 27.61
N ILE A 234 -8.87 10.60 27.18
CA ILE A 234 -8.57 10.31 25.78
C ILE A 234 -8.98 8.87 25.44
N VAL A 235 -8.69 7.93 26.34
CA VAL A 235 -9.10 6.54 26.09
C VAL A 235 -10.61 6.42 26.06
N GLY A 236 -11.31 7.10 26.96
CA GLY A 236 -12.75 7.09 26.94
C GLY A 236 -13.32 7.67 25.65
N ALA A 237 -12.72 8.76 25.17
CA ALA A 237 -13.16 9.35 23.91
C ALA A 237 -12.93 8.41 22.75
N LEU A 238 -11.79 7.70 22.74
CA LEU A 238 -11.53 6.74 21.67
C LEU A 238 -12.57 5.61 21.70
N ILE A 239 -12.92 5.13 22.88
CA ILE A 239 -13.92 4.06 22.97
C ILE A 239 -15.29 4.55 22.51
N GLN A 240 -15.67 5.76 22.92
CA GLN A 240 -16.92 6.33 22.43
C GLN A 240 -16.91 6.52 20.92
N SER A 241 -15.76 6.86 20.34
CA SER A 241 -15.66 6.98 18.89
C SER A 241 -15.81 5.63 18.20
N VAL A 242 -15.18 4.58 18.77
CA VAL A 242 -15.30 3.26 18.17
C VAL A 242 -16.73 2.72 18.30
N LYS A 243 -17.49 3.21 19.27
CA LYS A 243 -18.91 2.84 19.33
C LYS A 243 -19.71 3.40 18.17
N LYS A 244 -19.22 4.41 17.47
CA LYS A 244 -19.95 5.07 16.39
C LYS A 244 -19.74 4.42 15.03
N LEU A 245 -18.88 3.40 14.94
CA LEU A 245 -18.53 2.78 13.68
C LEU A 245 -19.21 1.44 13.46
N SER A 246 -20.27 1.14 14.22
CA SER A 246 -20.89 -0.18 14.14
C SER A 246 -21.49 -0.44 12.77
N ASP A 247 -22.23 0.54 12.23
CA ASP A 247 -22.87 0.35 10.93
C ASP A 247 -21.84 0.21 9.83
N VAL A 248 -20.76 1.00 9.90
CA VAL A 248 -19.72 0.92 8.88
C VAL A 248 -19.00 -0.42 8.94
N MET A 249 -18.72 -0.92 10.15
CA MET A 249 -18.09 -2.22 10.27
C MET A 249 -19.00 -3.33 9.76
N ILE A 250 -20.30 -3.26 10.05
CA ILE A 250 -21.22 -4.27 9.56
C ILE A 250 -21.27 -4.25 8.03
N LEU A 251 -21.35 -3.05 7.46
CA LEU A 251 -21.36 -2.93 5.99
C LEU A 251 -20.07 -3.44 5.38
N THR A 252 -18.93 -3.13 6.01
CA THR A 252 -17.65 -3.59 5.50
C THR A 252 -17.55 -5.11 5.51
N VAL A 253 -17.99 -5.73 6.61
CA VAL A 253 -17.95 -7.18 6.69
C VAL A 253 -18.88 -7.80 5.64
N PHE A 254 -20.07 -7.23 5.47
CA PHE A 254 -21.00 -7.75 4.46
C PHE A 254 -20.42 -7.65 3.05
N CYS A 255 -19.85 -6.49 2.72
CA CYS A 255 -19.28 -6.30 1.39
C CYS A 255 -18.09 -7.21 1.15
N LEU A 256 -17.22 -7.37 2.15
CA LEU A 256 -16.08 -8.28 2.00
C LEU A 256 -16.56 -9.72 1.85
N SER A 257 -17.63 -10.09 2.55
CA SER A 257 -18.16 -11.44 2.40
C SER A 257 -18.72 -11.67 1.00
N VAL A 258 -19.44 -10.68 0.46
CA VAL A 258 -19.99 -10.83 -0.89
C VAL A 258 -18.87 -10.94 -1.91
N PHE A 259 -17.86 -10.07 -1.80
CA PHE A 259 -16.75 -10.14 -2.74
C PHE A 259 -15.91 -11.39 -2.57
N ALA A 260 -15.79 -11.90 -1.34
CA ALA A 260 -15.08 -13.16 -1.11
C ALA A 260 -15.83 -14.33 -1.72
N LEU A 261 -17.16 -14.31 -1.64
CA LEU A 261 -17.94 -15.35 -2.29
C LEU A 261 -17.79 -15.29 -3.81
N ILE A 262 -17.78 -14.08 -4.38
CA ILE A 262 -17.57 -13.95 -5.82
C ILE A 262 -16.19 -14.46 -6.20
N GLY A 263 -15.16 -14.09 -5.44
CA GLY A 263 -13.81 -14.56 -5.72
C GLY A 263 -13.67 -16.06 -5.57
N LEU A 264 -14.32 -16.63 -4.55
CA LEU A 264 -14.33 -18.08 -4.39
C LEU A 264 -15.00 -18.77 -5.57
N GLN A 265 -16.09 -18.20 -6.08
CA GLN A 265 -16.75 -18.77 -7.24
C GLN A 265 -15.85 -18.72 -8.47
N LEU A 266 -15.14 -17.60 -8.67
CA LEU A 266 -14.39 -17.40 -9.90
C LEU A 266 -13.04 -18.12 -9.87
N PHE A 267 -12.24 -17.90 -8.83
CA PHE A 267 -10.83 -18.28 -8.82
C PHE A 267 -10.54 -19.47 -7.90
N MET A 268 -11.47 -20.39 -7.76
CA MET A 268 -11.29 -21.50 -6.83
C MET A 268 -10.30 -22.50 -7.42
N GLY A 269 -9.14 -22.65 -6.76
CA GLY A 269 -8.13 -23.58 -7.20
C GLY A 269 -7.23 -23.08 -8.31
N ASN A 270 -7.40 -21.83 -8.77
CA ASN A 270 -6.64 -21.34 -9.90
C ASN A 270 -5.19 -21.07 -9.57
N LEU A 271 -4.86 -20.85 -8.30
CA LEU A 271 -3.49 -20.54 -7.90
C LEU A 271 -2.66 -21.78 -7.64
N LYS A 272 -3.21 -22.96 -7.94
CA LYS A 272 -2.47 -24.22 -7.85
C LYS A 272 -1.99 -24.69 -9.22
N HIS A 273 -2.06 -23.83 -10.24
CA HIS A 273 -1.57 -24.17 -11.56
C HIS A 273 -0.06 -24.10 -11.59
N LYS A 274 0.58 -25.12 -12.15
CA LYS A 274 2.03 -25.16 -12.30
C LYS A 274 2.38 -25.80 -13.63
N CYS A 275 3.57 -25.46 -14.14
CA CYS A 275 4.08 -26.03 -15.39
C CYS A 275 4.80 -27.33 -15.07
N PHE A 276 4.31 -28.43 -15.62
CA PHE A 276 4.81 -29.76 -15.31
C PHE A 276 5.53 -30.35 -16.53
N ARG A 277 6.55 -31.16 -16.25
CA ARG A 277 7.35 -31.75 -17.32
C ARG A 277 6.50 -32.59 -18.26
N ASN A 278 6.75 -32.45 -19.56
CA ASN A 278 6.05 -33.27 -20.54
C ASN A 278 6.61 -34.68 -20.57
N SER A 279 7.92 -34.82 -20.52
CA SER A 279 8.59 -36.11 -20.71
C SER A 279 9.02 -36.67 -19.36
N LEU A 280 8.50 -37.85 -19.02
CA LEU A 280 8.84 -38.54 -17.79
C LEU A 280 9.40 -39.92 -18.11
N GLU A 281 10.38 -40.35 -17.32
CA GLU A 281 11.00 -41.64 -17.50
C GLU A 281 10.38 -42.66 -16.54
N ASN A 282 10.91 -43.88 -16.55
CA ASN A 282 10.57 -44.94 -15.60
C ASN A 282 9.09 -45.08 -15.30
N ASN A 283 8.24 -44.88 -16.31
CA ASN A 283 6.79 -45.03 -16.19
C ASN A 283 6.18 -44.16 -15.08
N GLU A 284 6.92 -43.19 -14.57
CA GLU A 284 6.39 -42.37 -13.49
C GLU A 284 5.26 -41.48 -13.98
N THR A 285 4.28 -41.25 -13.11
CA THR A 285 3.15 -40.38 -13.40
C THR A 285 3.11 -39.26 -12.36
N LEU A 286 2.27 -38.25 -12.65
CA LEU A 286 2.23 -37.07 -11.81
C LEU A 286 1.95 -37.42 -10.35
N GLU A 287 1.05 -38.37 -10.11
CA GLU A 287 0.78 -38.82 -8.75
C GLU A 287 2.02 -39.45 -8.13
N SER A 288 2.74 -40.27 -8.89
CA SER A 288 3.93 -40.93 -8.38
C SER A 288 5.00 -39.92 -8.01
N ILE A 289 5.21 -38.91 -8.85
CA ILE A 289 6.19 -37.87 -8.53
C ILE A 289 5.75 -37.08 -7.31
N MET A 290 4.47 -36.69 -7.26
CA MET A 290 4.01 -35.83 -6.17
C MET A 290 3.97 -36.56 -4.84
N ASN A 291 3.93 -37.89 -4.86
CA ASN A 291 3.93 -38.64 -3.60
C ASN A 291 5.30 -38.76 -2.97
N THR A 292 6.37 -38.34 -3.65
CA THR A 292 7.72 -38.51 -3.14
C THR A 292 8.47 -37.21 -2.87
N LEU A 293 8.16 -36.13 -3.58
CA LEU A 293 8.90 -34.89 -3.43
C LEU A 293 8.55 -34.19 -2.12
N GLU A 294 9.55 -33.63 -1.45
CA GLU A 294 9.33 -32.81 -0.28
C GLU A 294 10.08 -31.48 -0.36
N SER A 295 11.26 -31.49 -0.98
CA SER A 295 12.13 -30.32 -0.98
C SER A 295 11.95 -29.50 -2.26
N GLU A 296 12.26 -28.21 -2.14
CA GLU A 296 12.18 -27.32 -3.30
C GLU A 296 13.17 -27.73 -4.38
N GLU A 297 14.34 -28.23 -3.99
CA GLU A 297 15.29 -28.73 -4.98
C GLU A 297 14.75 -29.93 -5.75
N ASP A 298 13.94 -30.77 -5.10
CA ASP A 298 13.30 -31.87 -5.81
C ASP A 298 12.16 -31.39 -6.69
N PHE A 299 11.37 -30.43 -6.21
CA PHE A 299 10.29 -29.87 -7.03
C PHE A 299 10.83 -29.17 -8.26
N ARG A 300 11.99 -28.52 -8.15
CA ARG A 300 12.55 -27.76 -9.26
C ARG A 300 12.94 -28.65 -10.44
N LYS A 301 13.09 -29.95 -10.22
CA LYS A 301 13.41 -30.88 -11.30
C LYS A 301 12.19 -31.33 -12.08
N TYR A 302 10.98 -31.03 -11.60
CA TYR A 302 9.75 -31.43 -12.27
C TYR A 302 8.83 -30.28 -12.65
N PHE A 303 8.93 -29.14 -11.98
CA PHE A 303 8.12 -27.97 -12.28
C PHE A 303 9.03 -26.82 -12.68
N TYR A 304 8.49 -25.89 -13.47
CA TYR A 304 9.27 -24.75 -13.93
C TYR A 304 9.28 -23.67 -12.85
N TYR A 305 10.47 -23.34 -12.37
CA TYR A 305 10.70 -22.27 -11.41
C TYR A 305 11.50 -21.17 -12.08
N LEU A 306 11.10 -19.93 -11.84
CA LEU A 306 11.95 -18.81 -12.24
C LEU A 306 13.18 -18.76 -11.35
N GLU A 307 14.25 -18.15 -11.86
CA GLU A 307 15.49 -18.08 -11.09
C GLU A 307 15.30 -17.23 -9.85
N GLY A 308 15.75 -17.77 -8.72
CA GLY A 308 15.61 -17.07 -7.45
C GLY A 308 14.17 -16.90 -7.01
N SER A 309 13.35 -17.95 -7.17
CA SER A 309 11.95 -17.92 -6.77
C SER A 309 11.68 -19.06 -5.80
N LYS A 310 10.76 -18.82 -4.87
CA LYS A 310 10.35 -19.86 -3.92
C LYS A 310 9.12 -20.63 -4.37
N ASP A 311 8.38 -20.13 -5.36
CA ASP A 311 7.15 -20.74 -5.81
C ASP A 311 7.25 -21.07 -7.29
N ALA A 312 6.59 -22.15 -7.70
CA ALA A 312 6.56 -22.54 -9.10
C ALA A 312 5.80 -21.51 -9.92
N LEU A 313 6.22 -21.33 -11.16
CA LEU A 313 5.61 -20.34 -12.04
C LEU A 313 4.15 -20.73 -12.32
N LEU A 314 3.26 -19.76 -12.20
CA LEU A 314 1.84 -19.99 -12.46
C LEU A 314 1.56 -19.95 -13.96
N CYS A 315 0.63 -20.80 -14.39
CA CYS A 315 0.23 -20.86 -15.79
C CYS A 315 -1.29 -20.79 -15.88
N GLY A 316 -1.80 -20.85 -17.10
CA GLY A 316 -3.23 -20.83 -17.32
C GLY A 316 -3.61 -21.54 -18.59
N PHE A 317 -4.87 -21.96 -18.65
CA PHE A 317 -5.40 -22.70 -19.78
C PHE A 317 -6.03 -21.81 -20.83
N SER A 318 -6.08 -20.49 -20.61
CA SER A 318 -6.68 -19.56 -21.54
C SER A 318 -5.60 -18.98 -22.46
N THR A 319 -6.04 -18.20 -23.45
CA THR A 319 -5.10 -17.60 -24.40
C THR A 319 -4.36 -16.41 -23.81
N ASP A 320 -4.97 -15.72 -22.84
CA ASP A 320 -4.39 -14.53 -22.24
C ASP A 320 -3.71 -14.79 -20.91
N SER A 321 -3.51 -16.04 -20.52
CA SER A 321 -2.88 -16.37 -19.26
C SER A 321 -1.39 -16.58 -19.46
N GLY A 322 -0.70 -16.99 -18.40
CA GLY A 322 0.72 -17.26 -18.51
C GLY A 322 1.02 -18.46 -19.38
N GLN A 323 2.20 -18.44 -19.99
CA GLN A 323 2.62 -19.48 -20.91
C GLN A 323 3.72 -20.32 -20.27
N CYS A 324 3.56 -21.63 -20.32
CA CYS A 324 4.64 -22.52 -19.91
C CYS A 324 5.70 -22.57 -21.01
N PRO A 325 6.95 -22.89 -20.66
CA PRO A 325 7.96 -23.10 -21.69
C PRO A 325 7.63 -24.31 -22.55
N GLU A 326 8.37 -24.46 -23.63
CA GLU A 326 8.23 -25.67 -24.44
C GLU A 326 8.74 -26.86 -23.66
N GLY A 327 8.02 -27.97 -23.74
CA GLY A 327 8.32 -29.14 -22.94
C GLY A 327 7.68 -29.16 -21.57
N TYR A 328 6.91 -28.13 -21.23
CA TYR A 328 6.18 -28.05 -19.97
C TYR A 328 4.70 -27.86 -20.28
N THR A 329 3.85 -28.51 -19.50
CA THR A 329 2.41 -28.40 -19.67
C THR A 329 1.77 -27.96 -18.35
N CYS A 330 0.66 -27.24 -18.46
CA CYS A 330 -0.01 -26.66 -17.30
C CYS A 330 -0.91 -27.68 -16.65
N VAL A 331 -0.89 -27.73 -15.32
CA VAL A 331 -1.67 -28.68 -14.55
C VAL A 331 -1.97 -28.10 -13.18
N LYS A 332 -3.12 -28.48 -12.62
CA LYS A 332 -3.54 -28.03 -11.30
C LYS A 332 -3.10 -29.07 -10.26
N ILE A 333 -2.05 -28.74 -9.51
CA ILE A 333 -1.47 -29.68 -8.56
C ILE A 333 -0.63 -28.88 -7.57
N GLY A 334 -0.39 -29.45 -6.40
CA GLY A 334 0.52 -28.83 -5.45
C GLY A 334 -0.16 -27.86 -4.51
N ARG A 335 0.65 -26.92 -4.00
CA ARG A 335 0.21 -25.95 -3.01
C ARG A 335 0.15 -24.56 -3.60
N ASN A 336 -0.58 -23.68 -2.91
CA ASN A 336 -0.72 -22.29 -3.33
C ASN A 336 0.55 -21.52 -3.04
N PRO A 337 0.75 -20.36 -3.68
CA PRO A 337 1.95 -19.57 -3.41
C PRO A 337 1.93 -18.96 -2.02
N ASP A 338 3.08 -18.40 -1.64
CA ASP A 338 3.27 -17.70 -0.37
C ASP A 338 2.98 -18.64 0.81
N TYR A 339 3.78 -19.70 0.90
CA TYR A 339 3.67 -20.72 1.94
C TYR A 339 2.31 -21.42 1.93
N GLY A 340 1.53 -21.20 0.89
CA GLY A 340 0.18 -21.72 0.82
C GLY A 340 -0.91 -20.80 1.34
N TYR A 341 -0.59 -19.56 1.65
CA TYR A 341 -1.54 -18.64 2.25
C TYR A 341 -2.29 -17.78 1.25
N THR A 342 -1.82 -17.66 0.03
CA THR A 342 -2.49 -16.85 -1.00
C THR A 342 -3.33 -17.78 -1.86
N SER A 343 -4.66 -17.71 -1.67
CA SER A 343 -5.56 -18.59 -2.40
C SER A 343 -6.99 -18.09 -2.26
N PHE A 344 -7.84 -18.59 -3.15
CA PHE A 344 -9.29 -18.43 -3.06
C PHE A 344 -9.99 -19.77 -2.84
N ASP A 345 -9.29 -20.75 -2.28
CA ASP A 345 -9.80 -22.12 -2.19
C ASP A 345 -10.90 -22.28 -1.15
N THR A 346 -10.88 -21.48 -0.09
CA THR A 346 -11.87 -21.60 0.98
C THR A 346 -12.39 -20.21 1.26
N PHE A 347 -13.56 -20.14 1.92
CA PHE A 347 -14.13 -18.83 2.23
C PHE A 347 -13.23 -18.03 3.15
N SER A 348 -12.53 -18.70 4.07
CA SER A 348 -11.63 -18.00 4.98
C SER A 348 -10.46 -17.37 4.22
N TRP A 349 -9.85 -18.12 3.31
CA TRP A 349 -8.74 -17.58 2.53
C TRP A 349 -9.21 -16.51 1.57
N ALA A 350 -10.40 -16.67 0.99
CA ALA A 350 -10.97 -15.64 0.13
C ALA A 350 -11.23 -14.37 0.92
N PHE A 351 -11.73 -14.50 2.15
CA PHE A 351 -11.95 -13.34 3.00
C PHE A 351 -10.65 -12.64 3.36
N LEU A 352 -9.60 -13.41 3.65
CA LEU A 352 -8.30 -12.80 3.92
C LEU A 352 -7.78 -12.06 2.69
N ALA A 353 -7.91 -12.67 1.51
CA ALA A 353 -7.47 -12.02 0.28
C ALA A 353 -8.26 -10.74 0.01
N LEU A 354 -9.56 -10.76 0.29
CA LEU A 354 -10.38 -9.58 0.03
C LEU A 354 -10.10 -8.47 1.04
N PHE A 355 -9.82 -8.82 2.29
CA PHE A 355 -9.40 -7.81 3.26
C PHE A 355 -8.07 -7.20 2.85
N ARG A 356 -7.14 -8.03 2.37
CA ARG A 356 -5.87 -7.53 1.85
C ARG A 356 -6.10 -6.60 0.67
N LEU A 357 -7.01 -6.96 -0.23
CA LEU A 357 -7.33 -6.10 -1.37
C LEU A 357 -7.92 -4.77 -0.92
N MET A 358 -8.84 -4.81 0.05
CA MET A 358 -9.48 -3.59 0.53
C MET A 358 -8.47 -2.65 1.16
N THR A 359 -7.57 -3.18 1.99
CA THR A 359 -6.52 -2.35 2.56
C THR A 359 -5.41 -2.03 1.58
N GLN A 360 -5.42 -2.65 0.39
CA GLN A 360 -4.43 -2.39 -0.67
C GLN A 360 -3.01 -2.66 -0.19
N ASP A 361 -2.83 -3.72 0.59
CA ASP A 361 -1.53 -4.09 1.13
C ASP A 361 -0.95 -5.19 0.25
N TYR A 362 0.05 -4.84 -0.56
CA TYR A 362 0.71 -5.78 -1.46
C TYR A 362 -0.29 -6.41 -2.42
N TRP A 363 -1.32 -5.65 -2.77
CA TRP A 363 -2.39 -6.17 -3.60
C TRP A 363 -1.96 -6.37 -5.05
N GLU A 364 -0.88 -5.72 -5.49
CA GLU A 364 -0.44 -5.89 -6.87
C GLU A 364 0.10 -7.29 -7.12
N ASN A 365 0.70 -7.92 -6.11
CA ASN A 365 1.16 -9.30 -6.26
C ASN A 365 -0.01 -10.24 -6.48
N LEU A 366 -1.08 -10.09 -5.69
CA LEU A 366 -2.27 -10.90 -5.88
C LEU A 366 -2.92 -10.60 -7.23
N TYR A 367 -2.94 -9.33 -7.62
CA TYR A 367 -3.44 -8.93 -8.94
C TYR A 367 -2.73 -9.68 -10.05
N GLN A 368 -1.39 -9.64 -10.05
CA GLN A 368 -0.62 -10.28 -11.10
C GLN A 368 -0.73 -11.79 -11.04
N GLN A 369 -0.74 -12.38 -9.84
CA GLN A 369 -0.88 -13.82 -9.71
C GLN A 369 -2.21 -14.29 -10.27
N THR A 370 -3.30 -13.62 -9.90
CA THR A 370 -4.62 -14.00 -10.39
C THR A 370 -4.72 -13.81 -11.90
N LEU A 371 -4.17 -12.71 -12.42
CA LEU A 371 -4.21 -12.51 -13.87
C LEU A 371 -3.44 -13.59 -14.60
N ARG A 372 -2.25 -13.94 -14.11
CA ARG A 372 -1.46 -14.99 -14.74
C ARG A 372 -2.16 -16.33 -14.69
N ALA A 373 -2.80 -16.65 -13.55
CA ALA A 373 -3.41 -17.96 -13.38
C ALA A 373 -4.74 -18.11 -14.14
N ALA A 374 -5.51 -17.02 -14.27
CA ALA A 374 -6.84 -17.11 -14.84
C ALA A 374 -6.95 -16.46 -16.21
N GLY A 375 -6.47 -15.24 -16.36
CA GLY A 375 -6.59 -14.51 -17.60
C GLY A 375 -6.59 -13.02 -17.36
N LYS A 376 -6.37 -12.26 -18.43
CA LYS A 376 -6.31 -10.81 -18.34
C LYS A 376 -7.68 -10.13 -18.43
N THR A 377 -8.72 -10.85 -18.85
CA THR A 377 -10.06 -10.28 -18.81
C THR A 377 -10.65 -10.28 -17.41
N TYR A 378 -9.96 -10.88 -16.44
CA TYR A 378 -10.41 -10.93 -15.06
C TYR A 378 -9.95 -9.71 -14.25
N MET A 379 -9.29 -8.76 -14.90
CA MET A 379 -8.99 -7.49 -14.25
C MET A 379 -10.23 -6.66 -13.95
N ILE A 380 -11.36 -7.00 -14.55
CA ILE A 380 -12.61 -6.29 -14.24
C ILE A 380 -13.00 -6.52 -12.79
N PHE A 381 -12.80 -7.75 -12.29
CA PHE A 381 -13.06 -8.03 -10.88
C PHE A 381 -12.24 -7.11 -9.99
N PHE A 382 -10.95 -6.96 -10.30
CA PHE A 382 -10.09 -6.13 -9.46
C PHE A 382 -10.45 -4.65 -9.60
N VAL A 383 -10.84 -4.22 -10.81
CA VAL A 383 -11.27 -2.84 -10.99
C VAL A 383 -12.48 -2.54 -10.11
N VAL A 384 -13.49 -3.43 -10.17
CA VAL A 384 -14.71 -3.23 -9.40
C VAL A 384 -14.39 -3.25 -7.91
N VAL A 385 -13.56 -4.21 -7.46
CA VAL A 385 -13.25 -4.30 -6.04
C VAL A 385 -12.52 -3.06 -5.57
N ILE A 386 -11.47 -2.65 -6.30
CA ILE A 386 -10.66 -1.52 -5.88
C ILE A 386 -11.47 -0.24 -5.86
N PHE A 387 -12.33 -0.02 -6.85
CA PHE A 387 -13.08 1.21 -6.92
C PHE A 387 -14.42 1.18 -6.20
N LEU A 388 -14.80 0.04 -5.61
CA LEU A 388 -16.05 -0.02 -4.87
C LEU A 388 -15.85 -0.30 -3.39
N GLY A 389 -14.95 -1.19 -3.01
CA GLY A 389 -14.67 -1.38 -1.61
C GLY A 389 -13.47 -0.59 -1.15
N SER A 390 -12.33 -0.78 -1.84
CA SER A 390 -11.05 -0.30 -1.32
C SER A 390 -11.01 1.21 -1.16
N PHE A 391 -11.81 1.94 -1.94
CA PHE A 391 -11.86 3.38 -1.79
C PHE A 391 -13.11 3.85 -1.06
N TYR A 392 -14.28 3.31 -1.43
CA TYR A 392 -15.53 3.79 -0.85
C TYR A 392 -15.65 3.44 0.63
N LEU A 393 -15.27 2.21 1.02
CA LEU A 393 -15.38 1.82 2.42
C LEU A 393 -14.41 2.61 3.29
N ILE A 394 -13.18 2.81 2.81
CA ILE A 394 -12.21 3.60 3.56
C ILE A 394 -12.68 5.03 3.70
N ASN A 395 -13.24 5.61 2.64
CA ASN A 395 -13.74 6.97 2.73
C ASN A 395 -14.95 7.06 3.67
N LEU A 396 -15.78 6.01 3.69
CA LEU A 396 -16.89 5.98 4.65
C LEU A 396 -16.38 5.94 6.09
N ILE A 397 -15.36 5.12 6.35
CA ILE A 397 -14.79 5.06 7.69
C ILE A 397 -14.24 6.42 8.08
N LEU A 398 -13.50 7.06 7.16
CA LEU A 398 -12.93 8.37 7.44
C LEU A 398 -14.01 9.40 7.72
N ALA A 399 -15.08 9.39 6.93
CA ALA A 399 -16.17 10.35 7.12
C ALA A 399 -16.86 10.14 8.46
N VAL A 400 -17.11 8.89 8.84
CA VAL A 400 -17.81 8.62 10.09
C VAL A 400 -16.96 9.03 11.28
N VAL A 401 -15.66 8.73 11.24
CA VAL A 401 -14.78 9.16 12.32
C VAL A 401 -14.70 10.68 12.37
N ALA A 402 -14.73 11.33 11.20
CA ALA A 402 -14.69 12.79 11.16
C ALA A 402 -15.92 13.39 11.83
N MET A 403 -17.10 12.85 11.55
CA MET A 403 -18.30 13.37 12.20
C MET A 403 -18.31 13.08 13.69
N ALA A 404 -17.81 11.92 14.10
CA ALA A 404 -17.72 11.63 15.53
C ALA A 404 -16.83 12.66 16.22
N TYR A 405 -15.68 12.97 15.62
CA TYR A 405 -14.80 13.97 16.21
C TYR A 405 -15.45 15.35 16.20
N GLU A 406 -16.21 15.69 15.17
CA GLU A 406 -16.77 17.07 15.15
C GLU A 406 -17.90 17.16 16.18
N GLU A 407 -18.67 16.10 16.38
CA GLU A 407 -19.67 16.17 17.45
C GLU A 407 -19.02 16.26 18.82
N GLN A 408 -17.95 15.48 19.05
CA GLN A 408 -17.25 15.57 20.33
C GLN A 408 -16.69 16.97 20.56
N ASN A 409 -16.09 17.56 19.51
CA ASN A 409 -15.52 18.90 19.62
C ASN A 409 -16.59 19.95 19.84
N GLN A 410 -17.74 19.82 19.17
CA GLN A 410 -18.83 20.76 19.39
C GLN A 410 -19.36 20.68 20.81
N ALA A 411 -19.50 19.46 21.34
CA ALA A 411 -19.93 19.31 22.73
C ALA A 411 -18.92 19.95 23.68
N ASN A 412 -17.63 19.75 23.42
CA ASN A 412 -16.59 20.35 24.25
C ASN A 412 -16.66 21.87 24.21
N ILE A 413 -16.85 22.43 23.02
CA ILE A 413 -16.94 23.89 22.88
C ILE A 413 -18.17 24.42 23.60
N GLU A 414 -19.29 23.73 23.48
CA GLU A 414 -20.51 24.18 24.16
C GLU A 414 -20.33 24.15 25.67
N GLU A 415 -19.71 23.08 26.20
CA GLU A 415 -19.49 23.01 27.64
C GLU A 415 -18.51 24.07 28.11
N ALA A 416 -17.48 24.36 27.30
CA ALA A 416 -16.55 25.43 27.65
C ALA A 416 -17.25 26.78 27.67
N LYS A 417 -18.15 27.03 26.70
CA LYS A 417 -18.91 28.27 26.69
C LYS A 417 -19.81 28.37 27.92
N GLN A 418 -20.46 27.28 28.30
CA GLN A 418 -21.30 27.28 29.49
C GLN A 418 -20.46 27.39 30.75
N PRO A 728 28.15 54.06 31.49
CA PRO A 728 28.49 55.35 30.88
C PRO A 728 28.81 55.22 29.40
N TYR A 729 29.91 54.54 29.09
CA TYR A 729 30.32 54.33 27.71
C TYR A 729 29.57 53.20 27.02
N TRP A 730 28.86 52.36 27.78
CA TRP A 730 28.18 51.21 27.19
C TRP A 730 26.90 51.61 26.45
N ILE A 731 26.21 52.65 26.93
CA ILE A 731 24.94 53.04 26.32
C ILE A 731 25.14 53.55 24.89
N LYS A 732 26.27 54.20 24.62
CA LYS A 732 26.56 54.66 23.26
C LYS A 732 26.56 53.48 22.28
N PHE A 733 27.33 52.44 22.60
CA PHE A 733 27.36 51.26 21.75
C PHE A 733 26.02 50.54 21.73
N LYS A 734 25.32 50.48 22.86
CA LYS A 734 24.02 49.84 22.88
C LYS A 734 23.07 50.50 21.89
N LYS A 735 22.95 51.82 21.95
CA LYS A 735 22.04 52.51 21.03
C LYS A 735 22.53 52.43 19.59
N CYS A 736 23.84 52.53 19.36
CA CYS A 736 24.36 52.46 18.00
C CYS A 736 24.05 51.11 17.35
N ILE A 737 24.32 50.02 18.07
CA ILE A 737 24.04 48.71 17.52
C ILE A 737 22.55 48.41 17.47
N TYR A 738 21.74 49.04 18.33
CA TYR A 738 20.30 48.92 18.16
C TYR A 738 19.85 49.58 16.86
N PHE A 739 20.44 50.73 16.53
CA PHE A 739 20.15 51.35 15.23
C PHE A 739 20.59 50.46 14.09
N ILE A 740 21.77 49.85 14.21
CA ILE A 740 22.38 49.14 13.08
C ILE A 740 21.69 47.81 12.84
N VAL A 741 21.54 46.99 13.89
CA VAL A 741 21.19 45.58 13.70
C VAL A 741 19.68 45.36 13.66
N MET A 742 18.88 46.30 14.16
CA MET A 742 17.43 46.13 14.16
C MET A 742 16.76 46.78 12.96
N ASP A 743 17.53 47.27 12.00
CA ASP A 743 16.94 47.84 10.79
C ASP A 743 16.21 46.76 10.01
N PRO A 744 15.08 47.10 9.37
CA PRO A 744 14.35 46.10 8.59
C PRO A 744 15.17 45.47 7.46
N PHE A 745 16.16 46.19 6.91
CA PHE A 745 16.97 45.62 5.85
C PHE A 745 17.85 44.47 6.35
N VAL A 746 18.20 44.48 7.64
CA VAL A 746 19.04 43.42 8.19
C VAL A 746 18.32 42.08 8.11
N ASP A 747 17.02 42.06 8.41
CA ASP A 747 16.26 40.81 8.34
C ASP A 747 16.19 40.29 6.91
N LEU A 748 16.02 41.19 5.94
CA LEU A 748 16.02 40.77 4.54
C LEU A 748 17.36 40.19 4.14
N ALA A 749 18.45 40.84 4.56
CA ALA A 749 19.78 40.31 4.26
C ALA A 749 19.98 38.93 4.87
N ILE A 750 19.50 38.75 6.11
CA ILE A 750 19.67 37.46 6.79
C ILE A 750 18.83 36.38 6.11
N THR A 751 17.62 36.73 5.66
CA THR A 751 16.80 35.76 4.93
C THR A 751 17.47 35.36 3.62
N ILE A 752 18.04 36.34 2.90
CA ILE A 752 18.78 36.02 1.68
C ILE A 752 19.95 35.10 1.99
N CYS A 753 20.65 35.37 3.09
CA CYS A 753 21.78 34.52 3.48
C CYS A 753 21.31 33.10 3.80
N ILE A 754 20.16 32.97 4.46
CA ILE A 754 19.63 31.65 4.78
C ILE A 754 19.34 30.87 3.51
N VAL A 755 18.67 31.51 2.55
CA VAL A 755 18.34 30.83 1.30
C VAL A 755 19.61 30.45 0.54
N LEU A 756 20.59 31.37 0.50
CA LEU A 756 21.84 31.08 -0.18
C LEU A 756 22.58 29.93 0.48
N ASN A 757 22.59 29.88 1.81
CA ASN A 757 23.27 28.80 2.51
C ASN A 757 22.60 27.46 2.24
N THR A 758 21.27 27.43 2.19
CA THR A 758 20.58 26.18 1.89
C THR A 758 20.88 25.73 0.46
N LEU A 759 20.81 26.65 -0.50
CA LEU A 759 21.15 26.32 -1.88
C LEU A 759 22.60 25.89 -2.04
N PHE A 760 23.51 26.42 -1.23
CA PHE A 760 24.91 26.04 -1.23
C PHE A 760 25.13 24.66 -0.62
N MET A 761 24.38 24.33 0.42
CA MET A 761 24.45 23.00 1.01
C MET A 761 23.85 21.94 0.09
N ALA A 762 22.88 22.32 -0.74
CA ALA A 762 22.25 21.38 -1.67
C ALA A 762 23.11 21.09 -2.88
N MET A 763 24.39 21.48 -2.87
CA MET A 763 25.29 21.26 -4.00
C MET A 763 26.32 20.18 -3.70
N GLU A 764 25.98 19.24 -2.83
CA GLU A 764 26.86 18.15 -2.45
C GLU A 764 26.45 16.87 -3.17
N HIS A 765 27.45 16.15 -3.70
CA HIS A 765 27.22 14.89 -4.39
C HIS A 765 28.35 13.92 -4.00
N HIS A 766 28.23 12.67 -4.44
CA HIS A 766 29.23 11.67 -4.06
C HIS A 766 30.54 11.92 -4.79
N PRO A 767 30.61 11.84 -6.14
CA PRO A 767 31.94 11.98 -6.74
C PRO A 767 32.37 13.44 -6.82
N MET A 768 32.64 14.01 -5.65
CA MET A 768 33.00 15.42 -5.52
C MET A 768 34.51 15.57 -5.46
N THR A 769 35.06 16.43 -6.30
CA THR A 769 36.49 16.64 -6.33
C THR A 769 36.94 17.44 -5.12
N GLU A 770 38.26 17.43 -4.88
CA GLU A 770 38.81 18.06 -3.69
C GLU A 770 38.60 19.57 -3.70
N GLU A 771 38.73 20.21 -4.88
CA GLU A 771 38.52 21.65 -4.94
C GLU A 771 37.06 22.01 -4.65
N PHE A 772 36.12 21.20 -5.15
CA PHE A 772 34.71 21.43 -4.83
C PHE A 772 34.45 21.25 -3.34
N LYS A 773 35.05 20.23 -2.72
CA LYS A 773 34.90 20.05 -1.29
C LYS A 773 35.47 21.25 -0.53
N ASN A 774 36.61 21.77 -0.98
CA ASN A 774 37.22 22.93 -0.34
C ASN A 774 36.32 24.16 -0.44
N VAL A 775 35.75 24.41 -1.62
CA VAL A 775 34.92 25.60 -1.77
C VAL A 775 33.65 25.47 -0.95
N LEU A 776 33.10 24.25 -0.86
CA LEU A 776 31.93 24.07 0.01
C LEU A 776 32.26 24.32 1.47
N ALA A 777 33.42 23.82 1.92
CA ALA A 777 33.83 24.06 3.30
C ALA A 777 34.02 25.55 3.58
N ILE A 778 34.66 26.26 2.64
CA ILE A 778 34.88 27.69 2.82
C ILE A 778 33.56 28.45 2.88
N GLY A 779 32.63 28.09 1.98
CA GLY A 779 31.34 28.76 1.99
C GLY A 779 30.57 28.53 3.29
N ASN A 780 30.57 27.28 3.77
CA ASN A 780 29.87 27.00 5.02
C ASN A 780 30.52 27.73 6.19
N LEU A 781 31.85 27.81 6.21
CA LEU A 781 32.54 28.56 7.26
C LEU A 781 32.13 30.04 7.22
N VAL A 782 32.08 30.61 6.01
CA VAL A 782 31.68 32.01 5.89
C VAL A 782 30.25 32.22 6.41
N PHE A 783 29.35 31.29 6.06
CA PHE A 783 27.96 31.44 6.48
C PHE A 783 27.81 31.33 8.00
N THR A 784 28.48 30.36 8.62
CA THR A 784 28.36 30.27 10.08
C THR A 784 29.01 31.46 10.76
N GLY A 785 30.08 32.00 10.17
CA GLY A 785 30.66 33.22 10.71
C GLY A 785 29.70 34.39 10.64
N ILE A 786 28.99 34.52 9.51
CA ILE A 786 28.02 35.61 9.37
C ILE A 786 26.91 35.47 10.41
N PHE A 787 26.39 34.26 10.57
CA PHE A 787 25.32 34.06 11.54
C PHE A 787 25.78 34.32 12.97
N ALA A 788 27.00 33.88 13.31
CA ALA A 788 27.54 34.14 14.64
C ALA A 788 27.75 35.63 14.88
N ALA A 789 28.23 36.34 13.86
CA ALA A 789 28.40 37.79 13.98
C ALA A 789 27.06 38.48 14.20
N GLU A 790 26.01 38.04 13.48
CA GLU A 790 24.69 38.61 13.71
C GLU A 790 24.21 38.31 15.12
N MET A 791 24.51 37.13 15.63
CA MET A 791 24.14 36.71 17.00
C MET A 791 24.84 37.61 18.01
N VAL A 792 26.12 37.93 17.80
CA VAL A 792 26.87 38.79 18.72
C VAL A 792 26.37 40.23 18.65
N LEU A 793 26.10 40.72 17.44
CA LEU A 793 25.59 42.08 17.29
C LEU A 793 24.23 42.24 17.96
N LYS A 794 23.34 41.26 17.79
CA LYS A 794 22.04 41.34 18.44
C LYS A 794 22.12 41.17 19.96
N LEU A 795 23.10 40.44 20.47
CA LEU A 795 23.28 40.31 21.91
C LEU A 795 23.96 41.52 22.53
N ILE A 796 24.72 42.30 21.76
CA ILE A 796 25.26 43.54 22.29
C ILE A 796 24.34 44.73 22.05
N ALA A 797 23.38 44.61 21.12
CA ALA A 797 22.40 45.68 20.93
C ALA A 797 21.37 45.75 22.05
N MET A 798 20.98 44.61 22.61
CA MET A 798 20.13 44.60 23.80
C MET A 798 20.59 43.49 24.72
N ASP A 799 20.29 43.66 26.01
CA ASP A 799 20.79 42.75 27.03
C ASP A 799 20.20 41.36 26.84
N PRO A 800 20.89 40.33 27.33
CA PRO A 800 20.34 38.96 27.22
C PRO A 800 19.00 38.81 27.89
N TYR A 801 18.71 39.59 28.94
CA TYR A 801 17.40 39.54 29.57
C TYR A 801 16.28 39.82 28.59
N GLU A 802 16.53 40.68 27.59
CA GLU A 802 15.56 40.94 26.53
C GLU A 802 15.78 40.09 25.29
N TYR A 803 17.00 39.62 25.06
CA TYR A 803 17.26 38.79 23.88
C TYR A 803 16.61 37.42 24.03
N PHE A 804 16.81 36.79 25.19
CA PHE A 804 16.38 35.41 25.41
C PHE A 804 14.90 35.30 25.73
N GLN A 805 14.14 36.37 25.48
CA GLN A 805 12.70 36.40 25.74
C GLN A 805 11.86 35.97 24.54
N VAL A 806 12.50 35.68 23.40
CA VAL A 806 11.78 35.37 22.17
C VAL A 806 12.18 33.98 21.70
N GLY A 807 11.19 33.17 21.34
CA GLY A 807 11.45 31.81 20.90
C GLY A 807 12.31 31.73 19.65
N TRP A 808 12.11 32.68 18.73
CA TRP A 808 12.96 32.70 17.54
C TRP A 808 14.42 32.94 17.89
N ASN A 809 14.67 33.85 18.83
CA ASN A 809 16.05 34.10 19.25
C ASN A 809 16.62 32.89 19.98
N ILE A 810 15.81 32.20 20.78
CA ILE A 810 16.27 30.96 21.41
C ILE A 810 16.64 29.92 20.36
N PHE A 811 15.78 29.76 19.35
CA PHE A 811 16.01 28.80 18.28
C PHE A 811 17.31 29.10 17.53
N ASP A 812 17.48 30.36 17.14
CA ASP A 812 18.71 30.75 16.43
C ASP A 812 19.92 30.58 17.33
N SER A 813 19.78 30.86 18.63
CA SER A 813 20.90 30.68 19.55
C SER A 813 21.34 29.22 19.61
N LEU A 814 20.37 28.31 19.70
CA LEU A 814 20.69 26.89 19.70
C LEU A 814 21.39 26.49 18.40
N ILE A 815 20.89 26.98 17.27
CA ILE A 815 21.48 26.61 15.99
C ILE A 815 22.92 27.12 15.88
N VAL A 816 23.16 28.38 16.26
CA VAL A 816 24.50 28.93 16.17
C VAL A 816 25.46 28.22 17.12
N THR A 817 25.02 27.92 18.34
CA THR A 817 25.95 27.25 19.25
C THR A 817 26.25 25.82 18.78
N LEU A 818 25.28 25.13 18.20
CA LEU A 818 25.56 23.80 17.66
C LEU A 818 26.50 23.89 16.46
N SER A 819 26.32 24.92 15.62
CA SER A 819 27.23 25.11 14.50
C SER A 819 28.66 25.36 14.99
N LEU A 820 28.81 26.17 16.03
CA LEU A 820 30.14 26.43 16.59
C LEU A 820 30.74 25.16 17.17
N VAL A 821 29.92 24.35 17.85
CA VAL A 821 30.42 23.09 18.41
C VAL A 821 30.91 22.18 17.29
N GLU A 822 30.13 22.06 16.22
CA GLU A 822 30.53 21.22 15.10
C GLU A 822 31.79 21.75 14.42
N LEU A 823 31.90 23.07 14.28
CA LEU A 823 33.10 23.65 13.69
C LEU A 823 34.33 23.37 14.53
N PHE A 824 34.20 23.49 15.86
CA PHE A 824 35.33 23.19 16.73
C PHE A 824 35.71 21.72 16.66
N LEU A 825 34.71 20.83 16.61
CA LEU A 825 34.98 19.40 16.50
C LEU A 825 35.43 19.03 15.09
N LEU A 831 30.27 16.89 12.82
CA LEU A 831 29.88 15.66 12.16
C LEU A 831 28.88 15.93 11.04
N SER A 832 28.42 14.86 10.39
CA SER A 832 27.43 15.00 9.33
C SER A 832 26.10 15.50 9.88
N VAL A 833 25.68 14.98 11.04
CA VAL A 833 24.39 15.35 11.60
C VAL A 833 24.39 16.82 12.03
N LEU A 834 25.40 17.23 12.77
CA LEU A 834 25.49 18.61 13.22
C LEU A 834 25.64 19.57 12.04
N ARG A 835 26.22 19.10 10.93
CA ARG A 835 26.24 19.89 9.71
C ARG A 835 24.85 20.09 9.15
N SER A 836 23.99 19.07 9.24
CA SER A 836 22.63 19.19 8.76
C SER A 836 21.70 19.90 9.74
N PHE A 837 22.14 20.10 10.98
CA PHE A 837 21.28 20.79 11.95
C PHE A 837 20.97 22.23 11.54
N ARG A 838 21.92 22.91 10.89
CA ARG A 838 21.71 24.30 10.50
C ARG A 838 20.59 24.44 9.47
N LEU A 839 20.17 23.33 8.85
CA LEU A 839 19.12 23.39 7.84
C LEU A 839 17.78 23.81 8.41
N LEU A 840 17.60 23.72 9.72
CA LEU A 840 16.30 24.09 10.31
C LEU A 840 16.06 25.60 10.27
N ARG A 841 17.07 26.39 9.92
CA ARG A 841 16.89 27.84 9.82
C ARG A 841 15.94 28.24 8.70
N VAL A 842 15.61 27.31 7.78
CA VAL A 842 14.71 27.66 6.69
C VAL A 842 13.31 27.96 7.18
N PHE A 843 12.96 27.50 8.39
CA PHE A 843 11.63 27.77 8.92
C PHE A 843 11.43 29.22 9.32
N LYS A 844 12.48 30.04 9.32
CA LYS A 844 12.33 31.46 9.59
C LYS A 844 11.56 32.19 8.50
N LEU A 845 11.35 31.57 7.34
CA LEU A 845 10.51 32.12 6.29
C LEU A 845 9.02 31.94 6.59
N ALA A 846 8.67 31.21 7.64
CA ALA A 846 7.27 31.00 7.97
C ALA A 846 6.57 32.29 8.37
N LYS A 847 7.33 33.30 8.82
CA LYS A 847 6.72 34.59 9.16
C LYS A 847 6.07 35.22 7.94
N SER A 848 6.73 35.17 6.79
CA SER A 848 6.25 35.78 5.55
C SER A 848 5.58 34.77 4.62
N TRP A 849 5.48 33.51 5.03
CA TRP A 849 4.89 32.46 4.19
C TRP A 849 3.68 31.89 4.90
N PRO A 850 2.47 32.29 4.51
CA PRO A 850 1.26 31.83 5.25
C PRO A 850 1.09 30.32 5.25
N THR A 851 1.43 29.64 4.17
CA THR A 851 1.24 28.20 4.07
C THR A 851 2.28 27.40 4.84
N LEU A 852 3.52 27.88 4.90
CA LEU A 852 4.54 27.22 5.71
C LEU A 852 4.30 27.37 7.21
N ASN A 853 3.55 28.39 7.62
CA ASN A 853 3.14 28.51 9.01
C ASN A 853 2.13 27.44 9.39
N MET A 854 1.34 26.97 8.42
CA MET A 854 0.38 25.91 8.70
C MET A 854 1.08 24.61 9.10
N LEU A 855 2.22 24.32 8.47
CA LEU A 855 2.98 23.13 8.84
C LEU A 855 3.47 23.22 10.28
N ILE A 856 4.00 24.39 10.67
CA ILE A 856 4.44 24.58 12.04
C ILE A 856 3.27 24.46 13.01
N LYS A 857 2.11 25.00 12.62
CA LYS A 857 0.93 24.89 13.47
C LYS A 857 0.51 23.43 13.67
N ILE A 858 0.53 22.65 12.60
CA ILE A 858 0.16 21.24 12.70
C ILE A 858 1.14 20.49 13.59
N ILE A 859 2.44 20.73 13.40
CA ILE A 859 3.46 20.06 14.21
C ILE A 859 3.31 20.44 15.67
N GLY A 860 3.08 21.72 15.95
CA GLY A 860 2.91 22.16 17.33
C GLY A 860 1.67 21.59 17.97
N ASN A 861 0.58 21.48 17.19
CA ASN A 861 -0.64 20.86 17.72
C ASN A 861 -0.42 19.39 18.05
N SER A 862 0.40 18.70 17.24
CA SER A 862 0.66 17.30 17.49
C SER A 862 1.26 17.05 18.87
N VAL A 863 2.02 18.02 19.40
CA VAL A 863 2.56 17.94 20.75
C VAL A 863 2.01 19.04 21.65
N GLY A 864 0.95 19.70 21.24
CA GLY A 864 0.32 20.73 22.04
C GLY A 864 -1.02 20.32 22.58
N ALA A 865 -2.09 20.73 21.89
CA ALA A 865 -3.44 20.34 22.31
C ALA A 865 -3.62 18.83 22.23
N LEU A 866 -3.04 18.19 21.21
CA LEU A 866 -3.19 16.76 20.99
C LEU A 866 -1.99 15.97 21.49
N GLY A 867 -1.24 16.53 22.44
CA GLY A 867 -0.11 15.81 23.01
C GLY A 867 -0.55 14.53 23.71
N ASN A 868 -1.73 14.55 24.33
CA ASN A 868 -2.23 13.35 24.98
C ASN A 868 -2.57 12.26 23.96
N LEU A 869 -3.15 12.66 22.82
CA LEU A 869 -3.41 11.67 21.76
C LEU A 869 -2.11 11.09 21.23
N THR A 870 -1.09 11.93 21.02
CA THR A 870 0.19 11.43 20.58
C THR A 870 0.80 10.48 21.60
N LEU A 871 0.68 10.82 22.89
CA LEU A 871 1.22 9.98 23.95
C LEU A 871 0.50 8.63 24.01
N VAL A 872 -0.82 8.65 23.83
CA VAL A 872 -1.57 7.38 23.79
C VAL A 872 -1.12 6.53 22.62
N LEU A 873 -0.90 7.16 21.47
CA LEU A 873 -0.40 6.41 20.31
C LEU A 873 0.96 5.78 20.62
N ALA A 874 1.86 6.54 21.23
CA ALA A 874 3.19 6.03 21.55
C ALA A 874 3.10 4.87 22.54
N ILE A 875 2.25 4.99 23.56
CA ILE A 875 2.08 3.92 24.54
C ILE A 875 1.54 2.66 23.86
N ILE A 876 0.56 2.82 22.98
CA ILE A 876 -0.01 1.68 22.28
C ILE A 876 1.04 0.99 21.42
N VAL A 877 1.85 1.77 20.71
CA VAL A 877 2.89 1.18 19.86
C VAL A 877 3.91 0.44 20.70
N PHE A 878 4.32 1.02 21.83
CA PHE A 878 5.26 0.35 22.72
C PHE A 878 4.69 -0.97 23.23
N ILE A 879 3.42 -0.96 23.65
CA ILE A 879 2.80 -2.17 24.18
C ILE A 879 2.74 -3.24 23.12
N PHE A 880 2.37 -2.86 21.89
CA PHE A 880 2.28 -3.84 20.81
C PHE A 880 3.64 -4.42 20.47
N ALA A 881 4.68 -3.59 20.43
CA ALA A 881 6.01 -4.09 20.14
C ALA A 881 6.47 -5.08 21.21
N VAL A 882 6.25 -4.73 22.47
CA VAL A 882 6.67 -5.61 23.56
C VAL A 882 5.90 -6.92 23.53
N VAL A 883 4.59 -6.86 23.28
CA VAL A 883 3.77 -8.07 23.23
C VAL A 883 4.23 -8.97 22.10
N GLY A 884 4.47 -8.40 20.91
CA GLY A 884 4.93 -9.19 19.79
C GLY A 884 6.28 -9.84 20.06
N MET A 885 7.21 -9.08 20.65
CA MET A 885 8.51 -9.66 20.97
C MET A 885 8.36 -10.80 21.96
N GLN A 886 7.63 -10.59 23.05
CA GLN A 886 7.48 -11.62 24.07
C GLN A 886 6.83 -12.86 23.52
N LEU A 887 5.84 -12.70 22.63
CA LEU A 887 5.13 -13.87 22.11
C LEU A 887 5.95 -14.64 21.09
N PHE A 888 6.62 -13.95 20.16
CA PHE A 888 7.15 -14.61 18.98
C PHE A 888 8.68 -14.55 18.83
N GLY A 889 9.41 -13.95 19.77
CA GLY A 889 10.84 -13.80 19.59
C GLY A 889 11.59 -15.11 19.60
N LYS A 890 11.28 -16.00 20.53
CA LYS A 890 11.96 -17.29 20.59
C LYS A 890 11.61 -18.12 19.37
N SER A 891 10.36 -18.07 18.92
CA SER A 891 9.96 -18.82 17.73
C SER A 891 10.72 -18.34 16.50
N TYR A 892 10.87 -17.02 16.35
CA TYR A 892 11.61 -16.49 15.21
C TYR A 892 13.04 -17.01 15.15
N LYS A 893 13.62 -17.38 16.29
CA LYS A 893 14.98 -17.89 16.32
C LYS A 893 15.06 -19.41 16.20
N GLU A 894 14.10 -20.14 16.78
CA GLU A 894 14.10 -21.58 16.64
C GLU A 894 13.71 -22.00 15.23
N CYS A 895 12.57 -21.53 14.75
CA CYS A 895 12.06 -21.92 13.43
C CYS A 895 12.54 -20.95 12.35
N VAL A 896 13.85 -20.73 12.27
CA VAL A 896 14.37 -19.74 11.35
C VAL A 896 14.65 -20.34 9.97
N CYS A 897 14.93 -21.64 9.92
CA CYS A 897 15.15 -22.30 8.62
C CYS A 897 13.86 -22.52 7.86
N LYS A 898 12.70 -22.34 8.50
CA LYS A 898 11.43 -22.39 7.81
C LYS A 898 11.14 -21.12 7.01
N ILE A 899 11.79 -20.02 7.34
CA ILE A 899 11.55 -18.74 6.68
C ILE A 899 12.78 -18.17 6.01
N ASN A 900 13.97 -18.74 6.24
CA ASN A 900 15.18 -18.27 5.57
C ASN A 900 16.03 -19.47 5.20
N ASP A 901 16.49 -19.50 3.94
CA ASP A 901 17.24 -20.65 3.46
C ASP A 901 18.60 -20.76 4.16
N ASP A 902 19.24 -19.62 4.45
CA ASP A 902 20.54 -19.62 5.11
C ASP A 902 20.46 -19.93 6.60
N CYS A 903 19.25 -20.15 7.13
CA CYS A 903 19.05 -20.38 8.56
C CYS A 903 19.56 -19.22 9.39
N THR A 904 19.35 -18.00 8.89
CA THR A 904 19.66 -16.77 9.60
C THR A 904 18.40 -15.93 9.67
N LEU A 905 18.36 -15.03 10.65
CA LEU A 905 17.15 -14.24 10.87
C LEU A 905 16.88 -13.35 9.67
N PRO A 906 15.62 -13.21 9.24
CA PRO A 906 15.33 -12.37 8.07
C PRO A 906 15.51 -10.89 8.36
N ARG A 907 15.20 -10.04 7.36
CA ARG A 907 15.34 -8.61 7.56
C ARG A 907 14.35 -8.10 8.60
N TRP A 908 13.11 -8.60 8.57
CA TRP A 908 12.06 -8.18 9.48
C TRP A 908 11.70 -9.35 10.39
N HIS A 909 11.96 -9.20 11.68
CA HIS A 909 11.65 -10.24 12.65
C HIS A 909 11.24 -9.57 13.95
N MET A 910 10.95 -10.39 14.97
CA MET A 910 10.53 -9.93 16.27
C MET A 910 11.36 -10.58 17.37
N ASN A 911 12.63 -10.84 17.08
CA ASN A 911 13.52 -11.44 18.07
C ASN A 911 13.97 -10.45 19.14
N ASP A 912 13.95 -9.15 18.86
CA ASP A 912 14.32 -8.15 19.84
C ASP A 912 13.41 -6.94 19.69
N PHE A 913 13.56 -6.00 20.64
CA PHE A 913 12.60 -4.91 20.75
C PHE A 913 12.64 -3.98 19.54
N PHE A 914 13.84 -3.66 19.04
CA PHE A 914 13.92 -2.70 17.94
C PHE A 914 13.26 -3.25 16.69
N HIS A 915 13.48 -4.53 16.38
CA HIS A 915 12.87 -5.12 15.19
C HIS A 915 11.38 -5.35 15.40
N SER A 916 10.94 -5.67 16.62
CA SER A 916 9.51 -5.74 16.88
C SER A 916 8.84 -4.39 16.66
N PHE A 917 9.46 -3.32 17.16
CA PHE A 917 8.92 -1.98 16.93
C PHE A 917 8.91 -1.64 15.45
N LEU A 918 9.94 -2.04 14.72
CA LEU A 918 9.96 -1.79 13.28
C LEU A 918 8.81 -2.51 12.59
N ILE A 919 8.52 -3.74 12.99
CA ILE A 919 7.40 -4.47 12.41
C ILE A 919 6.09 -3.76 12.71
N VAL A 920 5.91 -3.31 13.95
CA VAL A 920 4.66 -2.63 14.31
C VAL A 920 4.52 -1.32 13.53
N PHE A 921 5.61 -0.55 13.41
CA PHE A 921 5.59 0.69 12.66
C PHE A 921 5.29 0.43 11.19
N ARG A 922 5.84 -0.64 10.63
CA ARG A 922 5.54 -1.00 9.24
C ARG A 922 4.07 -1.36 9.07
N VAL A 923 3.50 -2.07 10.04
CA VAL A 923 2.08 -2.38 9.99
C VAL A 923 1.26 -1.10 10.00
N LEU A 924 1.63 -0.14 10.86
CA LEU A 924 0.94 1.13 10.89
C LEU A 924 1.09 1.88 9.56
N CYS A 925 2.26 1.75 8.94
CA CYS A 925 2.45 2.33 7.60
C CYS A 925 1.54 1.66 6.58
N GLY A 926 1.22 0.38 6.77
CA GLY A 926 0.23 -0.29 5.95
C GLY A 926 0.73 -1.53 5.25
N GLU A 927 1.80 -2.13 5.75
CA GLU A 927 2.38 -3.36 5.20
C GLU A 927 2.35 -4.41 6.29
N TRP A 928 1.41 -5.35 6.21
CA TRP A 928 1.19 -6.31 7.28
C TRP A 928 1.13 -7.76 6.84
N ILE A 929 1.15 -8.05 5.54
CA ILE A 929 0.93 -9.41 5.05
C ILE A 929 2.24 -10.17 4.85
N GLU A 930 3.29 -9.51 4.34
CA GLU A 930 4.55 -10.20 4.09
C GLU A 930 5.19 -10.64 5.41
N THR A 931 5.15 -9.79 6.42
CA THR A 931 5.68 -10.18 7.72
C THR A 931 4.76 -11.17 8.42
N MET A 932 3.45 -11.06 8.19
CA MET A 932 2.51 -12.00 8.81
C MET A 932 2.67 -13.41 8.25
N TRP A 933 3.08 -13.54 6.99
CA TRP A 933 3.34 -14.88 6.45
C TRP A 933 4.45 -15.57 7.24
N ASP A 934 5.56 -14.86 7.48
CA ASP A 934 6.66 -15.43 8.25
C ASP A 934 6.25 -15.66 9.70
N CYS A 935 5.48 -14.73 10.27
CA CYS A 935 4.94 -14.92 11.60
C CYS A 935 4.17 -16.22 11.70
N MET A 936 3.25 -16.46 10.76
CA MET A 936 2.47 -17.67 10.77
C MET A 936 3.37 -18.89 10.64
N GLU A 937 4.31 -18.86 9.69
CA GLU A 937 5.21 -19.99 9.47
C GLU A 937 5.96 -20.36 10.73
N VAL A 938 6.40 -19.38 11.51
CA VAL A 938 7.18 -19.71 12.69
C VAL A 938 6.31 -20.02 13.92
N ALA A 939 5.20 -19.33 14.11
CA ALA A 939 4.51 -19.40 15.39
C ALA A 939 2.99 -19.40 15.24
N GLY A 940 2.47 -20.14 14.27
CA GLY A 940 1.04 -20.43 14.31
C GLY A 940 0.09 -19.37 13.79
N GLN A 941 -0.83 -19.84 12.93
CA GLN A 941 -1.78 -18.97 12.27
C GLN A 941 -2.67 -18.25 13.27
N ALA A 942 -3.21 -18.97 14.25
CA ALA A 942 -4.17 -18.38 15.17
C ALA A 942 -3.55 -17.22 15.94
N MET A 943 -2.39 -17.45 16.56
CA MET A 943 -1.76 -16.42 17.36
C MET A 943 -1.35 -15.23 16.49
N CYS A 944 -0.69 -15.50 15.36
CA CYS A 944 -0.22 -14.38 14.55
C CYS A 944 -1.38 -13.58 13.98
N LEU A 945 -2.46 -14.25 13.55
CA LEU A 945 -3.62 -13.55 13.03
C LEU A 945 -4.27 -12.69 14.10
N ILE A 946 -4.45 -13.24 15.31
CA ILE A 946 -5.10 -12.46 16.37
C ILE A 946 -4.29 -11.21 16.67
N VAL A 947 -2.97 -11.38 16.86
CA VAL A 947 -2.13 -10.25 17.24
C VAL A 947 -2.10 -9.21 16.12
N TYR A 948 -1.94 -9.66 14.87
CA TYR A 948 -1.84 -8.72 13.76
C TYR A 948 -3.15 -7.98 13.54
N MET A 949 -4.28 -8.66 13.66
CA MET A 949 -5.57 -7.98 13.50
C MET A 949 -5.78 -6.96 14.61
N MET A 950 -5.42 -7.32 15.85
CA MET A 950 -5.54 -6.35 16.95
C MET A 950 -4.68 -5.12 16.67
N VAL A 951 -3.43 -5.34 16.28
CA VAL A 951 -2.53 -4.23 16.00
C VAL A 951 -3.11 -3.35 14.90
N MET A 952 -3.53 -3.97 13.79
CA MET A 952 -4.08 -3.21 12.67
C MET A 952 -5.26 -2.36 13.12
N VAL A 953 -6.26 -2.99 13.76
CA VAL A 953 -7.49 -2.28 14.08
C VAL A 953 -7.22 -1.15 15.05
N ILE A 954 -6.55 -1.43 16.17
CA ILE A 954 -6.39 -0.42 17.20
C ILE A 954 -5.44 0.68 16.74
N GLY A 955 -4.30 0.31 16.15
CA GLY A 955 -3.35 1.31 15.70
C GLY A 955 -3.92 2.20 14.62
N ASN A 956 -4.65 1.63 13.66
CA ASN A 956 -5.23 2.46 12.61
C ASN A 956 -6.36 3.33 13.15
N LEU A 957 -7.14 2.83 14.11
CA LEU A 957 -8.14 3.67 14.74
C LEU A 957 -7.50 4.89 15.39
N VAL A 958 -6.44 4.68 16.17
CA VAL A 958 -5.82 5.78 16.87
C VAL A 958 -5.11 6.73 15.90
N VAL A 959 -4.42 6.19 14.91
CA VAL A 959 -3.71 7.03 13.94
C VAL A 959 -4.68 7.86 13.14
N LEU A 960 -5.80 7.26 12.70
CA LEU A 960 -6.80 8.02 11.95
C LEU A 960 -7.46 9.07 12.82
N ASN A 961 -7.72 8.76 14.10
CA ASN A 961 -8.27 9.75 15.01
C ASN A 961 -7.33 10.93 15.15
N LEU A 962 -6.03 10.67 15.34
CA LEU A 962 -5.06 11.75 15.47
C LEU A 962 -4.97 12.56 14.18
N PHE A 963 -4.98 11.88 13.02
CA PHE A 963 -4.90 12.57 11.74
C PHE A 963 -6.08 13.52 11.55
N LEU A 964 -7.30 13.02 11.76
CA LEU A 964 -8.47 13.86 11.58
C LEU A 964 -8.55 14.96 12.63
N ALA A 965 -8.13 14.68 13.87
CA ALA A 965 -8.12 15.71 14.90
C ALA A 965 -7.15 16.84 14.52
N LEU A 966 -5.95 16.48 14.08
CA LEU A 966 -5.00 17.48 13.64
C LEU A 966 -5.56 18.30 12.48
N LEU A 967 -6.13 17.62 11.48
CA LEU A 967 -6.65 18.31 10.31
C LEU A 967 -7.74 19.31 10.70
N LEU A 968 -8.76 18.84 11.40
CA LEU A 968 -9.89 19.70 11.73
C LEU A 968 -9.49 20.80 12.69
N SER A 969 -8.68 20.50 13.71
CA SER A 969 -8.26 21.52 14.65
C SER A 969 -7.44 22.60 13.95
N SER A 970 -6.46 22.20 13.13
CA SER A 970 -5.56 23.17 12.52
C SER A 970 -6.26 24.00 11.46
N PHE A 971 -7.24 23.44 10.76
CA PHE A 971 -7.90 24.19 9.69
C PHE A 971 -9.24 24.77 10.11
N SER A 972 -9.68 24.58 11.35
CA SER A 972 -10.90 25.21 11.82
C SER A 972 -10.68 26.09 13.03
N SER A 973 -9.99 25.57 14.06
CA SER A 973 -9.86 26.32 15.31
C SER A 973 -8.87 27.46 15.18
N ASP A 974 -7.91 27.34 14.25
CA ASP A 974 -6.98 28.44 14.02
C ASP A 974 -7.65 29.65 13.37
N ASN A 975 -8.86 29.48 12.83
CA ASN A 975 -9.60 30.54 12.19
C ASN A 975 -10.56 31.14 13.22
N LEU A 976 -10.06 32.11 13.99
CA LEU A 976 -10.89 32.78 14.98
C LEU A 976 -10.68 34.29 15.01
N THR A 977 -9.85 34.84 14.11
CA THR A 977 -9.56 36.27 14.04
C THR A 977 -9.07 36.80 15.38
N ALA A 978 -7.91 36.24 15.79
CA ALA A 978 -7.32 36.58 17.07
C ALA A 978 -6.66 37.95 17.04
N ILE A 979 -5.71 38.14 16.13
CA ILE A 979 -4.94 39.37 16.03
C ILE A 979 -5.01 39.84 14.58
N GLU A 980 -4.84 41.16 14.39
CA GLU A 980 -4.87 41.75 13.06
C GLU A 980 -3.76 41.16 12.19
N GLU A 981 -3.93 41.32 10.88
CA GLU A 981 -2.93 40.87 9.92
C GLU A 981 -1.71 41.80 10.01
N ASP A 982 -0.60 41.26 10.53
CA ASP A 982 0.67 41.96 10.78
C ASP A 982 0.45 43.38 11.28
N PRO A 983 -0.04 43.56 12.52
CA PRO A 983 -0.23 44.91 13.05
C PRO A 983 1.07 45.68 13.08
N ASP A 984 2.09 45.10 13.73
CA ASP A 984 3.46 45.59 13.61
C ASP A 984 4.07 44.89 12.39
N ALA A 985 4.26 45.65 11.32
CA ALA A 985 4.73 45.06 10.06
C ALA A 985 6.07 44.38 10.26
N ASN A 986 6.22 43.21 9.63
CA ASN A 986 7.46 42.47 9.71
C ASN A 986 8.59 43.28 9.07
N ASN A 987 9.81 43.06 9.57
CA ASN A 987 10.96 43.77 9.03
C ASN A 987 11.14 43.53 7.55
N LEU A 988 10.82 42.33 7.07
CA LEU A 988 10.87 42.07 5.64
C LEU A 988 9.86 42.92 4.87
N GLN A 989 8.66 43.07 5.43
CA GLN A 989 7.65 43.92 4.79
C GLN A 989 8.08 45.37 4.76
N ILE A 990 8.66 45.87 5.86
CA ILE A 990 9.14 47.25 5.88
C ILE A 990 10.28 47.41 4.87
N ALA A 991 11.16 46.42 4.78
CA ALA A 991 12.27 46.48 3.83
C ALA A 991 11.78 46.54 2.40
N VAL A 992 10.81 45.69 2.04
CA VAL A 992 10.31 45.72 0.67
C VAL A 992 9.51 46.99 0.39
N THR A 993 8.82 47.53 1.40
CA THR A 993 8.15 48.81 1.22
C THR A 993 9.15 49.92 0.95
N ARG A 994 10.25 49.96 1.72
CA ARG A 994 11.29 50.95 1.47
C ARG A 994 11.93 50.74 0.09
N ILE A 995 12.11 49.48 -0.31
CA ILE A 995 12.71 49.19 -1.60
C ILE A 995 11.83 49.68 -2.73
N LYS A 996 10.52 49.44 -2.65
CA LYS A 996 9.64 49.91 -3.72
C LYS A 996 9.50 51.44 -3.70
N LYS A 997 9.54 52.05 -2.52
CA LYS A 997 9.55 53.52 -2.45
C LYS A 997 10.79 54.08 -3.12
N GLY A 998 11.96 53.47 -2.86
CA GLY A 998 13.18 53.91 -3.51
C GLY A 998 13.14 53.67 -5.01
N ILE A 999 12.53 52.57 -5.44
CA ILE A 999 12.38 52.30 -6.86
C ILE A 999 11.53 53.38 -7.52
N ASN A 1000 10.42 53.75 -6.88
CA ASN A 1000 9.58 54.82 -7.41
C ASN A 1000 10.33 56.14 -7.46
N TYR A 1001 11.08 56.45 -6.40
CA TYR A 1001 11.85 57.70 -6.38
C TYR A 1001 12.89 57.72 -7.49
N VAL A 1002 13.61 56.61 -7.68
CA VAL A 1002 14.62 56.53 -8.72
C VAL A 1002 13.97 56.66 -10.09
N LYS A 1003 12.84 56.00 -10.30
CA LYS A 1003 12.14 56.10 -11.58
C LYS A 1003 11.71 57.53 -11.87
N GLN A 1004 11.16 58.21 -10.87
CA GLN A 1004 10.72 59.59 -11.07
C GLN A 1004 11.89 60.52 -11.34
N THR A 1005 12.99 60.37 -10.58
CA THR A 1005 14.16 61.21 -10.80
C THR A 1005 14.76 60.97 -12.18
N LEU A 1006 14.86 59.70 -12.60
CA LEU A 1006 15.38 59.39 -13.91
C LEU A 1006 14.48 59.94 -15.02
N ARG A 1007 13.16 59.83 -14.85
CA ARG A 1007 12.24 60.38 -15.84
C ARG A 1007 12.42 61.89 -15.96
N GLU A 1008 12.51 62.58 -14.82
CA GLU A 1008 12.71 64.03 -14.86
C GLU A 1008 14.03 64.38 -15.53
N PHE A 1009 15.10 63.64 -15.20
CA PHE A 1009 16.41 63.94 -15.77
C PHE A 1009 16.43 63.72 -17.27
N ILE A 1010 15.85 62.61 -17.74
CA ILE A 1010 15.88 62.34 -19.18
C ILE A 1010 14.97 63.31 -19.92
N LEU A 1011 13.85 63.71 -19.31
CA LEU A 1011 12.98 64.70 -19.94
C LEU A 1011 13.68 66.05 -20.05
N LYS A 1012 14.43 66.45 -19.00
CA LYS A 1012 15.17 67.69 -19.07
C LYS A 1012 16.29 67.62 -20.10
N ALA A 1013 16.98 66.48 -20.18
CA ALA A 1013 18.08 66.35 -21.14
C ALA A 1013 17.57 66.36 -22.57
N PHE A 1014 16.45 65.68 -22.83
CA PHE A 1014 15.91 65.59 -24.18
C PHE A 1014 14.39 65.47 -24.15
N GLY A 1175 -18.70 43.79 -49.11
CA GLY A 1175 -18.62 43.81 -47.66
C GLY A 1175 -19.91 43.37 -46.98
N LYS A 1176 -21.04 43.62 -47.66
CA LYS A 1176 -22.33 43.21 -47.12
C LYS A 1176 -22.56 41.72 -47.24
N ILE A 1177 -21.84 41.03 -48.11
CA ILE A 1177 -21.96 39.58 -48.25
C ILE A 1177 -21.05 38.84 -47.27
N TRP A 1178 -19.94 39.46 -46.88
CA TRP A 1178 -19.02 38.82 -45.95
C TRP A 1178 -19.68 38.59 -44.59
N TRP A 1179 -20.53 39.52 -44.17
CA TRP A 1179 -21.25 39.34 -42.91
C TRP A 1179 -22.15 38.11 -42.96
N ASN A 1180 -22.86 37.93 -44.08
CA ASN A 1180 -23.69 36.73 -44.22
C ASN A 1180 -22.84 35.48 -44.28
N ILE A 1181 -21.65 35.56 -44.89
CA ILE A 1181 -20.75 34.40 -44.91
C ILE A 1181 -20.35 34.02 -43.49
N ARG A 1182 -20.00 35.02 -42.68
CA ARG A 1182 -19.66 34.76 -41.29
C ARG A 1182 -20.85 34.19 -40.53
N LYS A 1183 -22.04 34.71 -40.80
CA LYS A 1183 -23.24 34.23 -40.12
C LYS A 1183 -23.53 32.77 -40.45
N THR A 1184 -23.38 32.39 -41.72
CA THR A 1184 -23.66 31.00 -42.09
C THR A 1184 -22.58 30.06 -41.58
N CYS A 1185 -21.32 30.52 -41.54
CA CYS A 1185 -20.28 29.72 -40.91
C CYS A 1185 -20.60 29.48 -39.43
N TYR A 1186 -21.10 30.53 -38.75
CA TYR A 1186 -21.46 30.43 -37.31
C TYR A 1186 -22.67 29.51 -37.15
N LYS A 1187 -23.62 29.54 -38.08
CA LYS A 1187 -24.79 28.67 -38.00
C LYS A 1187 -24.42 27.21 -38.21
N ILE A 1188 -23.51 26.94 -39.13
CA ILE A 1188 -23.07 25.57 -39.36
C ILE A 1188 -22.24 25.06 -38.19
N VAL A 1189 -21.32 25.89 -37.69
CA VAL A 1189 -20.42 25.47 -36.62
C VAL A 1189 -21.18 25.18 -35.33
N GLU A 1190 -22.21 25.96 -35.02
CA GLU A 1190 -22.93 25.83 -33.75
C GLU A 1190 -24.06 24.81 -33.79
N HIS A 1191 -24.06 23.90 -34.76
CA HIS A 1191 -25.15 22.96 -34.91
C HIS A 1191 -24.86 21.63 -34.24
N SER A 1192 -25.93 20.98 -33.78
CA SER A 1192 -25.79 19.71 -33.09
C SER A 1192 -25.26 18.61 -34.00
N TRP A 1193 -25.68 18.62 -35.27
CA TRP A 1193 -25.17 17.65 -36.23
C TRP A 1193 -23.66 17.79 -36.40
N PHE A 1194 -23.19 19.03 -36.57
CA PHE A 1194 -21.75 19.28 -36.70
C PHE A 1194 -21.01 18.86 -35.44
N GLU A 1195 -21.54 19.19 -34.27
CA GLU A 1195 -20.87 18.84 -33.02
C GLU A 1195 -20.79 17.32 -32.85
N SER A 1196 -21.88 16.62 -33.16
CA SER A 1196 -21.88 15.16 -33.04
C SER A 1196 -20.90 14.52 -34.02
N PHE A 1197 -20.86 15.02 -35.25
CA PHE A 1197 -19.92 14.47 -36.23
C PHE A 1197 -18.48 14.68 -35.77
N ILE A 1198 -18.18 15.87 -35.25
CA ILE A 1198 -16.81 16.15 -34.82
C ILE A 1198 -16.44 15.31 -33.60
N VAL A 1199 -17.40 15.09 -32.70
CA VAL A 1199 -17.14 14.25 -31.52
C VAL A 1199 -16.88 12.82 -31.95
N LEU A 1200 -17.65 12.31 -32.92
CA LEU A 1200 -17.42 10.96 -33.42
C LEU A 1200 -16.05 10.85 -34.08
N MET A 1201 -15.65 11.87 -34.84
CA MET A 1201 -14.32 11.87 -35.44
C MET A 1201 -13.23 11.88 -34.38
N ILE A 1202 -13.43 12.65 -33.31
CA ILE A 1202 -12.45 12.67 -32.22
C ILE A 1202 -12.31 11.30 -31.61
N LEU A 1203 -13.44 10.63 -31.35
CA LEU A 1203 -13.39 9.30 -30.76
C LEU A 1203 -12.68 8.31 -31.69
N LEU A 1204 -12.98 8.37 -32.99
CA LEU A 1204 -12.33 7.45 -33.93
C LEU A 1204 -10.82 7.69 -34.01
N SER A 1205 -10.41 8.95 -34.12
CA SER A 1205 -8.99 9.24 -34.24
C SER A 1205 -8.24 8.94 -32.95
N SER A 1206 -8.91 9.06 -31.80
CA SER A 1206 -8.26 8.69 -30.55
C SER A 1206 -8.14 7.18 -30.41
N GLY A 1207 -9.18 6.45 -30.84
CA GLY A 1207 -9.13 5.00 -30.77
C GLY A 1207 -8.17 4.37 -31.76
N ALA A 1208 -7.90 5.04 -32.87
CA ALA A 1208 -6.95 4.51 -33.84
C ALA A 1208 -5.51 4.49 -33.33
N LEU A 1209 -5.23 5.16 -32.21
CA LEU A 1209 -3.89 5.16 -31.65
C LEU A 1209 -3.56 3.88 -30.89
N ALA A 1210 -4.56 3.11 -30.49
CA ALA A 1210 -4.34 1.90 -29.71
C ALA A 1210 -3.86 0.73 -30.54
N PHE A 1211 -3.96 0.81 -31.87
CA PHE A 1211 -3.57 -0.29 -32.74
C PHE A 1211 -2.07 -0.34 -33.01
N GLU A 1212 -1.33 0.70 -32.64
CA GLU A 1212 0.11 0.75 -32.92
C GLU A 1212 0.88 0.04 -31.80
N ASP A 1213 0.71 -1.29 -31.76
CA ASP A 1213 1.47 -2.11 -30.85
C ASP A 1213 2.85 -2.39 -31.41
N ILE A 1214 3.58 -3.33 -30.81
CA ILE A 1214 4.75 -3.91 -31.45
C ILE A 1214 4.34 -4.99 -32.45
N TYR A 1215 3.06 -5.36 -32.48
CA TYR A 1215 2.55 -6.39 -33.37
C TYR A 1215 1.95 -5.81 -34.64
N ILE A 1216 2.21 -4.55 -34.95
CA ILE A 1216 1.58 -3.92 -36.11
C ILE A 1216 2.26 -4.30 -37.42
N GLU A 1217 3.48 -4.85 -37.38
CA GLU A 1217 4.12 -5.31 -38.60
C GLU A 1217 3.46 -6.56 -39.15
N ARG A 1218 2.70 -7.29 -38.34
CA ARG A 1218 1.91 -8.41 -38.81
C ARG A 1218 0.57 -8.00 -39.39
N LYS A 1219 0.19 -6.72 -39.26
CA LYS A 1219 -1.10 -6.23 -39.74
C LYS A 1219 -0.84 -5.10 -40.75
N LYS A 1220 -0.52 -5.49 -41.98
CA LYS A 1220 -0.12 -4.51 -42.99
C LYS A 1220 -1.34 -3.81 -43.59
N THR A 1221 -2.44 -4.54 -43.76
CA THR A 1221 -3.68 -3.91 -44.20
C THR A 1221 -4.12 -2.85 -43.20
N ILE A 1222 -4.06 -3.18 -41.90
CA ILE A 1222 -4.44 -2.23 -40.87
C ILE A 1222 -3.48 -1.05 -40.84
N LYS A 1223 -2.19 -1.31 -41.05
CA LYS A 1223 -1.21 -0.22 -41.13
C LYS A 1223 -1.60 0.79 -42.22
N ILE A 1224 -1.86 0.29 -43.43
CA ILE A 1224 -2.16 1.17 -44.56
C ILE A 1224 -3.47 1.92 -44.30
N ILE A 1225 -4.47 1.21 -43.78
CA ILE A 1225 -5.76 1.83 -43.49
C ILE A 1225 -5.58 2.96 -42.47
N LEU A 1226 -4.77 2.72 -41.44
CA LEU A 1226 -4.59 3.73 -40.40
C LEU A 1226 -3.80 4.93 -40.92
N GLU A 1227 -2.85 4.71 -41.83
CA GLU A 1227 -2.15 5.85 -42.43
C GLU A 1227 -3.11 6.75 -43.19
N TYR A 1228 -3.92 6.17 -44.06
CA TYR A 1228 -4.86 6.99 -44.81
C TYR A 1228 -5.92 7.61 -43.91
N ALA A 1229 -6.29 6.91 -42.84
CA ALA A 1229 -7.21 7.48 -41.85
C ALA A 1229 -6.59 8.69 -41.15
N ASP A 1230 -5.29 8.64 -40.87
CA ASP A 1230 -4.62 9.80 -40.29
C ASP A 1230 -4.70 10.99 -41.24
N LYS A 1231 -4.49 10.74 -42.53
CA LYS A 1231 -4.61 11.83 -43.51
C LYS A 1231 -6.01 12.44 -43.50
N ILE A 1232 -7.04 11.58 -43.53
CA ILE A 1232 -8.41 12.10 -43.61
C ILE A 1232 -8.78 12.85 -42.33
N PHE A 1233 -8.32 12.37 -41.17
CA PHE A 1233 -8.60 13.05 -39.92
C PHE A 1233 -7.94 14.42 -39.87
N THR A 1234 -6.69 14.51 -40.33
CA THR A 1234 -6.01 15.80 -40.37
C THR A 1234 -6.77 16.78 -41.25
N TYR A 1235 -7.24 16.32 -42.42
CA TYR A 1235 -8.02 17.20 -43.29
C TYR A 1235 -9.30 17.66 -42.60
N ILE A 1236 -10.00 16.75 -41.93
CA ILE A 1236 -11.27 17.09 -41.29
C ILE A 1236 -11.05 18.16 -40.23
N PHE A 1237 -10.04 17.98 -39.38
CA PHE A 1237 -9.81 18.94 -38.31
C PHE A 1237 -9.27 20.27 -38.79
N ILE A 1238 -8.48 20.28 -39.87
CA ILE A 1238 -8.07 21.55 -40.46
C ILE A 1238 -9.29 22.31 -40.99
N LEU A 1239 -10.20 21.61 -41.66
CA LEU A 1239 -11.41 22.26 -42.15
C LEU A 1239 -12.26 22.80 -41.01
N GLU A 1240 -12.39 22.04 -39.93
CA GLU A 1240 -13.14 22.50 -38.77
C GLU A 1240 -12.51 23.75 -38.15
N MET A 1241 -11.18 23.78 -38.04
CA MET A 1241 -10.52 24.95 -37.46
C MET A 1241 -10.68 26.18 -38.35
N LEU A 1242 -10.60 26.01 -39.68
CA LEU A 1242 -10.86 27.14 -40.58
C LEU A 1242 -12.29 27.65 -40.43
N LEU A 1243 -13.25 26.74 -40.37
CA LEU A 1243 -14.65 27.13 -40.21
C LEU A 1243 -14.86 27.89 -38.91
N LYS A 1244 -14.25 27.41 -37.83
CA LYS A 1244 -14.39 28.11 -36.55
C LYS A 1244 -13.72 29.48 -36.58
N TRP A 1245 -12.58 29.60 -37.25
CA TRP A 1245 -11.97 30.91 -37.45
C TRP A 1245 -12.95 31.87 -38.10
N ILE A 1246 -13.49 31.48 -39.26
CA ILE A 1246 -14.40 32.38 -39.98
C ILE A 1246 -15.67 32.65 -39.19
N ALA A 1247 -16.15 31.68 -38.40
CA ALA A 1247 -17.38 31.84 -37.67
C ALA A 1247 -17.23 32.75 -36.46
N TYR A 1248 -16.10 32.66 -35.75
CA TYR A 1248 -15.96 33.38 -34.49
C TYR A 1248 -15.19 34.67 -34.61
N GLY A 1249 -14.15 34.73 -35.43
CA GLY A 1249 -13.26 35.87 -35.38
C GLY A 1249 -11.99 35.52 -34.65
N TYR A 1250 -10.89 36.14 -35.06
CA TYR A 1250 -9.59 35.79 -34.52
C TYR A 1250 -9.51 36.07 -33.03
N LYS A 1251 -10.03 37.20 -32.58
CA LYS A 1251 -9.93 37.54 -31.16
C LYS A 1251 -10.78 36.60 -30.31
N THR A 1252 -12.01 36.31 -30.75
CA THR A 1252 -12.87 35.41 -29.99
C THR A 1252 -12.30 34.00 -29.97
N TYR A 1253 -11.66 33.57 -31.07
CA TYR A 1253 -11.08 32.24 -31.12
C TYR A 1253 -9.85 32.15 -30.22
N PHE A 1254 -8.98 33.15 -30.28
CA PHE A 1254 -7.69 33.05 -29.61
C PHE A 1254 -7.72 33.51 -28.16
N THR A 1255 -8.81 34.13 -27.71
CA THR A 1255 -9.02 34.31 -26.26
C THR A 1255 -9.87 33.18 -25.69
N ASN A 1256 -9.46 31.94 -25.94
CA ASN A 1256 -10.20 30.76 -25.49
C ASN A 1256 -9.24 29.59 -25.39
N ALA A 1257 -9.14 29.00 -24.20
CA ALA A 1257 -8.12 27.98 -23.96
C ALA A 1257 -8.43 26.69 -24.70
N TRP A 1258 -9.72 26.31 -24.79
CA TRP A 1258 -10.07 25.12 -25.55
C TRP A 1258 -9.71 25.26 -27.01
N CYS A 1259 -10.00 26.43 -27.59
CA CYS A 1259 -9.64 26.69 -28.97
C CYS A 1259 -8.13 26.70 -29.14
N TRP A 1260 -7.41 27.23 -28.15
CA TRP A 1260 -5.94 27.20 -28.22
C TRP A 1260 -5.42 25.77 -28.22
N LEU A 1261 -6.01 24.91 -27.39
CA LEU A 1261 -5.58 23.50 -27.35
C LEU A 1261 -5.84 22.82 -28.69
N ASP A 1262 -7.03 23.02 -29.26
CA ASP A 1262 -7.34 22.44 -30.56
C ASP A 1262 -6.39 22.94 -31.63
N PHE A 1263 -6.10 24.25 -31.61
CA PHE A 1263 -5.21 24.86 -32.58
C PHE A 1263 -3.81 24.28 -32.48
N LEU A 1264 -3.31 24.09 -31.25
CA LEU A 1264 -1.98 23.52 -31.06
C LEU A 1264 -1.92 22.08 -31.57
N ILE A 1265 -2.94 21.29 -31.26
CA ILE A 1265 -2.94 19.89 -31.70
C ILE A 1265 -2.95 19.81 -33.22
N VAL A 1266 -3.80 20.62 -33.86
CA VAL A 1266 -3.87 20.56 -35.32
C VAL A 1266 -2.59 21.11 -35.94
N ASP A 1267 -1.93 22.06 -35.29
CA ASP A 1267 -0.65 22.54 -35.81
C ASP A 1267 0.40 21.45 -35.76
N VAL A 1268 0.46 20.70 -34.66
CA VAL A 1268 1.42 19.59 -34.58
C VAL A 1268 1.12 18.57 -35.67
N SER A 1269 -0.15 18.24 -35.87
CA SER A 1269 -0.51 17.27 -36.91
C SER A 1269 -0.13 17.78 -38.29
N LEU A 1270 -0.38 19.06 -38.56
CA LEU A 1270 -0.04 19.62 -39.88
C LEU A 1270 1.45 19.62 -40.12
N VAL A 1271 2.24 19.97 -39.10
CA VAL A 1271 3.69 19.95 -39.25
C VAL A 1271 4.18 18.54 -39.55
N THR A 1272 3.64 17.55 -38.82
CA THR A 1272 4.04 16.17 -39.07
C THR A 1272 3.67 15.73 -40.48
N LEU A 1273 2.47 16.08 -40.94
CA LEU A 1273 2.06 15.70 -42.29
C LEU A 1273 2.96 16.34 -43.34
N VAL A 1274 3.28 17.63 -43.18
CA VAL A 1274 4.13 18.32 -44.13
C VAL A 1274 5.52 17.69 -44.16
N ALA A 1275 6.08 17.41 -42.98
CA ALA A 1275 7.41 16.82 -42.93
C ALA A 1275 7.43 15.44 -43.57
N ASN A 1276 6.39 14.64 -43.34
CA ASN A 1276 6.33 13.32 -43.98
C ASN A 1276 6.20 13.45 -45.49
N THR A 1277 5.41 14.41 -45.96
CA THR A 1277 5.25 14.60 -47.40
C THR A 1277 6.56 15.02 -48.04
N LEU A 1278 7.31 15.92 -47.41
CA LEU A 1278 8.58 16.37 -47.97
C LEU A 1278 9.68 15.31 -47.86
N GLY A 1279 9.41 14.16 -47.25
CA GLY A 1279 10.39 13.10 -47.14
C GLY A 1279 11.25 13.14 -45.90
N TYR A 1280 11.14 14.20 -45.10
CA TYR A 1280 11.89 14.28 -43.84
C TYR A 1280 11.18 13.58 -42.69
N SER A 1281 10.80 12.31 -42.89
CA SER A 1281 10.00 11.61 -41.89
C SER A 1281 10.83 11.06 -40.75
N ASP A 1282 12.15 11.04 -40.87
CA ASP A 1282 13.03 10.47 -39.84
C ASP A 1282 14.08 11.47 -39.36
N LEU A 1283 13.82 12.76 -39.51
CA LEU A 1283 14.83 13.77 -39.18
C LEU A 1283 14.75 14.09 -37.69
N GLY A 1284 15.34 13.22 -36.86
CA GLY A 1284 15.61 13.53 -35.48
C GLY A 1284 14.42 14.06 -34.71
N PRO A 1285 14.45 15.36 -34.41
CA PRO A 1285 13.31 15.98 -33.72
C PRO A 1285 11.99 15.85 -34.46
N ILE A 1286 12.01 15.79 -35.79
CA ILE A 1286 10.76 15.57 -36.53
C ILE A 1286 10.17 14.21 -36.20
N LYS A 1287 11.01 13.17 -36.19
CA LYS A 1287 10.56 11.84 -35.79
C LYS A 1287 10.09 11.85 -34.33
N SER A 1288 10.80 12.56 -33.47
CA SER A 1288 10.41 12.66 -32.07
C SER A 1288 9.11 13.44 -31.88
N LEU A 1289 8.75 14.29 -32.84
CA LEU A 1289 7.49 15.02 -32.77
C LEU A 1289 6.29 14.11 -33.00
N ARG A 1290 6.50 12.93 -33.59
CA ARG A 1290 5.40 12.02 -33.84
C ARG A 1290 4.85 11.38 -32.57
N THR A 1291 5.62 11.37 -31.47
CA THR A 1291 5.10 10.82 -30.23
C THR A 1291 4.08 11.74 -29.58
N LEU A 1292 3.96 12.98 -30.06
CA LEU A 1292 2.97 13.92 -29.56
C LEU A 1292 1.58 13.65 -30.12
N ARG A 1293 1.43 12.65 -31.00
CA ARG A 1293 0.10 12.23 -31.44
C ARG A 1293 -0.71 11.62 -30.31
N ALA A 1294 -0.07 11.30 -29.19
CA ALA A 1294 -0.78 10.79 -28.02
C ALA A 1294 -1.63 11.85 -27.33
N LEU A 1295 -1.48 13.11 -27.71
CA LEU A 1295 -2.27 14.20 -27.14
C LEU A 1295 -3.58 14.44 -27.89
N ARG A 1296 -3.83 13.70 -28.96
CA ARG A 1296 -5.11 13.83 -29.67
C ARG A 1296 -6.33 13.58 -28.78
N PRO A 1297 -6.35 12.61 -27.86
CA PRO A 1297 -7.53 12.46 -27.00
C PRO A 1297 -7.86 13.68 -26.16
N LEU A 1298 -6.93 14.61 -25.99
CA LEU A 1298 -7.19 15.82 -25.21
C LEU A 1298 -8.25 16.72 -25.84
N ARG A 1299 -8.77 16.38 -27.01
CA ARG A 1299 -9.80 17.17 -27.67
C ARG A 1299 -11.20 16.84 -27.17
N ALA A 1300 -11.35 15.84 -26.31
CA ALA A 1300 -12.66 15.43 -25.80
C ALA A 1300 -13.03 16.13 -24.49
N LEU A 1301 -12.07 16.80 -23.85
CA LEU A 1301 -12.37 17.48 -22.59
C LEU A 1301 -13.41 18.58 -22.80
N SER A 1302 -13.25 19.36 -23.87
CA SER A 1302 -14.22 20.42 -24.15
C SER A 1302 -15.54 19.84 -24.66
N ARG A 1303 -15.50 18.66 -25.28
CA ARG A 1303 -16.71 18.09 -25.85
C ARG A 1303 -17.61 17.51 -24.77
N PHE A 1304 -17.03 16.86 -23.75
CA PHE A 1304 -17.81 16.17 -22.73
C PHE A 1304 -17.94 17.04 -21.48
N GLU A 1305 -19.20 17.29 -21.09
CA GLU A 1305 -19.49 18.27 -20.04
C GLU A 1305 -19.02 17.79 -18.67
N GLY A 1306 -19.09 16.51 -18.42
CA GLY A 1306 -18.65 15.95 -17.14
C GLY A 1306 -17.16 16.01 -16.92
N MET A 1307 -16.37 15.91 -18.00
CA MET A 1307 -14.90 16.00 -17.93
C MET A 1307 -14.55 17.48 -17.81
N ARG A 1308 -15.28 18.36 -18.49
CA ARG A 1308 -15.04 19.82 -18.49
C ARG A 1308 -15.40 20.37 -17.15
N VAL A 1309 -16.37 19.77 -16.50
CA VAL A 1309 -16.84 20.19 -15.15
C VAL A 1309 -15.73 19.87 -14.14
N VAL A 1310 -15.14 18.68 -14.22
CA VAL A 1310 -14.09 18.23 -13.30
C VAL A 1310 -12.79 19.00 -13.54
N VAL A 1311 -12.44 19.24 -14.81
CA VAL A 1311 -11.26 20.02 -15.14
C VAL A 1311 -11.37 21.45 -14.66
N ASN A 1312 -12.58 22.03 -14.65
CA ASN A 1312 -12.73 23.37 -14.09
C ASN A 1312 -12.36 23.39 -12.61
N ALA A 1313 -12.80 22.39 -11.85
CA ALA A 1313 -12.43 22.31 -10.44
C ALA A 1313 -10.92 22.14 -10.27
N LEU A 1314 -10.31 21.29 -11.08
CA LEU A 1314 -8.86 21.13 -11.00
C LEU A 1314 -8.12 22.43 -11.31
N ILE A 1315 -8.56 23.15 -12.34
CA ILE A 1315 -7.93 24.42 -12.68
C ILE A 1315 -8.10 25.42 -11.55
N GLY A 1316 -9.28 25.43 -10.92
CA GLY A 1316 -9.49 26.31 -9.78
C GLY A 1316 -8.61 25.98 -8.60
N ALA A 1317 -8.33 24.69 -8.40
CA ALA A 1317 -7.50 24.26 -7.27
C ALA A 1317 -6.00 24.32 -7.56
N ILE A 1318 -5.60 24.57 -8.80
CA ILE A 1318 -4.18 24.58 -9.15
C ILE A 1318 -3.32 25.49 -8.27
N PRO A 1319 -3.70 26.74 -8.00
CA PRO A 1319 -2.78 27.61 -7.22
C PRO A 1319 -2.45 27.08 -5.83
N SER A 1320 -3.45 26.59 -5.10
CA SER A 1320 -3.16 26.04 -3.77
C SER A 1320 -2.33 24.77 -3.87
N ILE A 1321 -2.52 23.98 -4.94
CA ILE A 1321 -1.67 22.83 -5.17
C ILE A 1321 -0.23 23.25 -5.34
N MET A 1322 0.00 24.33 -6.10
CA MET A 1322 1.36 24.84 -6.27
C MET A 1322 1.94 25.31 -4.95
N ASN A 1323 1.15 26.00 -4.14
CA ASN A 1323 1.62 26.46 -2.83
C ASN A 1323 2.05 25.28 -1.95
N VAL A 1324 1.18 24.29 -1.80
CA VAL A 1324 1.49 23.18 -0.91
C VAL A 1324 2.64 22.35 -1.49
N LEU A 1325 2.74 22.25 -2.82
CA LEU A 1325 3.84 21.54 -3.44
C LEU A 1325 5.17 22.23 -3.18
N LEU A 1326 5.18 23.56 -3.23
CA LEU A 1326 6.39 24.30 -2.88
C LEU A 1326 6.78 24.08 -1.43
N VAL A 1327 5.78 24.08 -0.53
CA VAL A 1327 6.08 23.83 0.87
C VAL A 1327 6.66 22.43 1.06
N CYS A 1328 6.09 21.44 0.35
CA CYS A 1328 6.60 20.07 0.42
C CYS A 1328 8.03 20.00 -0.10
N LEU A 1329 8.34 20.70 -1.20
CA LEU A 1329 9.69 20.69 -1.72
C LEU A 1329 10.67 21.30 -0.72
N ILE A 1330 10.28 22.42 -0.11
CA ILE A 1330 11.16 23.08 0.87
C ILE A 1330 11.40 22.17 2.07
N PHE A 1331 10.34 21.50 2.56
CA PHE A 1331 10.50 20.64 3.72
C PHE A 1331 11.33 19.40 3.38
N TRP A 1332 11.11 18.82 2.21
CA TRP A 1332 11.85 17.62 1.81
C TRP A 1332 13.28 17.91 1.43
N LEU A 1333 13.62 19.15 1.11
CA LEU A 1333 15.01 19.48 0.80
C LEU A 1333 15.90 19.21 2.01
N ILE A 1334 15.40 19.47 3.21
CA ILE A 1334 16.18 19.23 4.43
C ILE A 1334 16.52 17.75 4.55
N PHE A 1335 15.51 16.89 4.42
CA PHE A 1335 15.74 15.45 4.53
C PHE A 1335 16.59 14.94 3.38
N SER A 1336 16.44 15.52 2.18
CA SER A 1336 17.27 15.10 1.05
C SER A 1336 18.73 15.43 1.29
N ILE A 1337 19.02 16.64 1.79
CA ILE A 1337 20.41 17.01 2.08
C ILE A 1337 20.98 16.16 3.20
N MET A 1338 20.17 15.88 4.24
CA MET A 1338 20.64 15.01 5.31
C MET A 1338 20.92 13.60 4.80
N GLY A 1339 20.04 13.07 3.97
CA GLY A 1339 20.27 11.75 3.40
C GLY A 1339 21.50 11.70 2.52
N VAL A 1340 21.75 12.78 1.77
CA VAL A 1340 22.97 12.84 0.97
C VAL A 1340 24.20 12.82 1.88
N ASN A 1341 24.18 13.66 2.92
CA ASN A 1341 25.29 13.69 3.86
C ASN A 1341 25.50 12.34 4.56
N LEU A 1342 24.45 11.55 4.70
CA LEU A 1342 24.57 10.27 5.40
C LEU A 1342 25.00 9.15 4.48
N PHE A 1343 24.42 9.07 3.27
CA PHE A 1343 24.52 7.90 2.41
C PHE A 1343 25.04 8.23 1.02
N ALA A 1344 25.80 9.32 0.87
CA ALA A 1344 26.30 9.70 -0.45
C ALA A 1344 27.48 8.80 -0.81
N GLY A 1345 27.27 7.88 -1.75
CA GLY A 1345 28.32 7.03 -2.24
C GLY A 1345 28.57 5.76 -1.47
N LYS A 1346 27.68 5.39 -0.55
CA LYS A 1346 27.86 4.22 0.29
C LYS A 1346 26.99 3.04 -0.12
N PHE A 1347 26.24 3.16 -1.22
CA PHE A 1347 25.37 2.09 -1.68
C PHE A 1347 26.03 1.18 -2.70
N TYR A 1348 27.30 1.41 -3.01
CA TYR A 1348 28.04 0.54 -3.91
C TYR A 1348 28.35 -0.79 -3.23
N GLU A 1349 28.38 -1.85 -4.02
CA GLU A 1349 28.68 -3.17 -3.49
C GLU A 1349 29.20 -4.06 -4.61
N CYS A 1350 29.91 -5.11 -4.21
CA CYS A 1350 30.48 -6.09 -5.14
C CYS A 1350 29.56 -7.31 -5.13
N ILE A 1351 28.98 -7.63 -6.30
CA ILE A 1351 28.00 -8.69 -6.38
C ILE A 1351 28.44 -9.75 -7.37
N ASN A 1352 27.92 -10.96 -7.18
CA ASN A 1352 27.94 -12.03 -8.17
C ASN A 1352 26.74 -11.83 -9.09
N THR A 1353 27.00 -11.52 -10.37
CA THR A 1353 25.91 -11.21 -11.28
C THR A 1353 25.04 -12.43 -11.59
N THR A 1354 25.61 -13.64 -11.57
CA THR A 1354 24.81 -14.84 -11.83
C THR A 1354 23.73 -15.02 -10.77
N ASP A 1355 24.09 -14.82 -9.50
CA ASP A 1355 23.17 -15.01 -8.39
C ASP A 1355 22.57 -13.69 -7.90
N GLY A 1356 23.25 -12.57 -8.15
CA GLY A 1356 22.81 -11.30 -7.58
C GLY A 1356 23.05 -11.22 -6.09
N SER A 1357 24.06 -11.93 -5.60
CA SER A 1357 24.33 -12.03 -4.17
C SER A 1357 25.60 -11.26 -3.83
N ARG A 1358 25.52 -10.42 -2.80
CA ARG A 1358 26.67 -9.65 -2.36
C ARG A 1358 27.74 -10.56 -1.77
N PHE A 1359 28.99 -10.31 -2.14
CA PHE A 1359 30.10 -11.07 -1.58
C PHE A 1359 30.26 -10.73 -0.10
N PRO A 1360 30.44 -11.73 0.76
CA PRO A 1360 30.67 -11.43 2.19
C PRO A 1360 31.96 -10.63 2.36
N ALA A 1361 31.89 -9.58 3.17
CA ALA A 1361 32.96 -8.59 3.26
C ALA A 1361 34.25 -9.14 3.86
N SER A 1362 34.27 -10.39 4.32
CA SER A 1362 35.54 -10.99 4.73
C SER A 1362 36.49 -11.09 3.55
N GLN A 1363 35.98 -11.51 2.40
CA GLN A 1363 36.65 -11.39 1.12
C GLN A 1363 36.03 -10.20 0.36
N VAL A 1364 36.85 -9.53 -0.43
CA VAL A 1364 36.40 -8.32 -1.13
C VAL A 1364 35.88 -7.32 -0.12
N PRO A 1365 36.73 -6.72 0.72
CA PRO A 1365 36.25 -5.71 1.67
C PRO A 1365 36.16 -4.29 1.11
N ASN A 1366 36.68 -4.04 -0.09
CA ASN A 1366 36.64 -2.71 -0.68
C ASN A 1366 36.58 -2.84 -2.20
N ARG A 1367 36.46 -1.70 -2.87
CA ARG A 1367 36.30 -1.71 -4.32
C ARG A 1367 37.59 -2.11 -5.02
N SER A 1368 38.74 -1.85 -4.40
CA SER A 1368 40.00 -2.31 -4.99
C SER A 1368 40.05 -3.83 -5.04
N GLU A 1369 39.62 -4.50 -3.97
CA GLU A 1369 39.55 -5.95 -4.01
C GLU A 1369 38.43 -6.43 -4.93
N CYS A 1370 37.35 -5.66 -5.06
CA CYS A 1370 36.32 -6.03 -6.04
C CYS A 1370 36.90 -6.03 -7.45
N PHE A 1371 37.70 -5.04 -7.79
CA PHE A 1371 38.33 -5.00 -9.11
C PHE A 1371 39.36 -6.11 -9.26
N ALA A 1372 40.14 -6.38 -8.21
CA ALA A 1372 41.10 -7.47 -8.26
C ALA A 1372 40.40 -8.81 -8.49
N LEU A 1373 39.22 -8.99 -7.92
CA LEU A 1373 38.45 -10.21 -8.14
C LEU A 1373 37.79 -10.22 -9.52
N MET A 1374 37.41 -9.04 -10.03
CA MET A 1374 36.86 -8.96 -11.38
C MET A 1374 37.90 -9.34 -12.42
N ASN A 1375 39.17 -9.03 -12.16
CA ASN A 1375 40.23 -9.40 -13.09
C ASN A 1375 40.45 -10.90 -13.14
N VAL A 1376 39.98 -11.64 -12.14
CA VAL A 1376 40.16 -13.09 -12.09
C VAL A 1376 38.90 -13.82 -12.57
N SER A 1377 37.74 -13.45 -12.03
CA SER A 1377 36.48 -14.02 -12.48
C SER A 1377 35.93 -13.24 -13.66
N GLN A 1378 34.68 -13.48 -14.03
CA GLN A 1378 34.10 -12.76 -15.17
C GLN A 1378 32.71 -12.23 -14.83
N ASN A 1379 32.07 -12.82 -13.83
CA ASN A 1379 30.70 -12.47 -13.45
C ASN A 1379 30.63 -11.68 -12.16
N VAL A 1380 31.62 -10.81 -11.93
CA VAL A 1380 31.68 -9.98 -10.73
C VAL A 1380 31.48 -8.53 -11.17
N ARG A 1381 30.84 -7.74 -10.30
CA ARG A 1381 30.54 -6.36 -10.65
C ARG A 1381 30.42 -5.51 -9.39
N TRP A 1382 31.00 -4.31 -9.45
CA TRP A 1382 30.91 -3.33 -8.36
C TRP A 1382 29.71 -2.43 -8.67
N LYS A 1383 28.53 -2.86 -8.21
CA LYS A 1383 27.27 -2.27 -8.63
C LYS A 1383 26.81 -1.20 -7.65
N ASN A 1384 25.84 -0.41 -8.10
CA ASN A 1384 25.25 0.66 -7.31
C ASN A 1384 23.73 0.61 -7.48
N LEU A 1385 23.03 1.12 -6.46
CA LEU A 1385 21.58 1.22 -6.54
C LEU A 1385 21.18 2.27 -7.57
N LYS A 1386 20.07 2.01 -8.27
CA LYS A 1386 19.62 2.97 -9.28
C LYS A 1386 18.96 4.18 -8.65
N VAL A 1387 18.21 3.98 -7.57
CA VAL A 1387 17.60 5.08 -6.81
C VAL A 1387 18.33 5.16 -5.47
N ASN A 1388 19.04 6.26 -5.25
CA ASN A 1388 19.90 6.40 -4.08
C ASN A 1388 19.99 7.85 -3.61
N PHE A 1389 20.97 8.14 -2.78
CA PHE A 1389 21.20 9.47 -2.22
C PHE A 1389 22.52 10.04 -2.71
N ASP A 1390 22.83 9.85 -3.99
CA ASP A 1390 24.12 10.30 -4.51
C ASP A 1390 24.15 11.81 -4.72
N ASN A 1391 23.00 12.43 -4.95
CA ASN A 1391 22.87 13.87 -4.96
C ASN A 1391 21.47 14.22 -4.50
N VAL A 1392 21.17 15.52 -4.42
CA VAL A 1392 19.87 15.95 -3.92
C VAL A 1392 18.76 15.56 -4.89
N GLY A 1393 19.03 15.60 -6.19
CA GLY A 1393 18.02 15.20 -7.16
C GLY A 1393 17.58 13.75 -6.98
N LEU A 1394 18.55 12.86 -6.79
CA LEU A 1394 18.22 11.46 -6.55
C LEU A 1394 17.68 11.24 -5.15
N GLY A 1395 18.10 12.05 -4.19
CA GLY A 1395 17.52 11.99 -2.86
C GLY A 1395 16.05 12.31 -2.87
N TYR A 1396 15.63 13.22 -3.74
CA TYR A 1396 14.20 13.52 -3.89
C TYR A 1396 13.42 12.29 -4.33
N LEU A 1397 13.94 11.55 -5.31
CA LEU A 1397 13.26 10.34 -5.77
C LEU A 1397 13.26 9.28 -4.70
N SER A 1398 14.36 9.13 -3.96
CA SER A 1398 14.41 8.19 -2.85
C SER A 1398 13.37 8.55 -1.79
N LEU A 1399 13.25 9.84 -1.47
CA LEU A 1399 12.26 10.28 -0.48
C LEU A 1399 10.84 10.04 -0.97
N LEU A 1400 10.59 10.25 -2.26
CA LEU A 1400 9.26 9.96 -2.80
C LEU A 1400 8.92 8.48 -2.68
N GLN A 1401 9.88 7.62 -3.01
CA GLN A 1401 9.64 6.18 -2.90
C GLN A 1401 9.46 5.74 -1.45
N VAL A 1402 10.16 6.40 -0.52
CA VAL A 1402 10.00 6.08 0.89
C VAL A 1402 8.64 6.57 1.40
N ALA A 1403 8.24 7.78 1.01
CA ALA A 1403 7.00 8.36 1.50
C ALA A 1403 5.78 7.66 0.95
N THR A 1404 5.85 7.16 -0.28
CA THR A 1404 4.75 6.39 -0.84
C THR A 1404 4.82 4.91 -0.48
N PHE A 1405 5.86 4.49 0.25
CA PHE A 1405 6.03 3.12 0.71
C PHE A 1405 6.11 2.12 -0.44
N LYS A 1406 6.66 2.56 -1.58
CA LYS A 1406 6.86 1.71 -2.74
C LYS A 1406 8.35 1.74 -3.10
N GLY A 1407 9.03 0.62 -2.87
CA GLY A 1407 10.46 0.55 -3.12
C GLY A 1407 11.32 1.06 -1.99
N TRP A 1408 10.74 1.35 -0.83
CA TRP A 1408 11.50 1.92 0.27
C TRP A 1408 12.38 0.89 0.96
N THR A 1409 12.02 -0.40 0.87
CA THR A 1409 12.75 -1.42 1.60
C THR A 1409 14.16 -1.60 1.07
N ILE A 1410 14.35 -1.51 -0.25
CA ILE A 1410 15.69 -1.62 -0.82
C ILE A 1410 16.58 -0.51 -0.30
N ILE A 1411 16.06 0.72 -0.30
CA ILE A 1411 16.82 1.87 0.18
C ILE A 1411 17.15 1.72 1.66
N MET A 1412 16.19 1.25 2.46
CA MET A 1412 16.44 1.07 3.87
C MET A 1412 17.50 -0.01 4.12
N TYR A 1413 17.44 -1.12 3.37
CA TYR A 1413 18.45 -2.16 3.52
C TYR A 1413 19.83 -1.65 3.17
N ALA A 1414 19.94 -0.90 2.06
CA ALA A 1414 21.23 -0.35 1.68
C ALA A 1414 21.74 0.63 2.73
N ALA A 1415 20.85 1.46 3.28
CA ALA A 1415 21.25 2.44 4.28
C ALA A 1415 21.75 1.77 5.55
N VAL A 1416 21.06 0.71 6.00
CA VAL A 1416 21.48 0.05 7.23
C VAL A 1416 22.68 -0.87 7.00
N ASP A 1417 22.96 -1.26 5.75
CA ASP A 1417 24.18 -2.00 5.46
C ASP A 1417 25.38 -1.11 5.20
N SER A 1418 25.17 0.17 4.89
CA SER A 1418 26.25 1.04 4.47
C SER A 1418 27.37 1.12 5.50
N VAL A 1419 28.61 1.02 5.02
CA VAL A 1419 29.78 1.14 5.88
C VAL A 1419 30.45 2.48 5.65
N ASN A 1420 30.93 2.71 4.43
CA ASN A 1420 31.66 3.93 4.10
C ASN A 1420 31.79 4.02 2.58
N VAL A 1421 32.54 5.01 2.13
CA VAL A 1421 32.78 5.19 0.70
C VAL A 1421 33.94 4.31 0.26
N ASP A 1422 33.75 3.60 -0.86
CA ASP A 1422 34.72 2.63 -1.38
C ASP A 1422 34.92 1.48 -0.40
N LYS A 1423 33.88 1.13 0.35
CA LYS A 1423 33.92 0.02 1.30
C LYS A 1423 32.74 -0.91 1.05
N GLN A 1424 32.99 -2.20 1.16
CA GLN A 1424 31.97 -3.21 0.92
C GLN A 1424 30.98 -3.22 2.08
N PRO A 1425 29.68 -3.10 1.81
CA PRO A 1425 28.69 -3.06 2.90
C PRO A 1425 28.68 -4.33 3.72
N LYS A 1426 28.36 -4.17 5.00
CA LYS A 1426 28.19 -5.28 5.93
C LYS A 1426 26.75 -5.32 6.41
N TYR A 1427 26.28 -6.52 6.77
CA TYR A 1427 24.87 -6.71 7.09
C TYR A 1427 24.52 -5.97 8.38
N GLU A 1428 23.62 -4.99 8.26
CA GLU A 1428 23.13 -4.20 9.38
C GLU A 1428 24.28 -3.61 10.20
N TYR A 1429 25.30 -3.13 9.50
CA TYR A 1429 26.41 -2.46 10.17
C TYR A 1429 25.94 -1.16 10.82
N SER A 1430 25.18 -0.35 10.09
CA SER A 1430 24.56 0.85 10.63
C SER A 1430 23.08 0.55 10.90
N LEU A 1431 22.83 -0.21 11.97
CA LEU A 1431 21.49 -0.72 12.22
C LEU A 1431 20.51 0.41 12.53
N TYR A 1432 20.92 1.40 13.32
CA TYR A 1432 20.02 2.43 13.77
C TYR A 1432 19.84 3.56 12.77
N MET A 1433 20.17 3.32 11.50
CA MET A 1433 19.77 4.19 10.42
C MET A 1433 18.29 4.08 10.09
N TYR A 1434 17.60 3.07 10.64
CA TYR A 1434 16.16 2.97 10.51
C TYR A 1434 15.45 4.14 11.14
N ILE A 1435 16.08 4.78 12.13
CA ILE A 1435 15.46 5.91 12.81
C ILE A 1435 15.35 7.11 11.87
N TYR A 1436 16.33 7.28 10.97
CA TYR A 1436 16.22 8.33 9.96
C TYR A 1436 14.95 8.16 9.14
N PHE A 1437 14.69 6.95 8.67
CA PHE A 1437 13.51 6.71 7.85
C PHE A 1437 12.23 6.80 8.66
N VAL A 1438 12.26 6.38 9.93
CA VAL A 1438 11.07 6.52 10.78
C VAL A 1438 10.73 7.99 10.97
N VAL A 1439 11.73 8.80 11.30
CA VAL A 1439 11.51 10.23 11.53
C VAL A 1439 11.05 10.91 10.25
N PHE A 1440 11.67 10.57 9.11
CA PHE A 1440 11.21 11.15 7.85
C PHE A 1440 9.79 10.73 7.55
N ILE A 1441 9.47 9.45 7.72
CA ILE A 1441 8.13 8.99 7.41
C ILE A 1441 7.12 9.75 8.24
N ILE A 1442 7.35 9.89 9.54
CA ILE A 1442 6.43 10.67 10.37
C ILE A 1442 6.35 12.09 9.81
N PHE A 1443 7.45 12.84 9.88
CA PHE A 1443 7.36 14.28 9.67
C PHE A 1443 6.94 14.63 8.24
N GLY A 1444 7.54 14.00 7.24
CA GLY A 1444 7.09 14.22 5.89
C GLY A 1444 5.78 13.54 5.59
N SER A 1445 5.74 12.20 5.55
CA SER A 1445 4.58 11.53 4.97
C SER A 1445 3.31 11.78 5.75
N PHE A 1446 3.37 12.01 7.07
CA PHE A 1446 2.15 12.18 7.84
C PHE A 1446 1.72 13.64 7.89
N PHE A 1447 2.60 14.53 8.36
CA PHE A 1447 2.25 15.95 8.48
C PHE A 1447 2.10 16.62 7.12
N THR A 1448 2.97 16.28 6.15
CA THR A 1448 2.91 16.85 4.79
C THR A 1448 1.60 16.40 4.12
N LEU A 1449 1.17 15.15 4.30
CA LEU A 1449 -0.11 14.67 3.80
C LEU A 1449 -1.28 15.35 4.48
N ASN A 1450 -1.19 15.55 5.80
CA ASN A 1450 -2.21 16.32 6.52
C ASN A 1450 -2.39 17.70 5.91
N LEU A 1451 -1.28 18.41 5.71
CA LEU A 1451 -1.32 19.74 5.11
C LEU A 1451 -1.91 19.71 3.69
N PHE A 1452 -1.48 18.73 2.89
CA PHE A 1452 -1.96 18.62 1.52
C PHE A 1452 -3.48 18.44 1.48
N ILE A 1453 -3.99 17.47 2.24
CA ILE A 1453 -5.43 17.20 2.24
C ILE A 1453 -6.19 18.40 2.76
N GLY A 1454 -5.70 19.01 3.84
CA GLY A 1454 -6.39 20.18 4.39
C GLY A 1454 -6.52 21.29 3.37
N VAL A 1455 -5.41 21.62 2.69
CA VAL A 1455 -5.44 22.70 1.71
C VAL A 1455 -6.38 22.37 0.55
N ILE A 1456 -6.33 21.13 0.06
CA ILE A 1456 -7.15 20.78 -1.11
C ILE A 1456 -8.63 20.84 -0.76
N ILE A 1457 -9.02 20.26 0.38
CA ILE A 1457 -10.44 20.30 0.74
C ILE A 1457 -10.89 21.71 1.07
N ASP A 1458 -10.03 22.53 1.67
CA ASP A 1458 -10.38 23.93 1.89
C ASP A 1458 -10.61 24.65 0.56
N ASN A 1459 -9.77 24.37 -0.44
CA ASN A 1459 -9.96 24.99 -1.75
C ASN A 1459 -11.29 24.56 -2.37
N PHE A 1460 -11.62 23.27 -2.25
CA PHE A 1460 -12.89 22.80 -2.80
C PHE A 1460 -14.07 23.44 -2.09
N ASN A 1461 -13.99 23.58 -0.77
CA ASN A 1461 -15.07 24.22 -0.02
C ASN A 1461 -15.23 25.69 -0.42
N GLN A 1462 -14.11 26.39 -0.61
CA GLN A 1462 -14.17 27.78 -1.05
C GLN A 1462 -14.77 27.89 -2.45
N GLN A 1463 -14.43 26.96 -3.34
CA GLN A 1463 -15.04 26.96 -4.67
C GLN A 1463 -16.54 26.75 -4.59
N LYS A 1464 -16.98 25.80 -3.75
CA LYS A 1464 -18.40 25.55 -3.61
C LYS A 1464 -19.12 26.77 -3.04
N LYS A 1465 -18.51 27.45 -2.06
CA LYS A 1465 -19.11 28.66 -1.51
C LYS A 1465 -19.17 29.77 -2.56
N LYS A 1466 -18.13 29.89 -3.39
CA LYS A 1466 -18.14 30.90 -4.45
C LYS A 1466 -19.26 30.62 -5.45
N LEU A 1467 -19.48 29.35 -5.80
CA LEU A 1467 -20.55 29.01 -6.72
C LEU A 1467 -21.94 29.22 -6.14
N GLY A 1468 -22.05 29.43 -4.83
CA GLY A 1468 -23.34 29.64 -4.21
C GLY A 1468 -23.92 28.37 -3.62
N GLY A 1469 -23.07 27.57 -2.98
CA GLY A 1469 -23.52 26.30 -2.44
C GLY A 1469 -23.96 25.31 -3.50
N GLN A 1470 -23.27 25.27 -4.63
CA GLN A 1470 -23.61 24.38 -5.73
C GLN A 1470 -22.53 23.32 -5.88
N ASP A 1471 -22.95 22.09 -6.14
CA ASP A 1471 -22.01 21.00 -6.35
C ASP A 1471 -21.07 21.33 -7.51
N ILE A 1472 -19.77 21.11 -7.30
CA ILE A 1472 -18.76 21.49 -8.28
C ILE A 1472 -18.29 20.32 -9.12
N PHE A 1473 -18.77 19.11 -8.86
CA PHE A 1473 -18.39 17.93 -9.64
C PHE A 1473 -19.54 17.38 -10.47
N MET A 1474 -20.69 18.06 -10.48
CA MET A 1474 -21.86 17.59 -11.21
C MET A 1474 -22.26 18.60 -12.27
N THR A 1475 -22.81 18.08 -13.37
CA THR A 1475 -23.29 18.92 -14.45
C THR A 1475 -24.72 19.37 -14.18
N GLU A 1476 -25.16 20.37 -14.95
CA GLU A 1476 -26.49 20.94 -14.73
C GLU A 1476 -27.58 19.90 -14.94
N GLU A 1477 -27.39 19.02 -15.93
CA GLU A 1477 -28.36 17.94 -16.13
C GLU A 1477 -28.34 16.96 -14.96
N GLN A 1478 -27.16 16.64 -14.44
CA GLN A 1478 -27.06 15.74 -13.30
C GLN A 1478 -27.65 16.34 -12.03
N LYS A 1479 -27.71 17.66 -11.92
CA LYS A 1479 -28.26 18.27 -10.71
C LYS A 1479 -29.74 17.94 -10.55
N LYS A 1480 -30.49 17.90 -11.65
CA LYS A 1480 -31.90 17.55 -11.58
C LYS A 1480 -32.09 16.10 -11.11
N TYR A 1481 -31.31 15.17 -11.67
CA TYR A 1481 -31.38 13.78 -11.24
C TYR A 1481 -31.01 13.66 -9.76
N TYR A 1482 -29.99 14.40 -9.33
CA TYR A 1482 -29.56 14.36 -7.94
C TYR A 1482 -30.66 14.88 -7.01
N ASN A 1483 -31.30 15.99 -7.40
CA ASN A 1483 -32.36 16.56 -6.59
C ASN A 1483 -33.57 15.63 -6.50
N ALA A 1484 -33.93 15.01 -7.62
CA ALA A 1484 -35.05 14.06 -7.59
C ALA A 1484 -34.70 12.83 -6.77
N MET A 1485 -33.46 12.36 -6.90
CA MET A 1485 -32.98 11.13 -6.21
C MET A 1485 -32.90 11.38 -4.71
N LYS A 1486 -32.57 12.60 -4.28
CA LYS A 1486 -32.43 12.90 -2.86
C LYS A 1486 -33.75 12.76 -2.11
N LYS A 1487 -34.87 12.83 -2.81
CA LYS A 1487 -36.19 12.75 -2.18
C LYS A 1487 -36.60 11.31 -1.85
N LEU A 1488 -35.82 10.32 -2.29
CA LEU A 1488 -36.15 8.93 -1.97
C LEU A 1488 -35.78 8.56 -0.54
N GLY A 1489 -34.98 9.36 0.14
CA GLY A 1489 -34.58 9.07 1.50
C GLY A 1489 -35.47 9.71 2.55
N SER A 1490 -36.57 10.33 2.11
CA SER A 1490 -37.45 10.99 3.06
C SER A 1490 -38.93 10.81 2.76
N LYS A 1491 -39.32 9.96 1.82
CA LYS A 1491 -40.74 9.76 1.54
C LYS A 1491 -41.40 9.01 2.69
N LYS A 1492 -42.54 9.53 3.15
CA LYS A 1492 -43.28 8.89 4.21
C LYS A 1492 -43.92 7.60 3.71
N PRO A 1493 -44.17 6.64 4.60
CA PRO A 1493 -44.82 5.40 4.17
C PRO A 1493 -46.21 5.67 3.59
N GLN A 1494 -46.55 4.92 2.56
CA GLN A 1494 -47.84 5.10 1.89
C GLN A 1494 -48.93 4.37 2.68
N LYS A 1495 -50.15 4.46 2.18
CA LYS A 1495 -51.27 3.78 2.84
C LYS A 1495 -51.09 2.27 2.73
N PRO A 1496 -51.43 1.51 3.77
CA PRO A 1496 -51.26 0.06 3.70
C PRO A 1496 -52.16 -0.55 2.63
N ILE A 1497 -51.71 -1.65 2.05
CA ILE A 1497 -52.48 -2.33 1.01
C ILE A 1497 -53.78 -2.84 1.61
N PRO A 1498 -54.93 -2.53 1.01
CA PRO A 1498 -56.20 -3.03 1.55
C PRO A 1498 -56.31 -4.55 1.45
N ARG A 1499 -57.02 -5.14 2.41
CA ARG A 1499 -57.23 -6.61 2.43
C ARG A 1499 -58.18 -6.95 1.28
N PRO A 1500 -58.04 -8.14 0.67
CA PRO A 1500 -58.86 -8.55 -0.48
C PRO A 1500 -60.27 -8.93 -0.03
N GLY A 1501 -61.04 -9.43 -0.99
CA GLY A 1501 -62.40 -9.86 -0.71
C GLY A 1501 -62.51 -11.34 -0.39
N ASN A 1502 -61.75 -12.17 -1.10
CA ASN A 1502 -61.80 -13.61 -0.87
C ASN A 1502 -61.26 -13.94 0.53
N LYS A 1503 -61.91 -14.91 1.17
CA LYS A 1503 -61.56 -15.25 2.56
C LYS A 1503 -60.16 -15.84 2.65
N ILE A 1504 -59.85 -16.80 1.77
CA ILE A 1504 -58.52 -17.41 1.80
C ILE A 1504 -57.46 -16.40 1.41
N GLN A 1505 -57.78 -15.50 0.48
CA GLN A 1505 -56.84 -14.45 0.10
C GLN A 1505 -56.57 -13.52 1.27
N GLY A 1506 -57.61 -13.16 2.02
CA GLY A 1506 -57.40 -12.34 3.20
C GLY A 1506 -56.58 -13.04 4.27
N CYS A 1507 -56.82 -14.34 4.47
CA CYS A 1507 -56.03 -15.09 5.43
C CYS A 1507 -54.56 -15.14 5.03
N ILE A 1508 -54.29 -15.36 3.74
CA ILE A 1508 -52.91 -15.35 3.26
C ILE A 1508 -52.31 -13.96 3.40
N PHE A 1509 -53.14 -12.92 3.24
CA PHE A 1509 -52.66 -11.55 3.44
C PHE A 1509 -52.21 -11.34 4.88
N ASP A 1510 -53.03 -11.78 5.85
CA ASP A 1510 -52.63 -11.64 7.25
C ASP A 1510 -51.39 -12.47 7.54
N LEU A 1511 -51.24 -13.63 6.90
CA LEU A 1511 -50.04 -14.43 7.08
C LEU A 1511 -48.81 -13.71 6.54
N VAL A 1512 -48.93 -13.07 5.38
CA VAL A 1512 -47.75 -12.59 4.67
C VAL A 1512 -47.36 -11.16 5.04
N THR A 1513 -48.25 -10.39 5.66
CA THR A 1513 -47.93 -9.02 6.06
C THR A 1513 -47.30 -8.95 7.45
N ASN A 1514 -46.67 -10.02 7.90
CA ASN A 1514 -46.28 -10.18 9.29
C ASN A 1514 -44.77 -9.97 9.50
N GLN A 1515 -44.45 -9.38 10.65
CA GLN A 1515 -43.06 -9.27 11.05
C GLN A 1515 -42.44 -10.64 11.26
N ALA A 1516 -43.23 -11.61 11.68
CA ALA A 1516 -42.75 -12.99 11.76
C ALA A 1516 -42.33 -13.50 10.39
N PHE A 1517 -43.15 -13.23 9.37
CA PHE A 1517 -42.80 -13.61 8.01
C PHE A 1517 -41.50 -12.95 7.57
N ASP A 1518 -41.36 -11.64 7.83
CA ASP A 1518 -40.15 -10.94 7.42
C ASP A 1518 -38.91 -11.50 8.12
N ILE A 1519 -39.02 -11.78 9.42
CA ILE A 1519 -37.87 -12.31 10.18
C ILE A 1519 -37.51 -13.71 9.70
N SER A 1520 -38.53 -14.53 9.40
CA SER A 1520 -38.26 -15.86 8.87
C SER A 1520 -37.53 -15.78 7.53
N ILE A 1521 -37.94 -14.84 6.67
CA ILE A 1521 -37.26 -14.68 5.38
C ILE A 1521 -35.82 -14.24 5.60
N MET A 1522 -35.59 -13.34 6.56
CA MET A 1522 -34.22 -12.90 6.83
C MET A 1522 -33.34 -14.04 7.31
N VAL A 1523 -33.86 -14.89 8.21
CA VAL A 1523 -33.03 -15.99 8.69
C VAL A 1523 -32.82 -17.03 7.60
N LEU A 1524 -33.79 -17.21 6.69
CA LEU A 1524 -33.58 -18.11 5.56
C LEU A 1524 -32.48 -17.58 4.65
N ILE A 1525 -32.45 -16.26 4.42
CA ILE A 1525 -31.38 -15.68 3.62
C ILE A 1525 -30.03 -15.89 4.28
N CYS A 1526 -29.97 -15.73 5.60
CA CYS A 1526 -28.72 -15.97 6.33
C CYS A 1526 -28.28 -17.43 6.19
N LEU A 1527 -29.22 -18.37 6.28
CA LEU A 1527 -28.88 -19.78 6.14
C LEU A 1527 -28.38 -20.09 4.73
N ASN A 1528 -29.00 -19.48 3.72
CA ASN A 1528 -28.52 -19.67 2.34
C ASN A 1528 -27.10 -19.11 2.19
N MET A 1529 -26.83 -17.97 2.81
CA MET A 1529 -25.49 -17.41 2.77
C MET A 1529 -24.49 -18.36 3.41
N VAL A 1530 -24.87 -18.99 4.53
CA VAL A 1530 -23.98 -19.94 5.20
C VAL A 1530 -23.72 -21.15 4.31
N THR A 1531 -24.77 -21.67 3.66
CA THR A 1531 -24.57 -22.81 2.76
C THR A 1531 -23.67 -22.44 1.59
N MET A 1532 -23.69 -21.17 1.16
CA MET A 1532 -22.77 -20.76 0.11
C MET A 1532 -21.36 -20.56 0.63
N MET A 1533 -21.22 -20.23 1.93
CA MET A 1533 -19.89 -20.11 2.52
C MET A 1533 -19.23 -21.47 2.74
N VAL A 1534 -20.03 -22.50 2.98
CA VAL A 1534 -19.52 -23.82 3.35
C VAL A 1534 -18.65 -24.41 2.24
N GLU A 1535 -18.99 -24.10 0.99
CA GLU A 1535 -18.38 -24.74 -0.18
C GLU A 1535 -16.90 -24.39 -0.30
N LYS A 1536 -16.06 -25.40 -0.60
CA LYS A 1536 -14.62 -25.25 -0.63
C LYS A 1536 -14.06 -26.03 -1.83
N GLU A 1537 -12.74 -26.00 -1.96
CA GLU A 1537 -12.04 -26.63 -3.07
C GLU A 1537 -11.64 -28.06 -2.73
N GLY A 1538 -11.79 -28.96 -3.70
CA GLY A 1538 -11.51 -30.36 -3.47
C GLY A 1538 -12.57 -31.10 -2.70
N GLN A 1539 -13.76 -30.53 -2.58
CA GLN A 1539 -14.83 -31.16 -1.81
C GLN A 1539 -15.34 -32.40 -2.54
N SER A 1540 -15.94 -33.31 -1.77
CA SER A 1540 -16.41 -34.56 -2.32
C SER A 1540 -17.65 -34.34 -3.18
N GLN A 1541 -17.87 -35.29 -4.09
CA GLN A 1541 -19.07 -35.24 -4.92
C GLN A 1541 -20.34 -35.37 -4.09
N HIS A 1542 -20.28 -36.12 -2.99
CA HIS A 1542 -21.42 -36.21 -2.09
C HIS A 1542 -21.77 -34.85 -1.50
N MET A 1543 -20.75 -34.12 -1.04
CA MET A 1543 -21.00 -32.79 -0.48
C MET A 1543 -21.49 -31.83 -1.57
N THR A 1544 -20.96 -31.95 -2.77
CA THR A 1544 -21.44 -31.12 -3.87
C THR A 1544 -22.92 -31.37 -4.14
N GLU A 1545 -23.32 -32.65 -4.15
CA GLU A 1545 -24.71 -32.99 -4.40
C GLU A 1545 -25.62 -32.48 -3.29
N VAL A 1546 -25.22 -32.64 -2.03
CA VAL A 1546 -26.08 -32.18 -0.94
C VAL A 1546 -26.18 -30.65 -0.93
N LEU A 1547 -25.09 -29.95 -1.27
CA LEU A 1547 -25.16 -28.49 -1.37
C LEU A 1547 -26.08 -28.07 -2.51
N TYR A 1548 -26.02 -28.77 -3.64
CA TYR A 1548 -26.92 -28.47 -4.74
C TYR A 1548 -28.38 -28.64 -4.33
N TRP A 1549 -28.69 -29.73 -3.62
CA TRP A 1549 -30.07 -29.95 -3.21
C TRP A 1549 -30.53 -28.93 -2.19
N ILE A 1550 -29.64 -28.54 -1.26
CA ILE A 1550 -29.99 -27.49 -0.30
C ILE A 1550 -30.30 -26.18 -1.03
N ASN A 1551 -29.48 -25.81 -2.01
CA ASN A 1551 -29.73 -24.57 -2.74
C ASN A 1551 -31.02 -24.64 -3.54
N VAL A 1552 -31.34 -25.79 -4.12
CA VAL A 1552 -32.60 -25.93 -4.85
C VAL A 1552 -33.78 -25.80 -3.90
N VAL A 1553 -33.65 -26.35 -2.69
CA VAL A 1553 -34.70 -26.17 -1.68
C VAL A 1553 -34.88 -24.71 -1.33
N PHE A 1554 -33.77 -23.97 -1.17
CA PHE A 1554 -33.87 -22.53 -0.88
C PHE A 1554 -34.54 -21.79 -2.02
N ILE A 1555 -34.24 -22.17 -3.27
CA ILE A 1555 -34.88 -21.57 -4.43
C ILE A 1555 -36.38 -21.79 -4.38
N ILE A 1556 -36.80 -23.02 -4.07
CA ILE A 1556 -38.23 -23.30 -3.94
C ILE A 1556 -38.87 -22.45 -2.86
N LEU A 1557 -38.21 -22.32 -1.71
CA LEU A 1557 -38.77 -21.53 -0.62
C LEU A 1557 -38.97 -20.07 -1.03
N PHE A 1558 -37.95 -19.48 -1.65
CA PHE A 1558 -38.05 -18.07 -2.02
C PHE A 1558 -39.08 -17.85 -3.13
N THR A 1559 -39.17 -18.78 -4.09
CA THR A 1559 -40.19 -18.66 -5.12
C THR A 1559 -41.59 -18.78 -4.53
N GLY A 1560 -41.76 -19.69 -3.56
CA GLY A 1560 -43.05 -19.82 -2.91
C GLY A 1560 -43.44 -18.57 -2.14
N GLU A 1561 -42.48 -17.96 -1.43
CA GLU A 1561 -42.81 -16.73 -0.72
C GLU A 1561 -43.14 -15.59 -1.68
N CYS A 1562 -42.45 -15.53 -2.82
CA CYS A 1562 -42.79 -14.53 -3.83
C CYS A 1562 -44.19 -14.74 -4.38
N VAL A 1563 -44.56 -15.99 -4.64
CA VAL A 1563 -45.90 -16.28 -5.14
C VAL A 1563 -46.95 -15.92 -4.10
N LEU A 1564 -46.68 -16.23 -2.83
CA LEU A 1564 -47.61 -15.86 -1.76
C LEU A 1564 -47.80 -14.35 -1.70
N LYS A 1565 -46.70 -13.59 -1.76
CA LYS A 1565 -46.82 -12.14 -1.74
C LYS A 1565 -47.58 -11.62 -2.95
N LEU A 1566 -47.35 -12.20 -4.13
CA LEU A 1566 -48.07 -11.78 -5.33
C LEU A 1566 -49.57 -12.01 -5.18
N ILE A 1567 -49.97 -13.24 -4.82
CA ILE A 1567 -51.39 -13.56 -4.75
C ILE A 1567 -52.05 -12.82 -3.59
N SER A 1568 -51.27 -12.39 -2.60
CA SER A 1568 -51.82 -11.64 -1.48
C SER A 1568 -52.04 -10.18 -1.85
N LEU A 1569 -51.04 -9.55 -2.48
CA LEU A 1569 -51.09 -8.13 -2.75
C LEU A 1569 -51.70 -7.79 -4.11
N ARG A 1570 -52.07 -8.80 -4.91
CA ARG A 1570 -52.68 -8.58 -6.22
C ARG A 1570 -51.67 -7.80 -7.06
N HIS A 1571 -52.07 -6.68 -7.69
CA HIS A 1571 -51.15 -5.88 -8.47
C HIS A 1571 -50.49 -4.76 -7.65
N TYR A 1572 -50.79 -4.67 -6.36
CA TYR A 1572 -50.12 -3.71 -5.49
C TYR A 1572 -48.70 -4.13 -5.15
N TYR A 1573 -48.31 -5.36 -5.49
CA TYR A 1573 -46.98 -5.85 -5.16
C TYR A 1573 -45.89 -5.04 -5.86
N PHE A 1574 -46.13 -4.68 -7.12
CA PHE A 1574 -45.12 -4.03 -7.94
C PHE A 1574 -45.01 -2.54 -7.69
N THR A 1575 -45.62 -2.02 -6.62
CA THR A 1575 -45.50 -0.63 -6.26
C THR A 1575 -44.34 -0.34 -5.32
N VAL A 1576 -43.53 -1.35 -4.99
CA VAL A 1576 -42.40 -1.21 -4.08
C VAL A 1576 -41.13 -1.65 -4.80
N GLY A 1577 -40.09 -0.83 -4.69
CA GLY A 1577 -38.83 -1.14 -5.34
C GLY A 1577 -38.20 -2.41 -4.80
N TRP A 1578 -38.26 -2.60 -3.49
CA TRP A 1578 -37.70 -3.82 -2.91
C TRP A 1578 -38.51 -5.05 -3.33
N ASN A 1579 -39.83 -4.91 -3.44
CA ASN A 1579 -40.64 -6.03 -3.92
C ASN A 1579 -40.27 -6.42 -5.34
N ILE A 1580 -40.10 -5.43 -6.23
CA ILE A 1580 -39.77 -5.81 -7.61
C ILE A 1580 -38.32 -6.26 -7.71
N PHE A 1581 -37.46 -5.79 -6.80
CA PHE A 1581 -36.10 -6.32 -6.75
C PHE A 1581 -36.10 -7.79 -6.35
N ASP A 1582 -36.94 -8.17 -5.38
CA ASP A 1582 -37.07 -9.56 -5.00
C ASP A 1582 -37.62 -10.39 -6.16
N PHE A 1583 -38.58 -9.84 -6.89
CA PHE A 1583 -39.12 -10.53 -8.07
C PHE A 1583 -38.03 -10.78 -9.10
N VAL A 1584 -37.23 -9.75 -9.38
CA VAL A 1584 -36.12 -9.89 -10.33
C VAL A 1584 -35.13 -10.94 -9.85
N VAL A 1585 -34.82 -10.92 -8.55
CA VAL A 1585 -33.85 -11.87 -8.01
C VAL A 1585 -34.36 -13.30 -8.12
N VAL A 1586 -35.66 -13.50 -7.87
CA VAL A 1586 -36.23 -14.85 -7.99
C VAL A 1586 -36.11 -15.34 -9.42
N ILE A 1587 -36.48 -14.50 -10.39
CA ILE A 1587 -36.39 -14.91 -11.79
C ILE A 1587 -34.95 -15.22 -12.16
N ILE A 1588 -34.01 -14.36 -11.74
CA ILE A 1588 -32.61 -14.59 -12.07
C ILE A 1588 -32.10 -15.87 -11.44
N SER A 1589 -32.52 -16.18 -10.21
CA SER A 1589 -32.06 -17.42 -9.57
C SER A 1589 -32.55 -18.64 -10.34
N ILE A 1590 -33.84 -18.67 -10.71
CA ILE A 1590 -34.37 -19.82 -11.43
C ILE A 1590 -33.67 -19.96 -12.78
N VAL A 1591 -33.54 -18.86 -13.52
CA VAL A 1591 -32.95 -18.91 -14.85
C VAL A 1591 -31.49 -19.32 -14.76
N GLY A 1592 -30.75 -18.80 -13.78
CA GLY A 1592 -29.35 -19.15 -13.63
C GLY A 1592 -29.15 -20.60 -13.27
N MET A 1593 -30.00 -21.14 -12.39
CA MET A 1593 -29.89 -22.56 -12.06
C MET A 1593 -30.13 -23.42 -13.29
N PHE A 1594 -31.19 -23.12 -14.05
CA PHE A 1594 -31.47 -23.90 -15.25
C PHE A 1594 -30.34 -23.78 -16.27
N LEU A 1595 -29.84 -22.57 -16.48
CA LEU A 1595 -28.78 -22.36 -17.47
C LEU A 1595 -27.49 -23.06 -17.05
N ALA A 1596 -27.14 -23.01 -15.76
CA ALA A 1596 -25.94 -23.70 -15.31
C ALA A 1596 -26.06 -25.20 -15.48
N ASP A 1597 -27.24 -25.75 -15.17
CA ASP A 1597 -27.45 -27.18 -15.38
C ASP A 1597 -27.32 -27.54 -16.86
N LEU A 1598 -27.85 -26.68 -17.75
CA LEU A 1598 -27.71 -26.93 -19.17
C LEU A 1598 -26.25 -26.86 -19.62
N ILE A 1599 -25.51 -25.86 -19.14
CA ILE A 1599 -24.13 -25.64 -19.57
C ILE A 1599 -23.17 -26.69 -19.01
N GLU A 1600 -23.52 -27.36 -17.92
CA GLU A 1600 -22.69 -28.44 -17.40
C GLU A 1600 -23.18 -29.82 -17.81
N THR A 1601 -24.18 -29.91 -18.70
CA THR A 1601 -24.64 -31.19 -19.19
C THR A 1601 -24.48 -31.35 -20.69
N TYR A 1602 -24.99 -30.42 -21.49
CA TYR A 1602 -24.94 -30.51 -22.94
C TYR A 1602 -23.86 -29.62 -23.55
N PHE A 1603 -22.86 -29.23 -22.77
CA PHE A 1603 -21.86 -28.27 -23.20
C PHE A 1603 -20.68 -28.36 -22.24
N VAL A 1604 -19.50 -28.03 -22.73
CA VAL A 1604 -18.30 -27.95 -21.90
C VAL A 1604 -17.80 -26.51 -21.94
N SER A 1605 -17.97 -25.79 -20.83
CA SER A 1605 -17.52 -24.42 -20.72
C SER A 1605 -17.41 -24.05 -19.25
N PRO A 1606 -16.33 -24.46 -18.57
CA PRO A 1606 -16.23 -24.16 -17.13
C PRO A 1606 -16.25 -22.68 -16.79
N THR A 1607 -15.64 -21.84 -17.63
CA THR A 1607 -15.63 -20.41 -17.36
C THR A 1607 -17.04 -19.83 -17.43
N LEU A 1608 -17.80 -20.21 -18.47
CA LEU A 1608 -19.17 -19.72 -18.60
C LEU A 1608 -20.05 -20.24 -17.48
N PHE A 1609 -19.82 -21.50 -17.07
CA PHE A 1609 -20.55 -22.05 -15.93
C PHE A 1609 -20.27 -21.25 -14.66
N ARG A 1610 -19.00 -20.94 -14.41
CA ARG A 1610 -18.63 -20.19 -13.22
C ARG A 1610 -19.22 -18.79 -13.24
N VAL A 1611 -19.24 -18.15 -14.40
CA VAL A 1611 -19.78 -16.79 -14.49
C VAL A 1611 -21.29 -16.82 -14.31
N ILE A 1612 -21.98 -17.80 -14.91
CA ILE A 1612 -23.42 -17.90 -14.77
C ILE A 1612 -23.81 -18.21 -13.34
N ARG A 1613 -23.00 -19.01 -12.62
CA ARG A 1613 -23.32 -19.34 -11.24
C ARG A 1613 -23.19 -18.15 -10.29
N LEU A 1614 -22.83 -16.97 -10.78
CA LEU A 1614 -22.78 -15.78 -9.94
C LEU A 1614 -24.16 -15.19 -9.66
N ALA A 1615 -25.21 -15.72 -10.27
CA ALA A 1615 -26.56 -15.23 -10.04
C ALA A 1615 -27.08 -15.56 -8.64
N ARG A 1616 -26.39 -16.43 -7.90
CA ARG A 1616 -26.84 -16.77 -6.56
C ARG A 1616 -26.59 -15.66 -5.55
N ILE A 1617 -25.71 -14.71 -5.86
CA ILE A 1617 -25.43 -13.60 -4.94
C ILE A 1617 -26.65 -12.70 -4.78
N GLY A 1618 -27.58 -12.73 -5.73
CA GLY A 1618 -28.80 -11.94 -5.60
C GLY A 1618 -29.66 -12.37 -4.43
N ARG A 1619 -29.64 -13.67 -4.10
CA ARG A 1619 -30.45 -14.15 -2.98
C ARG A 1619 -29.91 -13.66 -1.64
N ILE A 1620 -28.62 -13.35 -1.56
CA ILE A 1620 -28.02 -12.87 -0.32
C ILE A 1620 -27.83 -11.36 -0.31
N LEU A 1621 -27.99 -10.68 -1.45
CA LEU A 1621 -27.98 -9.23 -1.44
C LEU A 1621 -29.23 -8.64 -0.80
N ARG A 1622 -30.22 -9.47 -0.49
CA ARG A 1622 -31.49 -9.01 0.08
C ARG A 1622 -31.39 -8.69 1.56
N LEU A 1623 -30.25 -8.98 2.21
CA LEU A 1623 -30.07 -8.60 3.61
C LEU A 1623 -30.03 -7.10 3.80
N VAL A 1624 -29.81 -6.34 2.72
CA VAL A 1624 -29.83 -4.88 2.79
C VAL A 1624 -31.22 -4.37 3.16
N LYS A 1625 -32.26 -5.12 2.79
CA LYS A 1625 -33.63 -4.63 2.97
C LYS A 1625 -33.96 -4.36 4.43
N GLY A 1626 -33.52 -5.23 5.34
CA GLY A 1626 -33.86 -5.09 6.73
C GLY A 1626 -32.75 -4.51 7.59
N ALA A 1627 -31.74 -3.90 6.97
CA ALA A 1627 -30.60 -3.32 7.67
C ALA A 1627 -30.60 -1.82 7.43
N LYS A 1628 -31.23 -1.08 8.33
CA LYS A 1628 -31.36 0.37 8.15
C LYS A 1628 -30.03 1.09 8.27
N GLY A 1629 -29.09 0.58 9.05
CA GLY A 1629 -27.81 1.26 9.21
C GLY A 1629 -26.99 1.30 7.93
N ILE A 1630 -26.90 0.16 7.23
CA ILE A 1630 -26.13 0.10 6.00
C ILE A 1630 -26.91 0.63 4.80
N ARG A 1631 -28.24 0.68 4.88
CA ARG A 1631 -29.03 1.22 3.79
C ARG A 1631 -28.77 2.71 3.61
N THR A 1632 -28.56 3.43 4.71
CA THR A 1632 -28.20 4.84 4.63
C THR A 1632 -26.85 5.05 3.93
N LEU A 1633 -25.86 4.21 4.26
CA LEU A 1633 -24.55 4.33 3.62
C LEU A 1633 -24.64 3.99 2.14
N LEU A 1634 -25.42 2.97 1.78
CA LEU A 1634 -25.61 2.66 0.37
C LEU A 1634 -26.35 3.79 -0.35
N PHE A 1635 -27.27 4.46 0.34
CA PHE A 1635 -27.92 5.63 -0.25
C PHE A 1635 -26.93 6.76 -0.46
N ALA A 1636 -25.97 6.92 0.45
CA ALA A 1636 -24.91 7.89 0.25
C ALA A 1636 -24.09 7.56 -1.00
N LEU A 1637 -23.76 6.27 -1.18
CA LEU A 1637 -23.05 5.86 -2.38
C LEU A 1637 -23.85 6.15 -3.64
N MET A 1638 -25.14 5.83 -3.62
CA MET A 1638 -26.05 6.08 -4.77
C MET A 1638 -26.08 7.57 -5.04
N MET A 1639 -26.03 8.40 -3.98
CA MET A 1639 -26.09 9.87 -4.12
C MET A 1639 -24.77 10.37 -4.71
N SER A 1640 -23.64 9.71 -4.43
CA SER A 1640 -22.34 10.17 -4.90
C SER A 1640 -21.96 9.60 -6.27
N LEU A 1641 -22.73 8.63 -6.77
CA LEU A 1641 -22.42 8.06 -8.08
C LEU A 1641 -22.28 9.08 -9.23
N PRO A 1642 -23.16 10.06 -9.40
CA PRO A 1642 -23.03 10.95 -10.57
C PRO A 1642 -21.71 11.69 -10.66
N ALA A 1643 -21.17 12.16 -9.53
CA ALA A 1643 -19.88 12.87 -9.58
C ALA A 1643 -18.73 11.92 -9.77
N LEU A 1644 -18.80 10.74 -9.15
CA LEU A 1644 -17.78 9.72 -9.35
C LEU A 1644 -17.71 9.29 -10.81
N PHE A 1645 -18.85 9.32 -11.51
CA PHE A 1645 -18.84 8.98 -12.93
C PHE A 1645 -18.00 9.97 -13.74
N ASN A 1646 -18.18 11.27 -13.48
CA ASN A 1646 -17.39 12.28 -14.18
C ASN A 1646 -15.91 12.15 -13.84
N ILE A 1647 -15.61 11.94 -12.55
CA ILE A 1647 -14.21 11.78 -12.14
C ILE A 1647 -13.59 10.57 -12.83
N GLY A 1648 -14.32 9.45 -12.89
CA GLY A 1648 -13.81 8.28 -13.58
C GLY A 1648 -13.65 8.49 -15.08
N LEU A 1649 -14.54 9.27 -15.68
CA LEU A 1649 -14.40 9.59 -17.10
C LEU A 1649 -13.10 10.34 -17.37
N LEU A 1650 -12.83 11.37 -16.55
CA LEU A 1650 -11.57 12.10 -16.71
C LEU A 1650 -10.37 11.20 -16.45
N LEU A 1651 -10.46 10.33 -15.43
CA LEU A 1651 -9.37 9.43 -15.12
C LEU A 1651 -9.11 8.47 -16.27
N PHE A 1652 -10.16 7.97 -16.91
CA PHE A 1652 -9.98 7.08 -18.05
C PHE A 1652 -9.33 7.81 -19.22
N LEU A 1653 -9.71 9.07 -19.46
CA LEU A 1653 -9.06 9.82 -20.53
C LEU A 1653 -7.57 10.00 -20.26
N VAL A 1654 -7.22 10.36 -19.03
CA VAL A 1654 -5.81 10.56 -18.68
C VAL A 1654 -5.05 9.24 -18.79
N MET A 1655 -5.66 8.15 -18.32
CA MET A 1655 -5.02 6.84 -18.40
C MET A 1655 -4.82 6.40 -19.84
N PHE A 1656 -5.77 6.72 -20.72
CA PHE A 1656 -5.62 6.42 -22.15
C PHE A 1656 -4.43 7.16 -22.75
N ILE A 1657 -4.33 8.46 -22.45
CA ILE A 1657 -3.22 9.26 -22.98
C ILE A 1657 -1.88 8.70 -22.49
N TYR A 1658 -1.79 8.41 -21.19
CA TYR A 1658 -0.55 7.86 -20.65
C TYR A 1658 -0.25 6.48 -21.22
N ALA A 1659 -1.28 5.68 -21.51
CA ALA A 1659 -1.05 4.38 -22.12
C ALA A 1659 -0.46 4.51 -23.51
N ILE A 1660 -0.99 5.43 -24.31
CA ILE A 1660 -0.42 5.63 -25.64
C ILE A 1660 1.02 6.09 -25.54
N PHE A 1661 1.32 7.00 -24.61
CA PHE A 1661 2.70 7.44 -24.43
C PHE A 1661 3.59 6.28 -24.00
N GLY A 1662 3.08 5.41 -23.13
CA GLY A 1662 3.88 4.28 -22.66
C GLY A 1662 4.19 3.29 -23.76
N MET A 1663 3.20 2.96 -24.59
CA MET A 1663 3.48 2.10 -25.74
C MET A 1663 4.47 2.75 -26.69
N SER A 1664 4.37 4.07 -26.87
CA SER A 1664 5.32 4.75 -27.76
C SER A 1664 6.74 4.67 -27.23
N ASN A 1665 6.92 4.84 -25.92
CA ASN A 1665 8.27 4.99 -25.34
C ASN A 1665 8.86 3.68 -24.82
N PHE A 1666 8.18 3.04 -23.86
CA PHE A 1666 8.77 1.95 -23.09
C PHE A 1666 8.39 0.58 -23.61
N ALA A 1667 8.15 0.43 -24.92
CA ALA A 1667 7.71 -0.86 -25.44
C ALA A 1667 8.83 -1.87 -25.61
N TYR A 1668 10.09 -1.44 -25.58
CA TYR A 1668 11.21 -2.31 -25.89
C TYR A 1668 12.25 -2.36 -24.76
N VAL A 1669 11.90 -1.90 -23.56
CA VAL A 1669 12.86 -1.92 -22.46
C VAL A 1669 13.06 -3.36 -21.99
N LYS A 1670 14.14 -3.60 -21.26
CA LYS A 1670 14.50 -4.94 -20.84
C LYS A 1670 13.50 -5.49 -19.82
N LYS A 1671 13.20 -6.78 -19.95
CA LYS A 1671 12.28 -7.45 -19.04
C LYS A 1671 12.96 -7.62 -17.69
N GLU A 1672 12.65 -6.73 -16.75
CA GLU A 1672 13.25 -6.77 -15.42
C GLU A 1672 12.21 -6.32 -14.39
N ASP A 1673 12.44 -6.73 -13.15
CA ASP A 1673 11.64 -6.30 -12.01
C ASP A 1673 10.14 -6.44 -12.28
N GLY A 1674 9.46 -5.30 -12.47
CA GLY A 1674 8.03 -5.30 -12.74
C GLY A 1674 7.62 -5.41 -14.19
N ILE A 1675 8.57 -5.39 -15.11
CA ILE A 1675 8.29 -5.54 -16.53
C ILE A 1675 8.60 -6.98 -16.91
N ASN A 1676 7.56 -7.77 -17.15
CA ASN A 1676 7.72 -9.19 -17.46
C ASN A 1676 6.94 -9.52 -18.73
N ASP A 1677 6.82 -10.81 -19.02
CA ASP A 1677 6.17 -11.29 -20.24
C ASP A 1677 4.70 -10.93 -20.30
N MET A 1678 4.10 -10.55 -19.17
CA MET A 1678 2.67 -10.38 -19.06
C MET A 1678 2.26 -8.97 -18.70
N PHE A 1679 3.13 -8.20 -18.07
CA PHE A 1679 2.84 -6.84 -17.60
C PHE A 1679 3.93 -5.92 -18.14
N ASN A 1680 3.71 -5.39 -19.34
CA ASN A 1680 4.67 -4.51 -20.00
C ASN A 1680 3.90 -3.43 -20.75
N PHE A 1681 4.61 -2.69 -21.60
CA PHE A 1681 4.02 -1.63 -22.40
C PHE A 1681 4.07 -1.97 -23.89
N GLU A 1682 3.87 -3.25 -24.21
CA GLU A 1682 3.95 -3.73 -25.58
C GLU A 1682 2.60 -3.75 -26.28
N THR A 1683 1.52 -3.45 -25.57
CA THR A 1683 0.17 -3.55 -26.12
C THR A 1683 -0.71 -2.59 -25.34
N PHE A 1684 -1.79 -2.13 -25.98
CA PHE A 1684 -2.72 -1.24 -25.29
C PHE A 1684 -3.29 -1.89 -24.04
N GLY A 1685 -3.66 -3.17 -24.13
CA GLY A 1685 -4.21 -3.84 -22.97
C GLY A 1685 -3.21 -3.97 -21.83
N ASN A 1686 -1.97 -4.35 -22.16
CA ASN A 1686 -0.94 -4.46 -21.14
C ASN A 1686 -0.65 -3.10 -20.50
N SER A 1687 -0.58 -2.05 -21.31
CA SER A 1687 -0.32 -0.72 -20.78
C SER A 1687 -1.45 -0.26 -19.87
N MET A 1688 -2.70 -0.52 -20.26
CA MET A 1688 -3.82 -0.12 -19.41
C MET A 1688 -3.85 -0.93 -18.12
N ILE A 1689 -3.45 -2.21 -18.19
CA ILE A 1689 -3.36 -3.02 -16.98
C ILE A 1689 -2.34 -2.44 -16.01
N CYS A 1690 -1.15 -2.11 -16.53
CA CYS A 1690 -0.11 -1.53 -15.69
C CYS A 1690 -0.54 -0.18 -15.12
N LEU A 1691 -1.20 0.63 -15.94
CA LEU A 1691 -1.61 1.96 -15.49
C LEU A 1691 -2.71 1.87 -14.44
N PHE A 1692 -3.65 0.94 -14.58
CA PHE A 1692 -4.62 0.73 -13.52
C PHE A 1692 -3.92 0.25 -12.25
N GLN A 1693 -2.90 -0.58 -12.39
CA GLN A 1693 -2.17 -1.05 -11.22
C GLN A 1693 -1.53 0.13 -10.47
N ILE A 1694 -0.88 1.04 -11.20
CA ILE A 1694 -0.18 2.14 -10.54
C ILE A 1694 -1.06 3.37 -10.31
N THR A 1695 -2.32 3.33 -10.72
CA THR A 1695 -3.25 4.39 -10.33
C THR A 1695 -3.36 4.47 -8.81
N THR A 1696 -3.30 3.33 -8.13
CA THR A 1696 -3.27 3.27 -6.68
C THR A 1696 -1.86 3.42 -6.11
N SER A 1697 -0.88 3.75 -6.95
CA SER A 1697 0.51 3.89 -6.54
C SER A 1697 1.06 2.59 -5.98
N ALA A 1698 0.97 1.53 -6.79
CA ALA A 1698 1.38 0.19 -6.39
C ALA A 1698 2.33 -0.37 -7.44
N GLY A 1699 3.58 -0.61 -7.04
CA GLY A 1699 4.57 -1.16 -7.95
C GLY A 1699 5.14 -0.18 -8.94
N TRP A 1700 4.90 1.12 -8.78
CA TRP A 1700 5.46 2.09 -9.70
C TRP A 1700 6.98 2.12 -9.64
N ASP A 1701 7.55 1.83 -8.47
CA ASP A 1701 8.99 1.68 -8.37
C ASP A 1701 9.49 0.54 -9.25
N GLY A 1702 8.80 -0.60 -9.20
CA GLY A 1702 9.22 -1.76 -9.98
C GLY A 1702 8.97 -1.61 -11.46
N LEU A 1703 8.02 -0.75 -11.86
CA LEU A 1703 7.86 -0.46 -13.27
C LEU A 1703 8.87 0.58 -13.76
N LEU A 1704 9.25 1.52 -12.90
CA LEU A 1704 10.24 2.52 -13.28
C LEU A 1704 11.66 1.96 -13.33
N ALA A 1705 11.95 0.97 -12.50
CA ALA A 1705 13.32 0.45 -12.41
C ALA A 1705 13.88 -0.03 -13.75
N PRO A 1706 13.17 -0.79 -14.58
CA PRO A 1706 13.76 -1.18 -15.88
C PRO A 1706 14.01 -0.03 -16.81
N ILE A 1707 13.37 1.13 -16.60
CA ILE A 1707 13.52 2.27 -17.49
C ILE A 1707 14.73 3.12 -17.12
N LEU A 1708 15.28 2.96 -15.92
CA LEU A 1708 16.44 3.73 -15.50
C LEU A 1708 17.73 3.23 -16.11
N ASN A 1709 17.72 2.11 -16.83
CA ASN A 1709 18.91 1.65 -17.53
C ASN A 1709 19.15 2.50 -18.77
N SER A 1710 20.37 3.01 -18.91
CA SER A 1710 20.68 3.89 -20.05
C SER A 1710 22.01 3.54 -20.69
N LYS A 1711 22.86 2.78 -20.00
CA LYS A 1711 24.19 2.45 -20.50
C LYS A 1711 24.54 1.02 -20.13
N PRO A 1712 25.43 0.39 -20.90
CA PRO A 1712 25.88 -0.96 -20.54
C PRO A 1712 26.66 -0.95 -19.25
N PRO A 1713 26.75 -2.08 -18.54
CA PRO A 1713 26.19 -3.40 -18.88
C PRO A 1713 24.75 -3.58 -18.40
N ASP A 1714 24.06 -2.49 -18.06
CA ASP A 1714 22.66 -2.60 -17.67
C ASP A 1714 21.77 -2.94 -18.86
N CYS A 1715 22.06 -2.35 -20.02
CA CYS A 1715 21.25 -2.56 -21.22
C CYS A 1715 22.18 -2.71 -22.42
N ASP A 1716 21.58 -3.07 -23.56
CA ASP A 1716 22.31 -3.22 -24.81
C ASP A 1716 21.77 -2.21 -25.83
N PRO A 1717 22.50 -1.13 -26.12
CA PRO A 1717 21.99 -0.13 -27.06
C PRO A 1717 21.86 -0.63 -28.49
N LYS A 1718 22.49 -1.75 -28.84
CA LYS A 1718 22.45 -2.27 -30.21
C LYS A 1718 21.76 -3.62 -30.27
N LYS A 1719 20.83 -3.90 -29.36
CA LYS A 1719 20.09 -5.15 -29.40
C LYS A 1719 19.19 -5.19 -30.64
N VAL A 1720 19.05 -6.39 -31.21
CA VAL A 1720 18.23 -6.60 -32.40
C VAL A 1720 16.96 -7.31 -31.98
N HIS A 1721 15.81 -6.73 -32.32
CA HIS A 1721 14.53 -7.34 -32.03
C HIS A 1721 13.99 -8.00 -33.29
N PRO A 1722 13.80 -9.31 -33.30
CA PRO A 1722 13.28 -9.96 -34.52
C PRO A 1722 11.89 -9.43 -34.87
N GLY A 1723 11.70 -9.19 -36.17
CA GLY A 1723 10.42 -8.70 -36.65
C GLY A 1723 10.20 -7.22 -36.48
N SER A 1724 11.24 -6.44 -36.16
CA SER A 1724 11.10 -5.00 -36.05
C SER A 1724 12.43 -4.34 -36.38
N SER A 1725 12.35 -3.06 -36.75
CA SER A 1725 13.54 -2.28 -37.07
C SER A 1725 14.06 -1.47 -35.89
N VAL A 1726 13.41 -1.55 -34.74
CA VAL A 1726 13.85 -0.85 -33.54
C VAL A 1726 15.06 -1.56 -32.97
N GLU A 1727 16.05 -0.79 -32.53
CA GLU A 1727 17.31 -1.31 -32.01
C GLU A 1727 17.49 -0.84 -30.58
N GLY A 1728 17.97 -1.73 -29.72
CA GLY A 1728 18.31 -1.36 -28.36
C GLY A 1728 17.17 -1.63 -27.39
N ASP A 1729 17.54 -1.97 -26.15
CA ASP A 1729 16.60 -2.21 -25.08
C ASP A 1729 16.87 -1.32 -23.88
N CYS A 1730 17.45 -0.15 -24.11
CA CYS A 1730 17.74 0.80 -23.05
C CYS A 1730 16.54 1.70 -22.80
N GLY A 1731 16.50 2.28 -21.60
CA GLY A 1731 15.45 3.22 -21.24
C GLY A 1731 15.93 4.66 -21.31
N ASN A 1732 14.97 5.57 -21.11
CA ASN A 1732 15.27 7.00 -21.02
C ASN A 1732 14.97 7.44 -19.59
N PRO A 1733 16.00 7.62 -18.74
CA PRO A 1733 15.72 7.88 -17.32
C PRO A 1733 14.89 9.13 -17.07
N SER A 1734 15.16 10.23 -17.79
CA SER A 1734 14.44 11.47 -17.54
C SER A 1734 12.96 11.34 -17.94
N VAL A 1735 12.72 10.76 -19.12
CA VAL A 1735 11.34 10.56 -19.58
C VAL A 1735 10.60 9.63 -18.63
N GLY A 1736 11.26 8.55 -18.19
CA GLY A 1736 10.61 7.63 -17.27
C GLY A 1736 10.26 8.28 -15.95
N ILE A 1737 11.20 9.05 -15.39
CA ILE A 1737 10.94 9.71 -14.12
C ILE A 1737 9.79 10.70 -14.25
N PHE A 1738 9.81 11.52 -15.30
CA PHE A 1738 8.72 12.47 -15.50
C PHE A 1738 7.39 11.74 -15.65
N TYR A 1739 7.37 10.71 -16.48
CA TYR A 1739 6.15 9.94 -16.72
C TYR A 1739 5.55 9.42 -15.43
N PHE A 1740 6.36 8.72 -14.63
CA PHE A 1740 5.81 8.05 -13.46
C PHE A 1740 5.49 9.03 -12.35
N VAL A 1741 6.35 10.01 -12.11
CA VAL A 1741 6.09 10.99 -11.05
C VAL A 1741 4.83 11.79 -11.37
N SER A 1742 4.71 12.26 -12.61
CA SER A 1742 3.52 13.02 -12.99
C SER A 1742 2.27 12.18 -12.89
N TYR A 1743 2.33 10.91 -13.33
CA TYR A 1743 1.13 10.09 -13.25
C TYR A 1743 0.71 9.83 -11.81
N ILE A 1744 1.66 9.55 -10.92
CA ILE A 1744 1.25 9.32 -9.53
C ILE A 1744 0.77 10.59 -8.85
N ILE A 1745 1.33 11.76 -9.21
CA ILE A 1745 0.82 13.00 -8.63
C ILE A 1745 -0.60 13.26 -9.11
N ILE A 1746 -0.89 13.04 -10.39
CA ILE A 1746 -2.24 13.23 -10.91
C ILE A 1746 -3.20 12.26 -10.25
N SER A 1747 -2.79 11.00 -10.09
CA SER A 1747 -3.63 10.02 -9.43
C SER A 1747 -3.92 10.41 -7.99
N PHE A 1748 -2.91 10.89 -7.27
CA PHE A 1748 -3.13 11.36 -5.91
C PHE A 1748 -4.10 12.53 -5.87
N LEU A 1749 -3.95 13.48 -6.79
CA LEU A 1749 -4.80 14.66 -6.80
C LEU A 1749 -6.23 14.37 -7.25
N VAL A 1750 -6.47 13.26 -7.93
CA VAL A 1750 -7.83 12.92 -8.38
C VAL A 1750 -8.45 11.81 -7.54
N VAL A 1751 -7.90 10.58 -7.63
CA VAL A 1751 -8.57 9.40 -7.10
C VAL A 1751 -8.61 9.36 -5.58
N VAL A 1752 -7.78 10.17 -4.92
CA VAL A 1752 -7.84 10.32 -3.48
C VAL A 1752 -8.61 11.57 -3.07
N ASN A 1753 -8.20 12.73 -3.57
CA ASN A 1753 -8.72 13.99 -3.06
C ASN A 1753 -10.15 14.27 -3.52
N MET A 1754 -10.48 14.02 -4.79
CA MET A 1754 -11.86 14.24 -5.20
C MET A 1754 -12.79 13.18 -4.63
N TYR A 1755 -12.31 11.94 -4.54
CA TYR A 1755 -13.08 10.87 -3.93
C TYR A 1755 -13.46 11.22 -2.49
N ILE A 1756 -12.47 11.70 -1.72
CA ILE A 1756 -12.73 12.04 -0.33
C ILE A 1756 -13.77 13.15 -0.24
N ALA A 1757 -13.62 14.20 -1.06
CA ALA A 1757 -14.54 15.33 -0.97
C ALA A 1757 -15.97 14.92 -1.33
N VAL A 1758 -16.12 14.17 -2.42
CA VAL A 1758 -17.46 13.76 -2.86
C VAL A 1758 -18.10 12.86 -1.81
N ILE A 1759 -17.35 11.88 -1.32
CA ILE A 1759 -17.90 10.95 -0.34
C ILE A 1759 -18.28 11.69 0.93
N LEU A 1760 -17.44 12.63 1.36
CA LEU A 1760 -17.73 13.39 2.57
C LEU A 1760 -19.01 14.18 2.45
N GLU A 1761 -19.14 14.98 1.37
CA GLU A 1761 -20.33 15.82 1.26
C GLU A 1761 -21.59 14.98 1.14
N ASN A 1762 -21.54 13.91 0.33
CA ASN A 1762 -22.75 13.12 0.14
C ASN A 1762 -23.07 12.27 1.35
N PHE A 1763 -22.06 11.89 2.15
CA PHE A 1763 -22.35 11.17 3.37
C PHE A 1763 -23.02 12.10 4.39
N SER A 1764 -22.58 13.35 4.45
CA SER A 1764 -23.27 14.32 5.30
C SER A 1764 -24.71 14.52 4.85
N VAL A 1765 -24.92 14.62 3.53
CA VAL A 1765 -26.29 14.79 2.94
C VAL A 1765 -27.14 13.57 3.29
N ALA A 1766 -26.66 12.36 2.98
CA ALA A 1766 -27.38 11.10 3.29
C ALA A 1766 -27.64 11.05 4.79
N THR A 1767 -26.69 11.51 5.60
CA THR A 1767 -26.83 11.54 7.08
C THR A 1767 -27.85 12.62 7.46
N GLU A 1768 -27.91 13.72 6.70
CA GLU A 1768 -28.87 14.84 6.95
C GLU A 1768 -30.28 14.38 6.59
N GLY B 20 10.22 -7.09 -28.14
CA GLY B 20 10.85 -8.40 -28.22
C GLY B 20 10.69 -9.06 -29.58
N CYS B 21 10.46 -10.37 -29.57
CA CYS B 21 10.36 -11.16 -30.79
C CYS B 21 8.92 -11.12 -31.28
N VAL B 22 8.74 -10.80 -32.56
CA VAL B 22 7.43 -10.79 -33.21
C VAL B 22 7.53 -11.62 -34.48
N GLU B 23 6.63 -12.59 -34.64
CA GLU B 23 6.65 -13.49 -35.78
C GLU B 23 5.94 -12.83 -36.97
N VAL B 24 6.73 -12.11 -37.75
CA VAL B 24 6.24 -11.49 -38.98
C VAL B 24 6.39 -12.49 -40.12
N ASP B 25 5.35 -12.60 -40.95
CA ASP B 25 5.40 -13.48 -42.10
C ASP B 25 6.21 -12.86 -43.22
N SER B 26 6.72 -13.71 -44.10
CA SER B 26 7.53 -13.26 -45.22
C SER B 26 6.68 -12.74 -46.36
N GLU B 27 7.30 -11.96 -47.23
CA GLU B 27 6.64 -11.50 -48.45
C GLU B 27 6.55 -12.66 -49.44
N THR B 28 5.75 -12.48 -50.49
CA THR B 28 5.47 -13.58 -51.41
C THR B 28 5.74 -13.20 -52.86
N GLU B 29 6.45 -12.09 -53.11
CA GLU B 29 6.67 -11.65 -54.48
C GLU B 29 8.04 -11.01 -54.58
N ALA B 30 8.92 -11.59 -55.38
CA ALA B 30 10.27 -11.08 -55.60
C ALA B 30 10.43 -10.67 -57.06
N VAL B 31 11.10 -9.54 -57.27
CA VAL B 31 11.28 -9.00 -58.61
C VAL B 31 12.59 -9.52 -59.19
N TYR B 32 12.54 -9.91 -60.46
CA TYR B 32 13.69 -10.52 -61.11
C TYR B 32 14.85 -9.55 -61.22
N GLY B 33 16.06 -10.04 -60.95
CA GLY B 33 17.26 -9.25 -61.07
C GLY B 33 17.62 -8.41 -59.88
N MET B 34 16.77 -8.35 -58.86
CA MET B 34 17.00 -7.55 -57.67
C MET B 34 17.28 -8.48 -56.49
N THR B 35 17.37 -7.89 -55.30
CA THR B 35 17.59 -8.63 -54.06
C THR B 35 16.26 -8.91 -53.38
N PHE B 36 16.24 -9.99 -52.59
CA PHE B 36 15.05 -10.37 -51.84
C PHE B 36 15.46 -11.02 -50.54
N LYS B 37 14.64 -10.84 -49.50
CA LYS B 37 14.87 -11.42 -48.19
C LYS B 37 13.69 -12.29 -47.81
N ILE B 38 13.97 -13.55 -47.46
CA ILE B 38 12.94 -14.51 -47.08
C ILE B 38 12.93 -14.61 -45.56
N LEU B 39 11.82 -14.19 -44.95
CA LEU B 39 11.72 -14.11 -43.50
C LEU B 39 11.32 -15.46 -42.90
N CYS B 40 11.97 -15.84 -41.81
CA CYS B 40 11.57 -16.99 -41.00
C CYS B 40 11.90 -16.66 -39.56
N ILE B 41 10.90 -16.18 -38.81
CA ILE B 41 11.05 -15.83 -37.41
C ILE B 41 10.30 -16.86 -36.58
N SER B 42 10.97 -17.44 -35.59
CA SER B 42 10.38 -18.42 -34.69
C SER B 42 10.80 -18.08 -33.27
N CYS B 43 9.87 -17.54 -32.49
CA CYS B 43 10.14 -17.13 -31.12
C CYS B 43 9.81 -18.25 -30.14
N LYS B 44 10.44 -18.19 -28.97
CA LYS B 44 10.16 -19.14 -27.92
C LYS B 44 8.88 -18.77 -27.19
N ARG B 45 8.30 -19.76 -26.51
CA ARG B 45 7.14 -19.49 -25.68
C ARG B 45 7.48 -18.55 -24.53
N ARG B 46 8.67 -18.74 -23.93
CA ARG B 46 9.16 -17.88 -22.87
C ARG B 46 10.53 -17.34 -23.27
N SER B 47 10.69 -16.02 -23.17
CA SER B 47 11.88 -15.36 -23.70
C SER B 47 13.08 -15.43 -22.76
N GLU B 48 12.90 -15.94 -21.54
CA GLU B 48 14.00 -16.04 -20.58
C GLU B 48 14.67 -17.41 -20.60
N THR B 49 14.24 -18.31 -21.47
CA THR B 49 14.79 -19.66 -21.50
C THR B 49 15.98 -19.75 -22.44
N ASN B 50 16.88 -20.68 -22.15
CA ASN B 50 18.08 -20.88 -22.94
C ASN B 50 17.84 -21.98 -23.97
N ALA B 51 18.53 -21.86 -25.11
CA ALA B 51 18.34 -22.80 -26.20
C ALA B 51 19.59 -22.83 -27.07
N GLU B 52 19.66 -23.85 -27.92
CA GLU B 52 20.70 -23.96 -28.94
C GLU B 52 20.02 -24.37 -30.24
N THR B 53 19.93 -23.44 -31.18
CA THR B 53 19.09 -23.59 -32.37
C THR B 53 19.94 -23.64 -33.63
N PHE B 54 19.56 -24.51 -34.55
CA PHE B 54 20.08 -24.50 -35.91
C PHE B 54 18.91 -24.69 -36.88
N THR B 55 19.16 -24.46 -38.16
CA THR B 55 18.09 -24.46 -39.15
C THR B 55 18.56 -25.15 -40.43
N GLU B 56 17.58 -25.63 -41.19
CA GLU B 56 17.79 -26.16 -42.53
C GLU B 56 16.69 -25.66 -43.42
N TRP B 57 17.04 -25.23 -44.63
CA TRP B 57 16.10 -24.73 -45.61
C TRP B 57 15.98 -25.73 -46.76
N THR B 58 14.75 -26.07 -47.10
CA THR B 58 14.46 -26.90 -48.26
C THR B 58 13.68 -26.07 -49.28
N PHE B 59 13.70 -26.52 -50.54
CA PHE B 59 13.17 -25.71 -51.63
C PHE B 59 12.58 -26.61 -52.69
N ARG B 60 11.31 -26.39 -53.02
CA ARG B 60 10.62 -27.12 -54.07
C ARG B 60 10.30 -26.14 -55.20
N GLN B 61 11.09 -26.16 -56.26
CA GLN B 61 10.89 -25.27 -57.39
C GLN B 61 9.53 -25.56 -58.05
N LYS B 62 8.90 -24.49 -58.54
CA LYS B 62 7.62 -24.63 -59.22
C LYS B 62 7.79 -25.52 -60.44
N GLY B 63 6.79 -26.38 -60.68
CA GLY B 63 6.90 -27.41 -61.70
C GLY B 63 7.57 -28.69 -61.25
N THR B 64 7.95 -28.79 -59.97
CA THR B 64 8.58 -29.98 -59.43
C THR B 64 7.79 -30.46 -58.23
N GLU B 65 8.10 -31.67 -57.76
CA GLU B 65 7.32 -32.32 -56.71
C GLU B 65 8.11 -32.67 -55.47
N GLU B 66 9.43 -32.48 -55.47
CA GLU B 66 10.27 -32.89 -54.35
C GLU B 66 10.94 -31.68 -53.71
N PHE B 67 10.95 -31.65 -52.38
CA PHE B 67 11.65 -30.61 -51.62
C PHE B 67 13.12 -31.00 -51.51
N VAL B 68 14.00 -30.06 -51.85
CA VAL B 68 15.44 -30.30 -51.90
C VAL B 68 16.13 -29.40 -50.88
N LYS B 69 16.99 -29.99 -50.05
CA LYS B 69 17.74 -29.21 -49.08
C LYS B 69 18.74 -28.31 -49.80
N ILE B 70 18.78 -27.03 -49.41
CA ILE B 70 19.64 -26.05 -50.07
C ILE B 70 20.69 -25.46 -49.15
N LEU B 71 20.47 -25.45 -47.84
CA LEU B 71 21.46 -24.90 -46.92
C LEU B 71 21.19 -25.38 -45.51
N ARG B 72 22.16 -25.11 -44.64
CA ARG B 72 22.04 -25.39 -43.21
C ARG B 72 22.93 -24.39 -42.46
N TYR B 73 22.42 -23.85 -41.36
CA TYR B 73 23.15 -22.88 -40.56
C TYR B 73 23.21 -23.36 -39.12
N GLU B 74 24.43 -23.50 -38.60
CA GLU B 74 24.64 -23.94 -37.23
C GLU B 74 26.00 -23.45 -36.76
N ASN B 75 26.04 -22.98 -35.50
CA ASN B 75 27.29 -22.55 -34.87
C ASN B 75 27.96 -21.44 -35.68
N GLU B 76 27.15 -20.53 -36.20
CA GLU B 76 27.61 -19.31 -36.87
C GLU B 76 28.40 -19.62 -38.15
N VAL B 77 28.14 -20.77 -38.75
CA VAL B 77 28.69 -21.05 -40.07
C VAL B 77 27.59 -21.56 -40.99
N LEU B 78 27.46 -20.94 -42.15
CA LEU B 78 26.43 -21.29 -43.12
C LEU B 78 27.00 -22.25 -44.16
N GLN B 79 26.32 -23.37 -44.37
CA GLN B 79 26.77 -24.42 -45.27
C GLN B 79 25.78 -24.55 -46.42
N LEU B 80 26.17 -24.04 -47.59
CA LEU B 80 25.35 -24.17 -48.78
C LEU B 80 25.61 -25.52 -49.45
N GLU B 81 24.55 -26.27 -49.70
CA GLU B 81 24.66 -27.48 -50.51
C GLU B 81 24.99 -27.10 -51.95
N GLU B 82 25.60 -28.03 -52.67
CA GLU B 82 26.03 -27.77 -54.04
C GLU B 82 24.80 -27.67 -54.93
N ASP B 83 24.31 -26.45 -55.12
CA ASP B 83 23.11 -26.20 -55.92
C ASP B 83 23.41 -25.07 -56.89
N GLU B 84 23.22 -25.32 -58.18
CA GLU B 84 23.48 -24.31 -59.19
C GLU B 84 22.54 -23.11 -59.04
N ARG B 85 21.28 -23.37 -58.67
CA ARG B 85 20.30 -22.30 -58.58
C ARG B 85 20.62 -21.30 -57.47
N PHE B 86 21.36 -21.73 -56.45
CA PHE B 86 21.62 -20.88 -55.30
C PHE B 86 23.10 -20.65 -55.03
N GLU B 87 23.99 -21.14 -55.89
CA GLU B 87 25.42 -20.96 -55.65
C GLU B 87 25.82 -19.50 -55.87
N GLY B 88 26.36 -18.88 -54.83
CA GLY B 88 26.77 -17.50 -54.92
C GLY B 88 25.64 -16.50 -54.91
N ARG B 89 24.46 -16.88 -54.43
CA ARG B 89 23.32 -15.99 -54.37
C ARG B 89 22.65 -15.91 -53.01
N VAL B 90 23.03 -16.75 -52.05
CA VAL B 90 22.39 -16.80 -50.74
C VAL B 90 23.39 -16.42 -49.67
N VAL B 91 23.00 -15.50 -48.79
CA VAL B 91 23.78 -15.15 -47.61
C VAL B 91 22.85 -15.20 -46.41
N TRP B 92 23.44 -15.45 -45.24
CA TRP B 92 22.66 -15.47 -44.02
C TRP B 92 22.15 -14.07 -43.69
N ASN B 93 20.90 -14.00 -43.23
CA ASN B 93 20.30 -12.71 -42.89
C ASN B 93 19.50 -12.78 -41.61
N GLY B 94 19.73 -13.81 -40.79
CA GLY B 94 19.00 -13.94 -39.54
C GLY B 94 19.77 -13.43 -38.35
N SER B 95 19.47 -13.97 -37.16
CA SER B 95 20.12 -13.51 -35.95
C SER B 95 21.60 -13.90 -35.95
N ARG B 96 22.44 -13.03 -35.42
CA ARG B 96 23.89 -13.16 -35.51
C ARG B 96 24.51 -13.13 -34.12
N GLY B 97 25.68 -13.76 -34.00
CA GLY B 97 26.48 -13.67 -32.80
C GLY B 97 26.03 -14.52 -31.63
N THR B 98 25.11 -15.45 -31.84
CA THR B 98 24.61 -16.29 -30.76
C THR B 98 24.19 -17.65 -31.31
N LYS B 99 24.06 -18.61 -30.40
CA LYS B 99 23.55 -19.94 -30.72
C LYS B 99 22.05 -20.06 -30.46
N ASP B 100 21.43 -19.04 -29.88
CA ASP B 100 20.00 -19.02 -29.61
C ASP B 100 19.30 -18.26 -30.71
N LEU B 101 19.20 -18.89 -31.89
CA LEU B 101 18.62 -18.22 -33.04
C LEU B 101 17.11 -18.11 -32.90
N GLN B 102 16.60 -16.89 -33.09
CA GLN B 102 15.17 -16.66 -33.17
C GLN B 102 14.74 -16.03 -34.49
N ASP B 103 15.67 -15.53 -35.29
CA ASP B 103 15.43 -15.03 -36.63
C ASP B 103 16.31 -15.82 -37.57
N LEU B 104 15.70 -16.55 -38.49
CA LEU B 104 16.41 -17.53 -39.32
C LEU B 104 16.24 -17.20 -40.80
N SER B 105 16.24 -15.92 -41.13
CA SER B 105 16.01 -15.47 -42.49
C SER B 105 17.23 -15.67 -43.37
N ILE B 106 17.00 -15.79 -44.67
CA ILE B 106 18.06 -15.80 -45.66
C ILE B 106 17.81 -14.66 -46.63
N PHE B 107 18.83 -14.39 -47.46
CA PHE B 107 18.84 -13.22 -48.33
C PHE B 107 19.35 -13.63 -49.70
N ILE B 108 18.50 -13.49 -50.72
CA ILE B 108 18.91 -13.77 -52.10
C ILE B 108 19.45 -12.48 -52.71
N THR B 109 20.73 -12.49 -53.07
CA THR B 109 21.39 -11.30 -53.59
C THR B 109 21.15 -11.07 -55.06
N ASN B 110 20.59 -12.04 -55.78
CA ASN B 110 20.31 -11.87 -57.21
C ASN B 110 19.17 -12.83 -57.55
N VAL B 111 17.94 -12.29 -57.63
CA VAL B 111 16.78 -13.13 -57.86
C VAL B 111 16.66 -13.48 -59.33
N THR B 112 16.36 -14.75 -59.61
CA THR B 112 16.12 -15.20 -60.98
C THR B 112 14.74 -15.85 -61.06
N TYR B 113 14.45 -16.50 -62.19
CA TYR B 113 13.19 -17.22 -62.35
C TYR B 113 13.24 -18.62 -61.75
N ASN B 114 14.40 -19.06 -61.28
CA ASN B 114 14.57 -20.36 -60.63
C ASN B 114 14.34 -20.30 -59.13
N HIS B 115 14.04 -19.13 -58.58
CA HIS B 115 13.81 -18.97 -57.15
C HIS B 115 12.33 -18.89 -56.80
N SER B 116 11.45 -19.22 -57.75
CA SER B 116 10.01 -19.19 -57.53
C SER B 116 9.53 -20.60 -57.18
N GLY B 117 8.93 -20.73 -56.01
CA GLY B 117 8.46 -22.03 -55.57
C GLY B 117 8.11 -22.00 -54.09
N ASP B 118 8.01 -23.18 -53.51
CA ASP B 118 7.67 -23.34 -52.11
C ASP B 118 8.95 -23.55 -51.30
N TYR B 119 9.11 -22.79 -50.24
CA TYR B 119 10.24 -22.91 -49.33
C TYR B 119 9.78 -23.48 -48.00
N GLU B 120 10.70 -24.11 -47.28
CA GLU B 120 10.45 -24.57 -45.93
C GLU B 120 11.63 -24.20 -45.04
N CYS B 121 11.32 -23.70 -43.85
CA CYS B 121 12.32 -23.27 -42.88
C CYS B 121 12.20 -24.18 -41.65
N HIS B 122 13.02 -25.21 -41.60
CA HIS B 122 13.02 -26.13 -40.47
C HIS B 122 13.83 -25.53 -39.33
N VAL B 123 13.25 -25.48 -38.13
CA VAL B 123 13.89 -24.93 -36.95
C VAL B 123 14.03 -26.05 -35.93
N TYR B 124 15.26 -26.30 -35.50
CA TYR B 124 15.56 -27.34 -34.52
C TYR B 124 16.10 -26.68 -33.26
N ARG B 125 15.24 -26.54 -32.25
CA ARG B 125 15.55 -25.85 -31.02
C ARG B 125 15.70 -26.85 -29.88
N LEU B 126 16.74 -26.64 -29.06
CA LEU B 126 17.05 -27.51 -27.93
C LEU B 126 17.05 -26.67 -26.66
N LEU B 127 15.94 -26.68 -25.94
CA LEU B 127 15.84 -25.93 -24.70
C LEU B 127 16.66 -26.60 -23.60
N PHE B 128 17.31 -25.79 -22.77
CA PHE B 128 18.12 -26.28 -21.66
C PHE B 128 17.46 -25.85 -20.35
N PHE B 129 16.83 -26.81 -19.68
CA PHE B 129 16.12 -26.56 -18.43
C PHE B 129 16.91 -27.15 -17.26
N GLU B 130 16.32 -27.10 -16.07
CA GLU B 130 16.95 -27.61 -14.86
C GLU B 130 16.78 -29.13 -14.84
N ASN B 131 17.87 -29.87 -15.03
CA ASN B 131 17.85 -31.33 -15.08
C ASN B 131 16.87 -31.82 -16.16
N TYR B 132 16.88 -31.12 -17.29
CA TYR B 132 15.90 -31.37 -18.35
C TYR B 132 16.35 -30.71 -19.66
N GLU B 133 16.26 -31.44 -20.76
CA GLU B 133 16.53 -30.91 -22.09
C GLU B 133 15.41 -31.31 -23.01
N HIS B 134 14.82 -30.33 -23.70
CA HIS B 134 13.72 -30.56 -24.63
C HIS B 134 14.20 -30.24 -26.05
N ASN B 135 14.11 -31.23 -26.93
CA ASN B 135 14.52 -31.11 -28.32
C ASN B 135 13.27 -31.00 -29.18
N THR B 136 12.90 -29.78 -29.54
CA THR B 136 11.69 -29.53 -30.31
C THR B 136 12.04 -29.21 -31.77
N SER B 137 11.01 -28.92 -32.56
CA SER B 137 11.19 -28.63 -33.97
C SER B 137 9.99 -27.86 -34.50
N VAL B 138 10.26 -26.92 -35.41
CA VAL B 138 9.22 -26.14 -36.08
C VAL B 138 9.48 -26.17 -37.57
N VAL B 139 8.42 -26.03 -38.36
CA VAL B 139 8.51 -25.90 -39.81
C VAL B 139 7.67 -24.71 -40.23
N LYS B 140 8.26 -23.82 -41.04
CA LYS B 140 7.56 -22.67 -41.58
C LYS B 140 7.66 -22.72 -43.10
N LYS B 141 6.53 -22.51 -43.77
CA LYS B 141 6.46 -22.63 -45.23
C LYS B 141 6.28 -21.24 -45.85
N ILE B 142 7.08 -20.95 -46.87
CA ILE B 142 7.06 -19.67 -47.57
C ILE B 142 6.93 -19.97 -49.05
N HIS B 143 5.86 -19.46 -49.68
CA HIS B 143 5.69 -19.56 -51.12
C HIS B 143 6.15 -18.26 -51.76
N ILE B 144 7.07 -18.36 -52.72
CA ILE B 144 7.68 -17.20 -53.34
C ILE B 144 7.39 -17.24 -54.83
N GLU B 145 6.77 -16.18 -55.34
CA GLU B 145 6.48 -16.06 -56.77
C GLU B 145 7.29 -14.90 -57.33
N VAL B 146 8.02 -15.16 -58.40
CA VAL B 146 8.90 -14.18 -59.02
C VAL B 146 8.14 -13.45 -60.12
N VAL B 147 8.40 -12.15 -60.24
CA VAL B 147 7.74 -11.29 -61.21
C VAL B 147 8.79 -10.41 -61.89
N ASP B 148 8.35 -9.68 -62.91
CA ASP B 148 9.20 -8.74 -63.61
C ASP B 148 9.06 -7.31 -63.11
N LYS B 149 7.86 -6.91 -62.68
CA LYS B 149 7.61 -5.59 -62.14
C LYS B 149 6.90 -5.73 -60.79
N ALA B 150 7.28 -4.87 -59.85
CA ALA B 150 6.70 -4.92 -58.51
C ALA B 150 5.27 -4.43 -58.55
N ASN B 151 4.32 -5.31 -58.23
CA ASN B 151 2.92 -4.93 -58.19
C ASN B 151 2.61 -4.08 -56.97
N ARG B 152 1.64 -3.19 -57.12
CA ARG B 152 1.17 -2.37 -56.01
C ARG B 152 0.16 -3.15 -55.17
N ASP B 153 0.09 -2.80 -53.89
CA ASP B 153 -0.82 -3.49 -52.98
C ASP B 153 -2.26 -3.14 -53.28
N MET B 154 -3.12 -4.17 -53.34
CA MET B 154 -4.55 -3.92 -53.49
C MET B 154 -5.09 -3.14 -52.30
N ALA B 155 -4.60 -3.44 -51.10
CA ALA B 155 -5.03 -2.69 -49.92
C ALA B 155 -4.65 -1.22 -50.05
N SER B 156 -3.43 -0.93 -50.50
CA SER B 156 -3.01 0.46 -50.68
C SER B 156 -3.87 1.15 -51.73
N ILE B 157 -4.15 0.47 -52.84
CA ILE B 157 -4.94 1.07 -53.91
C ILE B 157 -6.34 1.42 -53.42
N VAL B 158 -7.02 0.45 -52.79
CA VAL B 158 -8.39 0.69 -52.34
C VAL B 158 -8.42 1.72 -51.23
N SER B 159 -7.40 1.73 -50.36
CA SER B 159 -7.36 2.71 -49.28
C SER B 159 -7.20 4.12 -49.83
N GLU B 160 -6.32 4.30 -50.81
CA GLU B 160 -6.16 5.62 -51.41
C GLU B 160 -7.42 6.07 -52.12
N ILE B 161 -8.05 5.16 -52.88
CA ILE B 161 -9.28 5.52 -53.58
C ILE B 161 -10.36 5.94 -52.59
N MET B 162 -10.53 5.17 -51.51
CA MET B 162 -11.54 5.49 -50.53
C MET B 162 -11.23 6.79 -49.79
N MET B 163 -9.96 7.05 -49.50
CA MET B 163 -9.61 8.33 -48.86
C MET B 163 -9.98 9.50 -49.76
N TYR B 164 -9.67 9.39 -51.05
CA TYR B 164 -9.99 10.48 -51.96
C TYR B 164 -11.49 10.69 -52.10
N VAL B 165 -12.25 9.60 -52.22
CA VAL B 165 -13.70 9.75 -52.35
C VAL B 165 -14.31 10.29 -51.07
N LEU B 166 -13.77 9.91 -49.91
CA LEU B 166 -14.26 10.45 -48.65
C LEU B 166 -13.99 11.95 -48.55
N ILE B 167 -12.79 12.37 -48.95
CA ILE B 167 -12.47 13.80 -48.94
C ILE B 167 -13.45 14.57 -49.82
N VAL B 168 -13.64 14.09 -51.05
CA VAL B 168 -14.48 14.84 -51.99
C VAL B 168 -15.94 14.84 -51.53
N VAL B 169 -16.41 13.73 -50.95
CA VAL B 169 -17.79 13.66 -50.48
C VAL B 169 -18.01 14.62 -49.31
N LEU B 170 -17.08 14.63 -48.36
CA LEU B 170 -17.22 15.55 -47.22
C LEU B 170 -17.20 17.00 -47.68
N THR B 171 -16.29 17.34 -48.60
CA THR B 171 -16.23 18.73 -49.07
C THR B 171 -17.50 19.11 -49.82
N ILE B 172 -18.04 18.21 -50.64
CA ILE B 172 -19.27 18.50 -51.37
C ILE B 172 -20.43 18.71 -50.40
N TRP B 173 -20.53 17.85 -49.38
CA TRP B 173 -21.61 18.00 -48.40
C TRP B 173 -21.50 19.33 -47.66
N LEU B 174 -20.29 19.69 -47.24
CA LEU B 174 -20.11 20.95 -46.53
C LEU B 174 -20.43 22.14 -47.42
N VAL B 175 -19.99 22.11 -48.69
CA VAL B 175 -20.25 23.22 -49.59
C VAL B 175 -21.74 23.37 -49.86
N ALA B 176 -22.45 22.25 -50.04
CA ALA B 176 -23.89 22.31 -50.24
C ALA B 176 -24.58 22.94 -49.04
N GLU B 177 -24.20 22.51 -47.83
CA GLU B 177 -24.82 23.09 -46.64
C GLU B 177 -24.49 24.57 -46.52
N MET B 178 -23.25 24.96 -46.81
CA MET B 178 -22.86 26.36 -46.74
C MET B 178 -23.68 27.21 -47.71
N ILE B 179 -23.83 26.74 -48.95
CA ILE B 179 -24.59 27.50 -49.94
C ILE B 179 -26.05 27.64 -49.51
N TYR B 180 -26.66 26.54 -49.06
CA TYR B 180 -28.06 26.59 -48.66
C TYR B 180 -28.26 27.54 -47.47
N CYS B 181 -27.40 27.42 -46.46
CA CYS B 181 -27.53 28.27 -45.28
C CYS B 181 -27.28 29.73 -45.62
N TYR B 182 -26.32 30.00 -46.49
CA TYR B 182 -26.05 31.38 -46.89
C TYR B 182 -27.24 31.98 -47.61
N LYS B 183 -27.86 31.23 -48.53
CA LYS B 183 -29.01 31.76 -49.24
C LYS B 183 -30.17 32.02 -48.27
N LYS B 184 -30.37 31.11 -47.31
CA LYS B 184 -31.45 31.29 -46.34
C LYS B 184 -31.19 32.53 -45.47
N ILE B 185 -29.95 32.70 -45.02
CA ILE B 185 -29.63 33.83 -44.15
C ILE B 185 -29.75 35.14 -44.91
N ALA B 186 -29.28 35.18 -46.16
CA ALA B 186 -29.40 36.40 -46.96
C ALA B 186 -30.87 36.75 -47.20
N ALA B 187 -31.70 35.75 -47.51
CA ALA B 187 -33.12 36.01 -47.71
C ALA B 187 -33.75 36.56 -46.44
N ALA B 188 -33.47 35.93 -45.29
CA ALA B 188 -34.05 36.40 -44.04
C ALA B 188 -33.59 37.81 -43.69
N THR B 189 -32.30 38.10 -43.92
CA THR B 189 -31.76 39.42 -43.60
C THR B 189 -32.39 40.49 -44.49
N GLU B 190 -32.46 40.25 -45.80
CA GLU B 190 -33.05 41.24 -46.68
C GLU B 190 -34.55 41.37 -46.47
N THR B 191 -35.22 40.34 -45.95
CA THR B 191 -36.61 40.48 -45.55
C THR B 191 -36.72 41.35 -44.30
N ALA B 192 -35.83 41.16 -43.34
CA ALA B 192 -35.85 41.95 -42.11
C ALA B 192 -35.44 43.40 -42.38
N MET C 30 18.04 -26.23 20.85
CA MET C 30 17.70 -27.65 20.95
C MET C 30 17.56 -28.04 22.41
N GLU C 31 16.36 -28.45 22.81
CA GLU C 31 16.04 -28.79 24.18
C GLU C 31 15.81 -30.29 24.29
N VAL C 32 16.52 -30.93 25.22
CA VAL C 32 16.39 -32.36 25.47
C VAL C 32 16.00 -32.56 26.93
N THR C 33 14.93 -33.30 27.17
CA THR C 33 14.40 -33.54 28.51
C THR C 33 14.69 -34.97 28.90
N VAL C 34 15.58 -35.15 29.87
CA VAL C 34 15.91 -36.48 30.40
C VAL C 34 15.96 -36.41 31.91
N PRO C 35 15.61 -37.51 32.57
CA PRO C 35 15.71 -37.56 34.04
C PRO C 35 17.16 -37.68 34.48
N ALA C 36 17.54 -36.87 35.47
CA ALA C 36 18.91 -36.92 35.97
C ALA C 36 19.21 -38.25 36.63
N THR C 37 18.26 -38.78 37.41
CA THR C 37 18.42 -40.06 38.09
C THR C 37 17.18 -40.91 37.83
N LEU C 38 17.39 -42.14 37.39
CA LEU C 38 16.31 -43.10 37.15
C LEU C 38 16.59 -44.35 37.99
N ASN C 39 15.75 -44.59 38.99
CA ASN C 39 15.92 -45.71 39.90
C ASN C 39 14.94 -46.81 39.53
N VAL C 40 15.45 -48.02 39.30
CA VAL C 40 14.64 -49.18 38.98
C VAL C 40 15.03 -50.32 39.90
N LEU C 41 14.11 -51.27 40.06
CA LEU C 41 14.35 -52.44 40.88
C LEU C 41 15.04 -53.54 40.07
N ASN C 42 15.77 -54.40 40.78
CA ASN C 42 16.45 -55.51 40.13
C ASN C 42 15.43 -56.48 39.55
N GLY C 43 15.67 -56.92 38.32
CA GLY C 43 14.75 -57.80 37.63
C GLY C 43 13.57 -57.11 36.97
N SER C 44 13.51 -55.78 37.02
CA SER C 44 12.42 -55.03 36.41
C SER C 44 12.85 -54.44 35.08
N ASP C 45 11.90 -53.85 34.37
CA ASP C 45 12.15 -53.23 33.09
C ASP C 45 12.27 -51.72 33.23
N ALA C 46 13.25 -51.15 32.53
CA ALA C 46 13.52 -49.72 32.60
C ALA C 46 13.33 -49.10 31.22
N ARG C 47 12.54 -48.03 31.17
CA ARG C 47 12.35 -47.24 29.96
C ARG C 47 13.07 -45.90 30.15
N LEU C 48 14.01 -45.61 29.26
CA LEU C 48 14.86 -44.44 29.41
C LEU C 48 14.25 -43.23 28.69
N PRO C 49 13.65 -42.29 29.42
CA PRO C 49 12.96 -41.18 28.76
C PRO C 49 13.91 -40.14 28.19
N CYS C 50 14.03 -40.10 26.86
CA CYS C 50 14.81 -39.08 26.17
C CYS C 50 13.91 -38.45 25.11
N THR C 51 13.58 -37.18 25.30
CA THR C 51 12.66 -36.47 24.41
C THR C 51 13.24 -35.11 24.05
N PHE C 52 12.81 -34.59 22.90
CA PHE C 52 13.24 -33.28 22.42
C PHE C 52 12.05 -32.60 21.75
N ASN C 53 12.20 -31.30 21.50
CA ASN C 53 11.12 -30.47 20.97
C ASN C 53 11.62 -29.58 19.84
N SER C 54 12.34 -30.18 18.89
CA SER C 54 12.83 -29.42 17.74
C SER C 54 11.65 -28.92 16.90
N CYS C 55 11.81 -27.74 16.32
CA CYS C 55 10.70 -27.09 15.63
C CYS C 55 10.35 -27.81 14.32
N TYR C 56 11.36 -28.32 13.62
CA TYR C 56 11.14 -28.88 12.29
C TYR C 56 10.69 -30.33 12.38
N THR C 57 10.07 -30.79 11.29
CA THR C 57 9.62 -32.17 11.21
C THR C 57 10.81 -33.12 11.22
N VAL C 58 10.64 -34.27 11.86
CA VAL C 58 11.70 -35.26 11.97
C VAL C 58 11.81 -36.03 10.67
N ASN C 59 12.75 -35.62 9.81
CA ASN C 59 12.96 -36.29 8.54
C ASN C 59 13.77 -37.57 8.77
N HIS C 60 13.15 -38.72 8.55
CA HIS C 60 13.82 -40.00 8.80
C HIS C 60 15.00 -40.23 7.87
N LYS C 61 15.05 -39.53 6.73
CA LYS C 61 16.20 -39.61 5.85
C LYS C 61 17.38 -38.77 6.33
N GLN C 62 17.17 -37.98 7.38
CA GLN C 62 18.19 -37.02 7.85
C GLN C 62 18.42 -37.12 9.36
N PHE C 63 17.57 -37.80 10.12
CA PHE C 63 17.71 -37.86 11.56
C PHE C 63 18.93 -38.67 11.96
N SER C 64 19.63 -38.20 12.99
CA SER C 64 20.84 -38.84 13.48
C SER C 64 20.69 -39.09 14.98
N LEU C 65 20.90 -40.34 15.40
CA LEU C 65 20.83 -40.73 16.79
C LEU C 65 22.12 -41.44 17.20
N ASN C 66 22.57 -41.15 18.43
CA ASN C 66 23.77 -41.79 18.96
C ASN C 66 23.53 -42.05 20.46
N TRP C 67 23.08 -43.26 20.75
CA TRP C 67 22.93 -43.71 22.13
C TRP C 67 24.25 -44.30 22.61
N THR C 68 24.75 -43.79 23.74
CA THR C 68 25.99 -44.28 24.32
C THR C 68 25.79 -44.56 25.80
N TYR C 69 26.55 -45.52 26.31
CA TYR C 69 26.54 -45.88 27.72
C TYR C 69 27.95 -45.76 28.29
N GLN C 70 28.04 -45.21 29.50
CA GLN C 70 29.32 -45.13 30.21
C GLN C 70 29.09 -45.49 31.67
N GLU C 71 30.02 -46.26 32.23
CA GLU C 71 29.90 -46.66 33.63
C GLU C 71 30.12 -45.50 34.58
N CYS C 72 30.76 -44.42 34.13
CA CYS C 72 30.97 -43.24 34.94
C CYS C 72 31.11 -42.03 34.03
N ASN C 73 31.04 -40.85 34.64
CA ASN C 73 31.12 -39.61 33.86
C ASN C 73 32.45 -39.51 33.12
N ASN C 74 33.55 -39.85 33.79
CA ASN C 74 34.86 -39.84 33.15
C ASN C 74 35.13 -41.09 32.33
N CYS C 75 34.33 -42.14 32.47
CA CYS C 75 34.54 -43.36 31.72
C CYS C 75 34.17 -43.17 30.25
N SER C 76 34.74 -44.03 29.41
CA SER C 76 34.45 -43.97 27.98
C SER C 76 33.02 -44.42 27.71
N GLU C 77 32.49 -43.96 26.58
CA GLU C 77 31.13 -44.25 26.17
C GLU C 77 31.11 -45.39 25.17
N GLU C 78 30.17 -46.32 25.34
CA GLU C 78 30.01 -47.46 24.46
C GLU C 78 28.83 -47.21 23.52
N MET C 79 29.09 -47.29 22.22
CA MET C 79 28.10 -46.98 21.20
C MET C 79 27.27 -48.25 20.95
N PHE C 80 25.97 -48.19 21.25
CA PHE C 80 25.15 -49.39 21.24
C PHE C 80 23.84 -49.26 20.47
N LEU C 81 23.29 -48.05 20.37
CA LEU C 81 22.02 -47.87 19.67
C LEU C 81 22.06 -46.57 18.86
N GLN C 82 21.47 -46.62 17.66
CA GLN C 82 21.55 -45.50 16.73
C GLN C 82 20.39 -45.57 15.75
N PHE C 83 20.01 -44.40 15.23
CA PHE C 83 19.10 -44.29 14.10
C PHE C 83 19.83 -43.55 12.98
N ARG C 84 19.92 -44.18 11.81
CA ARG C 84 20.43 -43.50 10.64
C ARG C 84 19.34 -43.35 9.59
N MET C 85 18.75 -44.47 9.20
CA MET C 85 17.53 -44.52 8.40
C MET C 85 16.50 -45.46 8.99
N LYS C 86 16.95 -46.48 9.73
CA LYS C 86 16.11 -47.35 10.53
C LYS C 86 16.79 -47.57 11.87
N ILE C 87 16.00 -47.94 12.88
CA ILE C 87 16.56 -48.22 14.19
C ILE C 87 17.49 -49.41 14.08
N ILE C 88 18.78 -49.17 14.28
CA ILE C 88 19.80 -50.20 14.23
C ILE C 88 20.35 -50.40 15.63
N ASN C 89 20.24 -51.62 16.14
CA ASN C 89 20.76 -51.97 17.46
C ASN C 89 22.00 -52.84 17.27
N LEU C 90 23.13 -52.38 17.80
CA LEU C 90 24.38 -53.10 17.62
C LEU C 90 24.45 -54.39 18.42
N LYS C 91 23.56 -54.55 19.41
CA LYS C 91 23.45 -55.78 20.19
C LYS C 91 24.77 -56.12 20.87
N LEU C 92 25.21 -55.23 21.76
CA LEU C 92 26.44 -55.44 22.51
C LEU C 92 26.29 -56.64 23.44
N GLU C 93 27.43 -57.27 23.74
CA GLU C 93 27.41 -58.44 24.61
C GLU C 93 26.94 -58.08 26.02
N ARG C 94 27.36 -56.92 26.52
CA ARG C 94 26.98 -56.50 27.86
C ARG C 94 25.50 -56.19 27.99
N PHE C 95 24.79 -56.02 26.88
CA PHE C 95 23.34 -55.81 26.91
C PHE C 95 22.54 -56.99 26.41
N GLN C 96 23.18 -57.94 25.72
CA GLN C 96 22.52 -59.13 25.15
C GLN C 96 21.41 -58.65 24.22
N ASP C 97 20.30 -59.40 24.16
CA ASP C 97 19.14 -59.06 23.34
C ASP C 97 18.08 -58.33 24.15
N ARG C 98 18.48 -57.60 25.19
CA ARG C 98 17.56 -56.93 26.08
C ARG C 98 17.35 -55.46 25.76
N VAL C 99 17.93 -54.96 24.68
CA VAL C 99 17.85 -53.55 24.32
C VAL C 99 17.08 -53.43 23.01
N GLU C 100 15.98 -52.66 23.05
CA GLU C 100 15.19 -52.38 21.86
C GLU C 100 14.73 -50.92 21.92
N PHE C 101 14.13 -50.47 20.82
CA PHE C 101 13.63 -49.10 20.73
C PHE C 101 12.20 -49.03 21.24
N SER C 102 11.92 -47.98 22.03
CA SER C 102 10.60 -47.85 22.64
C SER C 102 9.94 -46.50 22.40
N GLY C 103 10.57 -45.58 21.69
CA GLY C 103 10.01 -44.28 21.40
C GLY C 103 9.46 -44.19 19.99
N ASN C 104 9.36 -42.96 19.49
CA ASN C 104 8.97 -42.72 18.10
C ASN C 104 9.54 -41.39 17.64
N PRO C 105 10.50 -41.39 16.71
CA PRO C 105 11.06 -40.13 16.22
C PRO C 105 10.03 -39.21 15.60
N SER C 106 9.02 -39.76 14.92
CA SER C 106 7.99 -38.92 14.32
C SER C 106 7.18 -38.15 15.36
N LYS C 107 7.18 -38.61 16.61
CA LYS C 107 6.54 -37.88 17.70
C LYS C 107 7.54 -37.45 18.76
N TYR C 108 8.83 -37.42 18.39
CA TYR C 108 9.88 -36.76 19.16
C TYR C 108 10.24 -37.49 20.45
N ASP C 109 9.94 -38.79 20.54
CA ASP C 109 10.36 -39.63 21.65
C ASP C 109 11.37 -40.64 21.13
N VAL C 110 12.55 -40.65 21.75
CA VAL C 110 13.64 -41.51 21.27
C VAL C 110 14.04 -42.45 22.40
N SER C 111 13.09 -42.77 23.27
CA SER C 111 13.36 -43.58 24.44
C SER C 111 13.81 -44.99 24.05
N VAL C 112 14.57 -45.61 24.94
CA VAL C 112 15.10 -46.95 24.74
C VAL C 112 14.68 -47.81 25.92
N MET C 113 14.09 -48.97 25.62
CA MET C 113 13.64 -49.89 26.65
C MET C 113 14.75 -50.87 27.04
N LEU C 114 14.56 -51.51 28.20
CA LEU C 114 15.51 -52.50 28.68
C LEU C 114 14.85 -53.49 29.62
N ARG C 115 14.77 -54.76 29.21
CA ARG C 115 14.16 -55.79 30.02
C ARG C 115 15.06 -56.16 31.20
N ASN C 116 14.44 -56.74 32.23
CA ASN C 116 15.06 -57.43 33.37
C ASN C 116 16.40 -56.82 33.77
N VAL C 117 16.38 -55.55 34.15
CA VAL C 117 17.58 -54.78 34.43
C VAL C 117 18.44 -55.46 35.49
N GLN C 118 19.64 -55.87 35.08
CA GLN C 118 20.59 -56.50 35.98
C GLN C 118 21.29 -55.46 36.83
N PRO C 119 21.88 -55.87 37.97
CA PRO C 119 22.69 -54.92 38.74
C PRO C 119 23.87 -54.35 37.96
N GLU C 120 24.39 -55.08 36.97
CA GLU C 120 25.47 -54.55 36.14
C GLU C 120 25.01 -53.42 35.24
N ASP C 121 23.70 -53.34 34.96
CA ASP C 121 23.18 -52.29 34.10
C ASP C 121 23.24 -50.90 34.72
N GLU C 122 23.54 -50.81 36.02
CA GLU C 122 23.69 -49.52 36.66
C GLU C 122 24.82 -48.73 36.03
N GLY C 123 24.58 -47.47 35.72
CA GLY C 123 25.58 -46.65 35.07
C GLY C 123 24.98 -45.36 34.57
N ILE C 124 25.61 -44.80 33.54
CA ILE C 124 25.18 -43.55 32.93
C ILE C 124 24.86 -43.81 31.47
N TYR C 125 23.66 -43.41 31.05
CA TYR C 125 23.20 -43.56 29.68
C TYR C 125 23.05 -42.19 29.03
N ASN C 126 23.54 -42.05 27.81
CA ASN C 126 23.54 -40.77 27.10
C ASN C 126 22.84 -40.93 25.76
N CYS C 127 21.94 -39.99 25.44
CA CYS C 127 21.30 -39.92 24.15
C CYS C 127 21.71 -38.63 23.46
N TYR C 128 22.25 -38.76 22.26
CA TYR C 128 22.66 -37.62 21.44
C TYR C 128 21.78 -37.56 20.20
N ILE C 129 21.22 -36.38 19.94
CA ILE C 129 20.23 -36.20 18.88
C ILE C 129 20.66 -35.05 17.98
N MET C 130 20.63 -35.27 16.68
CA MET C 130 20.79 -34.21 15.68
C MET C 130 19.65 -34.33 14.67
N ASN C 131 18.91 -33.25 14.47
CA ASN C 131 17.72 -33.25 13.63
C ASN C 131 17.81 -32.11 12.62
N PRO C 132 18.42 -32.35 11.45
CA PRO C 132 18.42 -31.33 10.39
C PRO C 132 17.01 -30.92 10.04
N PRO C 133 16.81 -29.68 9.60
CA PRO C 133 17.81 -28.63 9.32
C PRO C 133 18.25 -27.84 10.55
N ASP C 134 18.06 -28.36 11.76
CA ASP C 134 18.55 -27.69 12.94
C ASP C 134 20.08 -27.72 12.97
N ARG C 135 20.67 -26.69 13.58
CA ARG C 135 22.11 -26.57 13.69
C ARG C 135 22.64 -27.03 15.05
N HIS C 136 21.94 -26.65 16.13
CA HIS C 136 22.36 -27.06 17.46
C HIS C 136 22.21 -28.57 17.63
N ARG C 137 23.12 -29.15 18.42
CA ARG C 137 23.12 -30.57 18.70
C ARG C 137 22.86 -30.80 20.18
N GLY C 138 21.81 -31.57 20.49
CA GLY C 138 21.41 -31.80 21.85
C GLY C 138 22.10 -33.01 22.47
N HIS C 139 21.90 -33.16 23.78
CA HIS C 139 22.50 -34.24 24.53
C HIS C 139 21.70 -34.46 25.81
N GLY C 140 21.23 -35.70 26.00
CA GLY C 140 20.53 -36.06 27.21
C GLY C 140 21.24 -37.17 27.97
N LYS C 141 21.37 -37.01 29.28
CA LYS C 141 22.12 -37.94 30.13
C LYS C 141 21.21 -38.48 31.23
N ILE C 142 21.19 -39.80 31.37
CA ILE C 142 20.40 -40.48 32.38
C ILE C 142 21.31 -41.38 33.20
N HIS C 143 21.21 -41.28 34.54
CA HIS C 143 21.94 -42.16 35.45
C HIS C 143 20.97 -43.24 35.91
N LEU C 144 21.17 -44.46 35.40
CA LEU C 144 20.29 -45.57 35.75
C LEU C 144 20.81 -46.27 37.00
N GLN C 145 19.93 -46.43 37.99
CA GLN C 145 20.28 -47.04 39.27
C GLN C 145 19.44 -48.30 39.47
N VAL C 146 20.08 -49.35 39.95
CA VAL C 146 19.42 -50.63 40.17
C VAL C 146 19.18 -50.78 41.67
N LEU C 147 17.91 -50.89 42.06
CA LEU C 147 17.55 -51.11 43.44
C LEU C 147 17.43 -52.61 43.74
N MET C 148 17.67 -52.96 44.99
CA MET C 148 17.61 -54.36 45.41
C MET C 148 16.19 -54.90 45.34
C1 NAG D . 29.14 -16.78 -8.55
C2 NAG D . 30.41 -17.41 -8.01
C3 NAG D . 30.69 -18.79 -8.62
C4 NAG D . 29.44 -19.66 -8.79
C5 NAG D . 28.30 -18.85 -9.38
C6 NAG D . 26.98 -19.60 -9.44
C7 NAG D . 32.50 -16.24 -7.49
C8 NAG D . 33.60 -15.39 -8.05
N2 NAG D . 31.52 -16.53 -8.34
O3 NAG D . 31.63 -19.48 -7.77
O4 NAG D . 29.77 -20.74 -9.69
O5 NAG D . 28.08 -17.72 -8.57
O6 NAG D . 26.35 -19.54 -8.16
O7 NAG D . 32.49 -16.62 -6.34
C1 NAG D . 29.40 -22.03 -9.16
C2 NAG D . 30.69 -22.82 -8.89
C3 NAG D . 30.41 -24.14 -8.19
C4 NAG D . 29.53 -23.92 -6.96
C5 NAG D . 28.27 -23.17 -7.38
C6 NAG D . 27.33 -22.96 -6.19
C7 NAG D . 32.23 -22.21 -10.67
C8 NAG D . 33.58 -22.19 -10.04
N2 NAG D . 31.36 -23.09 -10.15
O3 NAG D . 31.64 -24.73 -7.79
O4 NAG D . 29.18 -25.17 -6.39
O5 NAG D . 28.63 -21.91 -7.95
O6 NAG D . 26.03 -22.61 -6.67
O7 NAG D . 31.92 -21.48 -11.60
C1 NAG E . 41.43 -2.86 0.48
C2 NAG E . 42.50 -2.02 1.19
C3 NAG E . 43.77 -2.81 1.46
C4 NAG E . 43.36 -4.02 2.27
C5 NAG E . 42.46 -4.88 1.40
C6 NAG E . 42.12 -6.19 2.12
C7 NAG E . 42.25 0.34 0.73
C8 NAG E . 42.32 1.40 -0.33
N2 NAG E . 42.80 -0.82 0.43
O3 NAG E . 44.70 -1.99 2.19
O4 NAG E . 44.44 -4.77 2.86
O5 NAG E . 41.26 -4.16 1.09
O6 NAG E . 41.64 -7.15 1.18
O7 NAG E . 41.72 0.55 1.82
C1 NAG E . 45.57 -5.04 2.00
C2 NAG E . 46.76 -5.27 2.93
C3 NAG E . 47.97 -5.88 2.23
C4 NAG E . 47.54 -7.08 1.42
C5 NAG E . 46.46 -6.67 0.44
C6 NAG E . 46.05 -7.85 -0.43
C7 NAG E . 47.44 -3.97 4.86
C8 NAG E . 47.38 -2.61 5.48
N2 NAG E . 47.12 -4.02 3.56
O3 NAG E . 48.93 -6.27 3.21
O4 NAG E . 48.67 -7.62 0.71
O5 NAG E . 45.32 -6.18 1.15
O6 NAG E . 45.34 -8.80 0.37
O7 NAG E . 47.73 -4.97 5.49
C1 NAG F . 17.42 -33.07 -31.83
C2 NAG F . 18.66 -33.97 -31.81
C3 NAG F . 19.35 -34.01 -33.16
C4 NAG F . 18.36 -34.33 -34.27
C5 NAG F . 17.22 -33.34 -34.21
C6 NAG F . 16.19 -33.58 -35.31
C7 NAG F . 19.55 -33.97 -29.55
C8 NAG F . 20.69 -33.54 -28.67
N2 NAG F . 19.59 -33.52 -30.80
O3 NAG F . 20.39 -34.99 -33.14
O4 NAG F . 19.02 -34.27 -35.53
O5 NAG F . 16.57 -33.40 -32.93
O6 NAG F . 15.53 -34.83 -35.10
O7 NAG F . 18.65 -34.68 -29.14
C1 NAG F . 19.09 -35.59 -36.10
C2 NAG F . 19.45 -35.48 -37.58
C3 NAG F . 19.51 -36.86 -38.21
C4 NAG F . 20.52 -37.71 -37.46
C5 NAG F . 20.21 -37.71 -35.96
C6 NAG F . 21.32 -38.44 -35.20
C7 NAG F . 18.71 -33.36 -38.51
C8 NAG F . 17.68 -32.66 -39.33
N2 NAG F . 18.49 -34.65 -38.29
O3 NAG F . 19.93 -36.74 -39.58
O4 NAG F . 20.45 -39.05 -37.95
O5 NAG F . 20.09 -36.39 -35.45
O6 NAG F . 21.00 -38.48 -33.81
O7 NAG F . 19.69 -32.79 -38.07
C1 NAG G . 8.42 -49.44 -17.15
C2 NAG G . 9.81 -49.00 -17.62
C3 NAG G . 10.51 -50.13 -18.38
C4 NAG G . 10.47 -51.42 -17.57
C5 NAG G . 9.06 -51.75 -17.13
C6 NAG G . 9.02 -52.99 -16.25
C7 NAG G . 10.73 -47.09 -18.83
C8 NAG G . 10.64 -46.50 -20.21
N2 NAG G . 9.68 -47.82 -18.45
O3 NAG G . 11.88 -49.79 -18.63
O4 NAG G . 11.00 -52.50 -18.36
O5 NAG G . 8.51 -50.66 -16.40
O6 NAG G . 7.70 -53.19 -15.76
O7 NAG G . 11.70 -46.90 -18.11
C1 NAG H . 43.55 -7.91 -15.85
C2 NAG H . 44.98 -7.61 -15.36
C3 NAG H . 46.05 -7.96 -16.38
C4 NAG H . 45.81 -9.32 -16.99
C5 NAG H . 44.42 -9.36 -17.58
C6 NAG H . 44.16 -10.69 -18.27
C7 NAG H . 44.72 -5.74 -13.84
C8 NAG H . 44.82 -4.25 -13.67
N2 NAG H . 45.08 -6.20 -15.03
O3 NAG H . 47.33 -7.94 -15.73
O4 NAG H . 46.79 -9.58 -18.01
O5 NAG H . 43.45 -9.17 -16.54
O6 NAG H . 44.22 -11.75 -17.31
O7 NAG H . 44.35 -6.46 -12.94
C10 IYJ I . -2.34 6.79 -2.58
C13 IYJ I . -2.96 6.65 -3.82
C15 IYJ I . -2.35 7.14 -4.95
C08 IYJ I . -1.11 7.42 -2.49
C09 IYJ I . -0.41 7.59 -1.14
C11 IYJ I . -0.50 7.91 -3.64
C12 IYJ I . 0.40 6.57 -0.67
C14 IYJ I . -1.12 7.77 -4.87
C16 IYJ I . 0.78 7.81 1.03
N03 IYJ I . -0.60 8.72 -0.49
N04 IYJ I . 1.03 6.66 0.48
N05 IYJ I . 0.56 5.36 -1.47
N06 IYJ I . 0.04 8.85 0.71
N07 IYJ I . 1.34 8.19 2.31
CL01 IYJ I . -3.14 6.15 -1.12
CL02 IYJ I . -4.55 5.84 -3.93
C10 IYJ J . -15.53 20.67 7.00
C13 IYJ J . -16.51 21.64 6.90
C15 IYJ J . -17.73 21.31 6.32
C08 IYJ J . -15.77 19.40 6.52
C09 IYJ J . -14.66 18.36 6.66
C11 IYJ J . -16.97 19.08 5.94
C12 IYJ J . -14.74 17.45 7.69
C14 IYJ J . -17.96 20.04 5.83
C16 IYJ J . -12.89 16.64 6.97
N03 IYJ J . -13.66 18.41 5.79
N04 IYJ J . -13.82 16.53 7.86
N05 IYJ J . -15.89 17.50 8.57
N06 IYJ J . -12.67 17.46 5.96
N07 IYJ J . -11.74 15.76 6.93
CL01 IYJ J . -13.96 21.06 7.75
CL02 IYJ J . -16.22 23.28 7.53
CAA Y01 K . 4.77 25.64 -26.98
CBA Y01 K . 3.48 25.18 -26.30
CAB Y01 K . 3.68 23.83 -25.63
CAN Y01 K . 2.99 26.23 -25.29
CAJ Y01 K . 2.69 27.60 -25.86
CAO Y01 K . 2.21 28.60 -24.83
CBB Y01 K . 0.76 28.41 -24.34
CAC Y01 K . 0.72 27.51 -23.11
CBE Y01 K . 0.10 29.78 -24.11
CAP Y01 K . 0.46 30.80 -25.23
CAQ Y01 K . -0.73 31.77 -25.35
CBG Y01 K . -1.59 31.44 -24.15
CBI Y01 K . -1.46 29.90 -24.02
CAE Y01 K . -2.11 29.16 -25.21
CAU Y01 K . -2.11 29.49 -22.70
CAS Y01 K . -3.57 29.94 -22.64
CBF Y01 K . -3.73 31.46 -22.82
CBD Y01 K . -3.02 31.95 -24.10
CAK Y01 K . -3.04 33.48 -24.14
CAI Y01 K . -4.35 34.07 -23.72
CAZ Y01 K . -5.34 33.37 -23.17
CAV Y01 K . -6.68 34.03 -22.90
CBH Y01 K . -5.22 31.91 -22.74
CAD Y01 K . -6.12 31.08 -23.66
CAT Y01 K . -5.70 31.81 -21.28
CAR Y01 K . -7.07 32.45 -21.04
CBC Y01 K . -7.08 33.89 -21.44
OAW Y01 K . -8.43 34.42 -21.30
CAY Y01 K . -8.63 35.74 -21.40
OAG Y01 K . -7.75 36.54 -21.43
CAM Y01 K . -10.10 36.07 -21.50
CAL Y01 K . -10.70 36.83 -20.33
CAX Y01 K . -10.73 36.08 -19.02
OAH Y01 K . -11.22 36.65 -18.02
OAF Y01 K . -10.27 34.92 -18.98
CAA Y01 L . 15.76 27.44 0.95
CBA Y01 L . 15.86 27.51 -0.57
CAB Y01 L . 16.01 26.12 -1.15
CAN Y01 L . 14.68 28.28 -1.15
CAJ Y01 L . 13.93 27.62 -2.29
CAO Y01 L . 12.56 28.20 -2.49
CBB Y01 L . 12.50 29.73 -2.45
CAC Y01 L . 13.50 30.32 -3.44
CBE Y01 L . 11.07 30.25 -2.68
CAP Y01 L . 10.06 29.17 -3.15
CAQ Y01 L . 8.66 29.74 -2.88
CBG Y01 L . 8.92 31.07 -2.17
CBI Y01 L . 10.29 30.90 -1.50
CAE Y01 L . 10.27 29.95 -0.30
CAU Y01 L . 10.75 32.30 -1.08
CAS Y01 L . 9.71 33.00 -0.18
CBF Y01 L . 8.31 33.05 -0.81
CBD Y01 L . 7.85 31.65 -1.27
CAK Y01 L . 6.51 31.75 -1.98
CAI Y01 L . 5.53 32.58 -1.24
CAZ Y01 L . 5.86 33.49 -0.33
CAV Y01 L . 4.78 34.30 0.36
CBH Y01 L . 7.29 33.79 0.08
CAD Y01 L . 7.47 33.43 1.57
CAT Y01 L . 7.48 35.31 -0.10
CAR Y01 L . 6.44 36.14 0.66
CBC Y01 L . 5.04 35.79 0.27
OAW Y01 L . 4.16 36.47 1.22
CAY Y01 L . 2.85 36.32 1.13
OAG Y01 L . 2.28 35.88 0.17
CAM Y01 L . 2.16 36.79 2.38
CAL Y01 L . 0.65 36.95 2.30
CAX Y01 L . 0.03 37.56 3.54
OAH Y01 L . -1.21 37.71 3.56
OAF Y01 L . 0.78 37.86 4.49
CAA Y01 M . 17.75 17.20 12.97
CBA Y01 M . 16.70 16.16 12.62
CAB Y01 M . 15.67 16.06 13.73
CAN Y01 M . 17.34 14.80 12.33
CAJ Y01 M . 16.40 13.71 11.88
CAO Y01 M . 17.11 12.42 11.56
CBB Y01 M . 17.75 11.69 12.74
CAC Y01 M . 16.71 10.85 13.47
CBE Y01 M . 18.99 10.90 12.27
CAP Y01 M . 19.99 11.81 11.51
CAQ Y01 M . 21.38 11.44 12.01
CBG Y01 M . 21.18 10.01 12.49
CBI Y01 M . 19.86 10.10 13.28
CAE Y01 M . 20.05 10.89 14.58
CAU Y01 M . 19.43 8.65 13.57
CAS Y01 M . 20.53 7.84 14.26
CBF Y01 M . 21.86 7.85 13.47
CBD Y01 M . 22.31 9.30 13.22
CAK Y01 M . 23.58 9.33 12.38
CAI Y01 M . 24.59 8.31 12.81
CAZ Y01 M . 24.31 7.21 13.49
CAV Y01 M . 25.37 6.13 13.66
CBH Y01 M . 22.94 6.92 14.09
CAD Y01 M . 23.06 7.09 15.62
CAT Y01 M . 22.54 5.46 13.76
CAR Y01 M . 23.65 4.43 13.97
CBC Y01 M . 24.86 4.80 13.18
OAW Y01 M . 25.91 3.79 13.37
CAY Y01 M . 26.92 3.76 12.50
OAG Y01 M . 27.07 4.56 11.62
CAM Y01 M . 27.83 2.59 12.74
CAL Y01 M . 28.50 2.53 14.10
CAX Y01 M . 29.36 1.29 14.31
OAH Y01 M . 30.59 1.45 14.52
OAF Y01 M . 28.81 0.17 14.28
C1 LPE N . 15.83 14.40 -15.06
O1 LPE N . 14.69 14.23 -14.24
C2 LPE N . 16.96 13.56 -14.52
O2H LPE N . 16.45 12.30 -14.12
C3 LPE N . 18.07 13.31 -15.52
C11 LPE N . 13.62 15.11 -14.60
C12 LPE N . 12.33 14.49 -14.17
O3 LPE N . 18.75 12.08 -15.13
P LPE N . 19.97 11.54 -16.01
O31 LPE N . 21.10 12.53 -15.91
O32 LPE N . 20.20 10.11 -15.63
O33 LPE N . 19.41 11.64 -17.52
C31 LPE N . 19.01 10.44 -18.21
C32 LPE N . 19.76 10.32 -19.52
N LPE N . 18.90 10.29 -20.77
C13 LPE N . 11.87 14.97 -12.82
C14 LPE N . 10.66 15.85 -12.89
C15 LPE N . 9.37 15.13 -12.68
C16 LPE N . 8.34 15.91 -11.91
C17 LPE N . 7.00 15.95 -12.58
C18 LPE N . 5.98 16.81 -11.89
C19 LPE N . 4.56 16.34 -12.08
C20 LPE N . 3.51 17.33 -11.68
C21 LPE N . 2.13 16.96 -12.16
C22 LPE N . 1.03 17.85 -11.66
C1 PCW O . 21.91 16.91 -13.45
C2 PCW O . 20.56 16.24 -13.42
C3 PCW O . 20.63 14.73 -13.43
C4 PCW O . 26.32 15.51 -14.26
C5 PCW O . 27.52 16.34 -14.66
C6 PCW O . 29.87 16.53 -15.34
C7 PCW O . 29.21 14.82 -13.77
C8 PCW O . 28.57 14.63 -16.09
C11 PCW O . 21.15 12.95 -11.99
C12 PCW O . 19.77 12.37 -11.89
C13 PCW O . 18.80 13.27 -11.21
C14 PCW O . 17.47 12.60 -10.99
C15 PCW O . 16.34 13.55 -10.88
C16 PCW O . 15.20 13.04 -10.06
C17 PCW O . 14.33 14.15 -9.52
C18 PCW O . 13.10 13.66 -8.85
C19 PCW O . 11.99 14.66 -8.91
C20 PCW O . 10.85 14.52 -8.35
C21 PCW O . 10.62 13.69 -7.13
C22 PCW O . 9.40 14.08 -6.40
C23 PCW O . 9.42 15.50 -5.88
C24 PCW O . 8.37 15.76 -4.85
C25 PCW O . 7.03 15.16 -5.18
C26 PCW O . 5.95 15.40 -4.16
C27 PCW O . 6.25 16.46 -3.15
C28 PCW O . 5.09 16.64 -2.20
C31 PCW O . 18.89 17.59 -12.35
C32 PCW O . 18.66 18.35 -11.09
C33 PCW O . 17.69 17.67 -10.17
C34 PCW O . 16.44 17.18 -10.88
C35 PCW O . 15.63 18.26 -11.56
C36 PCW O . 14.44 18.71 -10.76
C37 PCW O . 14.78 19.40 -9.46
C38 PCW O . 14.44 18.60 -8.23
C39 PCW O . 12.98 18.61 -7.92
C40 PCW O . 12.00 18.92 -8.72
C41 PCW O . 10.59 18.46 -8.57
C42 PCW O . 9.59 19.48 -9.01
C43 PCW O . 8.15 18.99 -8.96
N PCW O . 28.79 15.58 -14.97
O2 PCW O . 19.86 16.68 -12.23
O3 PCW O . 21.11 14.27 -12.15
O11 PCW O . 22.17 12.32 -11.95
O31 PCW O . 18.27 17.77 -13.37
O1P PCW O . 23.56 14.56 -15.87
O2P PCW O . 23.65 14.64 -13.28
O3P PCW O . 22.60 16.52 -14.67
O4P PCW O . 25.09 16.17 -14.67
P PCW O . 23.71 15.35 -14.61
C1 LPE P . -7.78 23.63 -19.23
O1 LPE P . -7.18 23.70 -20.52
C2 LPE P . -8.91 24.65 -19.17
O2H LPE P . -9.56 24.52 -17.90
C3 LPE P . -8.45 26.07 -19.35
C11 LPE P . -6.77 22.42 -20.98
C12 LPE P . -5.63 21.91 -20.14
O3 LPE P . -9.56 26.91 -19.81
P LPE P . -10.78 27.25 -18.83
O31 LPE P . -10.23 27.97 -17.63
O32 LPE P . -11.61 26.01 -18.65
O33 LPE P . -11.61 28.32 -19.70
C31 LPE P . -12.85 28.88 -19.19
C32 LPE P . -13.95 27.85 -19.24
N LPE P . -15.34 28.34 -18.91
C1N LPE P . -16.32 27.22 -18.97
C2N LPE P . -15.37 28.93 -17.53
C3N LPE P . -15.76 29.39 -19.88
C13 LPE P . -5.51 20.41 -20.18
C14 LPE P . -4.16 19.90 -19.73
C15 LPE P . -3.06 20.10 -20.74
C16 LPE P . -1.79 19.35 -20.41
C17 LPE P . -0.76 19.36 -21.51
C18 LPE P . 0.45 18.49 -21.21
C19 LPE P . 1.47 18.45 -22.32
C20 LPE P . 2.64 17.53 -22.03
C21 LPE P . 3.67 17.46 -23.13
C22 LPE P . 4.82 16.53 -22.84
C1 PCW Q . -6.64 -23.56 9.01
C2 PCW Q . -7.83 -22.72 9.43
C3 PCW Q . -7.97 -22.58 10.93
C4 PCW Q . -2.95 -24.34 6.61
C5 PCW Q . -2.91 -24.05 5.13
C6 PCW Q . -1.74 -24.13 2.97
C7 PCW Q . -0.58 -23.31 4.93
C8 PCW Q . -1.10 -25.67 4.73
C11 PCW Q . -7.32 -21.07 12.62
C12 PCW Q . -6.57 -19.80 12.89
C13 PCW Q . -7.36 -18.78 13.66
C14 PCW Q . -8.56 -18.26 12.89
C15 PCW Q . -9.02 -16.88 13.34
C16 PCW Q . -7.94 -15.83 13.27
C17 PCW Q . -8.44 -14.41 13.07
C18 PCW Q . -8.93 -13.72 14.32
C19 PCW Q . -9.40 -12.33 14.02
C20 PCW Q . -9.69 -11.36 14.85
C21 PCW Q . -9.56 -11.34 16.35
C22 PCW Q . -9.99 -10.03 16.93
C23 PCW Q . -9.24 -8.82 16.38
C24 PCW Q . -9.79 -7.49 16.82
C25 PCW Q . -9.78 -7.27 18.32
C26 PCW Q . -10.28 -5.91 18.75
C31 PCW Q . -8.00 -21.08 7.68
C32 PCW Q . -7.84 -19.61 7.39
C33 PCW Q . -7.43 -18.81 8.60
C34 PCW Q . -7.49 -17.32 8.34
C35 PCW Q . -8.88 -16.82 8.00
C36 PCW Q . -8.94 -15.38 7.56
C37 PCW Q . -8.99 -14.35 8.68
C38 PCW Q . -9.06 -12.95 8.18
C39 PCW Q . -9.45 -11.94 9.22
C40 PCW Q . -9.55 -10.65 8.99
C41 PCW Q . -10.02 -9.59 9.93
C42 PCW Q . -11.13 -8.75 9.37
C43 PCW Q . -11.58 -7.61 10.26
N PCW Q . -1.58 -24.29 4.44
O2 PCW Q . -7.68 -21.37 8.95
O3 PCW Q . -7.24 -21.42 11.34
O11 PCW Q . -7.93 -21.72 13.43
O31 PCW Q . -8.41 -21.90 6.90
O1P PCW Q . -5.85 -24.77 5.43
O2P PCW Q . -5.46 -26.04 7.68
O3P PCW Q . -6.69 -23.84 7.58
O4P PCW Q . -4.21 -23.91 7.19
P PCW Q . -5.55 -24.74 6.91
N P5S R . -32.29 8.83 3.93
C1 P5S R . -33.82 3.98 -1.78
C2 P5S R . -33.22 3.59 -0.45
C3 P5S R . -33.45 4.61 0.64
CA P5S R . -32.83 7.60 4.57
CB P5S R . -31.85 6.46 4.41
OG P5S R . -32.22 5.69 3.25
P12 P5S R . -33.55 4.79 3.27
O13 P5S R . -33.47 3.84 4.44
O15 P5S R . -34.76 5.66 3.10
O16 P5S R . -33.40 3.93 1.93
C17 P5S R . -34.98 1.98 -2.21
O18 P5S R . -35.93 2.35 -1.58
O19 P5S R . -33.98 2.78 -2.56
C20 P5S R . -34.75 0.58 -2.68
C21 P5S R . -35.50 0.25 -3.95
C22 P5S R . -35.05 -1.08 -4.52
C23 P5S R . -33.55 -1.19 -4.65
C24 P5S R . -33.06 -2.50 -5.21
C25 P5S R . -31.57 -2.69 -5.08
C26 P5S R . -31.09 -2.64 -3.65
C27 P5S R . -29.59 -2.62 -3.50
C28 P5S R . -28.88 -3.80 -4.10
C29 P5S R . -27.39 -3.79 -3.86
C30 P5S R . -27.01 -3.78 -2.40
C31 P5S R . -25.54 -3.57 -2.14
C32 P5S R . -24.63 -4.58 -2.80
C33 P5S R . -23.18 -4.40 -2.46
C34 P5S R . -22.62 -3.03 -2.80
C35 P5S R . -21.18 -2.84 -2.43
O37 P5S R . -31.80 3.33 -0.62
C38 P5S R . -31.43 2.14 -1.11
C39 P5S R . -30.62 2.23 -2.38
C40 P5S R . -29.36 1.43 -2.35
C41 P5S R . -28.77 1.22 -3.74
C42 P5S R . -27.59 0.30 -3.79
C43 P5S R . -26.27 0.91 -3.40
C44 P5S R . -25.56 1.60 -4.54
C45 P5S R . -25.17 0.68 -5.66
C46 P5S R . -24.39 1.34 -6.77
O47 P5S R . -31.78 1.11 -0.60
C1 PCW S . -37.23 4.45 -7.09
C2 PCW S . -36.31 3.26 -7.02
C3 PCW S . -36.91 2.03 -7.67
C4 PCW S . -40.67 2.76 -5.43
C5 PCW S . -39.71 2.39 -4.32
C6 PCW S . -39.34 1.96 -1.93
C7 PCW S . -39.83 4.21 -2.67
C8 PCW S . -41.56 2.51 -2.71
C11 PCW S . -36.39 -0.21 -8.12
C12 PCW S . -35.33 -1.28 -8.08
C13 PCW S . -35.15 -1.96 -9.40
C14 PCW S . -34.16 -3.11 -9.32
C15 PCW S . -33.99 -3.86 -10.63
C16 PCW S . -33.00 -5.00 -10.60
C17 PCW S . -31.59 -4.60 -10.18
C18 PCW S . -30.53 -5.54 -10.65
C19 PCW S . -30.73 -6.96 -10.23
C20 PCW S . -29.86 -7.70 -9.59
C21 PCW S . -30.03 -9.13 -9.23
C22 PCW S . -28.85 -9.72 -8.53
C23 PCW S . -27.56 -9.68 -9.34
C24 PCW S . -26.36 -10.26 -8.62
C25 PCW S . -25.07 -10.20 -9.42
C26 PCW S . -23.87 -10.74 -8.68
C27 PCW S . -22.59 -10.68 -9.47
C31 PCW S . -33.93 3.06 -7.02
C32 PCW S . -32.90 2.48 -7.94
C33 PCW S . -31.72 1.92 -7.21
C34 PCW S . -30.88 0.99 -8.06
C35 PCW S . -29.63 0.49 -7.36
C36 PCW S . -28.85 -0.55 -8.11
C37 PCW S . -29.56 -1.90 -8.26
C38 PCW S . -28.69 -2.99 -8.79
C39 PCW S . -27.51 -3.28 -7.90
N PCW S . -40.12 2.77 -2.91
O2 PCW S . -35.02 3.52 -7.65
O3 PCW S . -35.96 0.95 -7.64
O11 PCW S . -37.51 -0.35 -8.53
O31 PCW S . -33.81 3.13 -5.83
O1P PCW S . -40.13 5.48 -7.64
O2P PCW S . -39.26 6.13 -5.28
O3P PCW S . -38.46 4.04 -6.44
O4P PCW S . -40.83 4.21 -5.57
P PCW S . -39.68 5.08 -6.26
C1 LPE T . -25.24 6.75 -12.36
O1 LPE T . -24.04 6.22 -12.92
C2 LPE T . -25.68 8.01 -13.06
O2H LPE T . -26.74 8.63 -12.32
C3 LPE T . -24.57 9.00 -13.31
C11 LPE T . -23.79 4.91 -12.43
C12 LPE T . -22.43 4.43 -12.90
O3 LPE T . -24.11 8.84 -14.67
P LPE T . -24.63 9.84 -15.81
O31 LPE T . -23.83 11.12 -15.74
O32 LPE T . -24.69 9.05 -17.10
O33 LPE T . -26.12 10.19 -15.34
C31 LPE T . -26.81 11.34 -15.92
C32 LPE T . -27.07 11.16 -17.39
N LPE T . -26.40 12.14 -18.33
C1N LPE T . -27.37 12.61 -19.35
C2N LPE T . -25.87 13.31 -17.57
C3N LPE T . -25.26 11.47 -19.03
C13 LPE T . -21.28 5.05 -12.16
C14 LPE T . -19.95 4.45 -12.54
C15 LPE T . -18.77 5.06 -11.81
C16 LPE T . -17.43 4.52 -12.27
C17 LPE T . -16.23 5.19 -11.66
C18 LPE T . -16.12 5.04 -10.16
C19 LPE T . -14.90 5.69 -9.56
C1 LPE U . -7.65 -4.61 -21.06
O1 LPE U . -8.80 -4.11 -20.38
C2 LPE U . -7.68 -6.13 -21.01
O2H LPE U . -8.92 -6.60 -21.53
C3 LPE U . -6.54 -6.77 -21.78
C11 LPE U . -8.90 -2.70 -20.39
C12 LPE U . -10.24 -2.29 -19.84
O3 LPE U . -6.58 -8.22 -21.61
P LPE U . -7.44 -9.13 -22.62
O31 LPE U . -8.78 -8.47 -22.86
O32 LPE U . -7.38 -10.54 -22.12
O33 LPE U . -6.59 -9.09 -23.98
C31 LPE U . -6.95 -10.00 -25.06
C32 LPE U . -6.00 -9.85 -26.22
N LPE U . -6.20 -10.82 -27.36
C1N LPE U . -5.95 -12.21 -26.90
C2N LPE U . -7.59 -10.71 -27.88
C3N LPE U . -5.24 -10.51 -28.47
C13 LPE U . -10.51 -0.81 -19.94
C14 LPE U . -9.67 0.02 -18.98
C15 LPE U . -10.14 -0.04 -17.55
C16 LPE U . -9.31 0.78 -16.60
C17 LPE U . -9.87 0.89 -15.20
C18 LPE U . -11.16 1.65 -15.09
C19 LPE U . -11.05 3.11 -15.47
C1 LPE V . -11.22 0.98 -27.72
O1 LPE V . -11.32 2.21 -27.03
C2 LPE V . -9.80 0.78 -28.21
O2H LPE V . -8.89 1.09 -27.15
C3 LPE V . -9.53 -0.64 -28.68
C11 LPE V . -11.12 3.37 -27.83
C12 LPE V . -11.15 4.59 -26.94
O3 LPE V . -8.11 -0.79 -28.98
P LPE V . -7.53 -2.25 -29.32
O31 LPE V . -7.78 -3.10 -28.12
O32 LPE V . -6.14 -2.10 -29.87
O33 LPE V . -8.49 -2.74 -30.51
C31 LPE V . -8.10 -3.88 -31.33
C32 LPE V . -7.98 -5.13 -30.49
N LPE V . -7.56 -6.38 -31.24
C1N LPE V . -7.48 -7.54 -30.29
C2N LPE V . -8.55 -6.70 -32.29
C3N LPE V . -6.23 -6.18 -31.86
C13 LPE V . -11.03 5.89 -27.69
C14 LPE V . -10.97 7.10 -26.78
C15 LPE V . -12.14 7.20 -25.84
C16 LPE V . -12.10 8.38 -24.90
C17 LPE V . -13.28 8.46 -23.98
C18 LPE V . -13.28 9.66 -23.06
C19 LPE V . -14.47 9.72 -22.14
C1 LPE W . -23.08 -11.14 7.34
O1 LPE W . -21.79 -11.56 7.77
C2 LPE W . -23.70 -10.17 8.32
O2H LPE W . -22.86 -9.01 8.43
C3 LPE W . -25.10 -9.75 7.97
C11 LPE W . -21.25 -12.52 6.88
C12 LPE W . -19.84 -12.86 7.29
O3 LPE W . -25.66 -8.92 9.02
P LPE W . -27.14 -8.33 8.84
O31 LPE W . -27.16 -7.44 7.63
O32 LPE W . -28.11 -9.47 8.94
O33 LPE W . -27.32 -7.42 10.15
C31 LPE W . -28.55 -6.67 10.34
C32 LPE W . -28.53 -6.01 11.70
N LPE W . -29.75 -5.19 12.05
C1N LPE W . -29.83 -4.00 11.15
C2N LPE W . -30.98 -6.00 11.90
C3N LPE W . -29.64 -4.71 13.46
C13 LPE W . -19.73 -13.56 8.62
C14 LPE W . -18.32 -13.99 8.95
C15 LPE W . -17.31 -12.87 8.87
C16 LPE W . -15.91 -13.26 9.30
C17 LPE W . -15.30 -14.38 8.50
C18 LPE W . -13.89 -14.73 8.92
C19 LPE W . -13.28 -15.87 8.15
CAA Y01 X . 12.57 23.18 -5.40
CBA Y01 X . 13.71 23.00 -4.41
CAB Y01 X . 13.75 24.19 -3.46
CAN Y01 X . 15.03 22.80 -5.12
CAJ Y01 X . 15.69 24.06 -5.60
CAO Y01 X . 17.03 23.85 -6.27
CBB Y01 X . 18.22 23.46 -5.36
CAC Y01 X . 17.92 23.71 -3.88
CBE Y01 X . 18.73 22.03 -5.63
CAP Y01 X . 17.62 20.97 -5.93
CAQ Y01 X . 18.26 19.92 -6.86
CBG Y01 X . 19.74 20.29 -6.86
CBI Y01 X . 19.76 21.82 -6.76
CAE Y01 X . 19.28 22.51 -8.06
CAU Y01 X . 21.20 22.24 -6.44
CAS Y01 X . 22.21 21.65 -7.42
CBF Y01 X . 22.08 20.13 -7.62
CBD Y01 X . 20.63 19.73 -7.95
CAK Y01 X . 20.48 18.22 -8.04
CAI Y01 X . 21.68 17.54 -8.64
CAZ Y01 X . 22.79 18.14 -9.01
CAV Y01 X . 23.83 17.40 -9.83
CBH Y01 X . 23.11 19.59 -8.65
CAD Y01 X . 23.11 20.43 -9.94
CAT Y01 X . 24.51 19.60 -8.02
CAR Y01 X . 25.57 18.95 -8.92
CBC Y01 X . 25.22 17.54 -9.25
OAW Y01 X . 26.15 17.09 -10.28
CAY Y01 X . 26.20 15.79 -10.54
OAG Y01 X . 25.26 15.13 -10.86
CAM Y01 X . 27.59 15.24 -10.40
CAL Y01 X . 27.75 13.84 -10.92
CAX Y01 X . 29.18 13.46 -11.22
OAH Y01 X . 29.39 12.36 -11.76
OAF Y01 X . 30.08 14.27 -10.93
C1 NAG Y . 21.38 -9.16 -45.07
C2 NAG Y . 21.92 -8.35 -43.89
C3 NAG Y . 22.33 -6.96 -44.37
C4 NAG Y . 23.32 -7.08 -45.50
C5 NAG Y . 22.72 -7.92 -46.63
C6 NAG Y . 23.71 -8.10 -47.78
C7 NAG Y . 21.05 -8.81 -41.67
C8 NAG Y . 19.85 -8.77 -40.78
N2 NAG Y . 20.91 -8.23 -42.87
O3 NAG Y . 22.91 -6.23 -43.28
O4 NAG Y . 23.65 -5.78 -46.01
O5 NAG Y . 22.36 -9.21 -46.12
O6 NAG Y . 24.70 -9.06 -47.42
O7 NAG Y . 22.09 -9.34 -41.33
C1 NAG Z . 22.46 -10.78 -61.43
C2 NAG Z . 22.90 -9.33 -61.56
C3 NAG Z . 22.81 -8.87 -63.00
C4 NAG Z . 23.61 -9.81 -63.89
C5 NAG Z . 23.14 -11.25 -63.69
C6 NAG Z . 23.97 -12.22 -64.51
C7 NAG Z . 22.61 -7.88 -59.64
C8 NAG Z . 21.63 -7.32 -58.66
N2 NAG Z . 22.09 -8.47 -60.72
O3 NAG Z . 23.32 -7.55 -63.13
O4 NAG Z . 23.45 -9.45 -65.26
O5 NAG Z . 23.23 -11.62 -62.31
O6 NAG Z . 25.27 -12.37 -63.92
O7 NAG Z . 23.82 -7.80 -59.46
C1 NAG AA . 17.70 -21.97 -64.09
C2 NAG AA . 19.21 -21.94 -64.30
C3 NAG AA . 19.67 -22.67 -65.55
C4 NAG AA . 19.01 -24.04 -65.63
C5 NAG AA . 17.50 -23.85 -65.58
C6 NAG AA . 16.77 -25.17 -65.77
C7 NAG AA . 20.04 -19.88 -63.28
C8 NAG AA . 21.26 -19.02 -63.44
N2 NAG AA . 19.67 -20.56 -64.36
O3 NAG AA . 21.10 -22.84 -65.51
O4 NAG AA . 19.38 -24.68 -66.87
O5 NAG AA . 17.15 -23.27 -64.33
O6 NAG AA . 15.38 -24.93 -65.92
O7 NAG AA . 19.43 -19.95 -62.23
#